data_1UVI
#
_entry.id   1UVI
#
_cell.length_a   105.130
_cell.length_b   93.711
_cell.length_c   140.741
_cell.angle_alpha   90.00
_cell.angle_beta   101.22
_cell.angle_gamma   90.00
#
_symmetry.space_group_name_H-M   'P 1 21 1'
#
loop_
_entity.id
_entity.type
_entity.pdbx_description
1 polymer 'RNA-directed RNA polymerase'
2 polymer "5'-R(*UP*UP*UP*UP*CP*CP)-3'"
3 non-polymer 'MANGANESE (II) ION'
4 water water
#
loop_
_entity_poly.entity_id
_entity_poly.type
_entity_poly.pdbx_seq_one_letter_code
_entity_poly.pdbx_strand_id
1 'polypeptide(L)'
;PRRAPAFPLSDIKAQMLFANNIKAQQASKRSFKEGAIETYEGLLSVDPRFLSFKNELSRYLTDHFPANVDEYGRVYGNGV
RTNFFGMRHMNGFPMIPATWPLASNLKKRADADLADGPVSERDNLLFRAAVRLMFSDLEPVPLKIRKGSSTCIPYFSNDM
GTKIEIAERALEKAEEAGNLMLQGKFDDAYQLHQMGGAYYVVYRAQSTDAITLDPKTGKFVSKDRMVADFEYAVTGGEQG
SLFAASKDASRLKEQYGIDVPDGFFCERRRTAMGGPFALNAPIMAVAQPVRNKIYSKYAYTFHHTTRLNKEEKVKEWSLC
VATDVSDHDTFWPGWLRDLICDELLNMGYAPWWVKLFETSLKLPVYVGAPAPEQGHTLLGDPSNPDLEVGLSSGQGATDL
MGTLLMSITYLVMQLDHTAPHLNSRIKDMPSACRFLDSYWQGHEEIRQISKSDDAMLGWTKGRALVGGHRLFEMLKEGKV
NPSPYMKISYEHGGAFLGDILLYDSRREPGSAIFVGNINSMLNNQFSPEYGVQSGVRDRSKRKRPFPGLAWASMKDTYGA
CPIYSDVLEAIERCWWNAFGESYRAYREDMLKRDTLELSRYVASMARQAGLAELTPIDLEVLADPNKLQYKWTEADVSAN
IHEVLMHGVSVEKTERFLRSVMPR
;
A,B,C
2 'polyribonucleotide' UUUUCC D,E,F
#
loop_
_chem_comp.id
_chem_comp.type
_chem_comp.name
_chem_comp.formula
C RNA linking CYTIDINE-5'-MONOPHOSPHATE 'C9 H14 N3 O8 P'
MN non-polymer 'MANGANESE (II) ION' 'Mn 2'
U RNA linking URIDINE-5'-MONOPHOSPHATE 'C9 H13 N2 O9 P'
#
# COMPACT_ATOMS: atom_id res chain seq x y z
N PRO A 1 -2.57 29.30 12.12
CA PRO A 1 -2.81 29.04 10.67
C PRO A 1 -4.27 28.90 10.25
N ARG A 2 -5.19 29.49 11.01
CA ARG A 2 -6.61 29.45 10.67
C ARG A 2 -7.22 28.05 10.60
N ARG A 3 -8.26 27.78 11.40
CA ARG A 3 -8.90 26.47 11.31
C ARG A 3 -9.71 26.52 10.03
N ALA A 4 -9.98 25.37 9.44
CA ALA A 4 -10.78 25.38 8.22
C ALA A 4 -12.24 25.50 8.63
N PRO A 5 -13.07 26.16 7.80
CA PRO A 5 -14.50 26.32 8.08
C PRO A 5 -15.13 24.91 7.94
N ALA A 6 -16.13 24.60 8.74
CA ALA A 6 -16.78 23.30 8.67
C ALA A 6 -18.28 23.53 8.78
N PHE A 7 -19.05 22.83 7.96
CA PHE A 7 -20.48 22.97 7.98
C PHE A 7 -21.18 21.63 8.09
N PRO A 8 -22.25 21.57 8.90
CA PRO A 8 -22.97 20.30 9.06
C PRO A 8 -23.80 20.07 7.81
N LEU A 9 -24.16 18.82 7.57
CA LEU A 9 -24.99 18.49 6.42
C LEU A 9 -26.21 19.42 6.32
N SER A 10 -26.80 19.77 7.46
CA SER A 10 -27.99 20.61 7.44
C SER A 10 -27.81 22.00 6.85
N ASP A 11 -26.57 22.50 6.84
CA ASP A 11 -26.25 23.85 6.33
C ASP A 11 -26.45 23.92 4.82
N ILE A 12 -26.91 25.06 4.35
CA ILE A 12 -27.13 25.24 2.92
C ILE A 12 -25.88 24.95 2.10
N LYS A 13 -24.69 25.24 2.63
CA LYS A 13 -23.48 24.97 1.85
C LYS A 13 -23.30 23.48 1.61
N ALA A 14 -23.67 22.64 2.56
CA ALA A 14 -23.55 21.18 2.34
C ALA A 14 -24.72 20.67 1.49
N GLN A 15 -25.92 21.15 1.76
CA GLN A 15 -27.12 20.74 1.02
C GLN A 15 -26.93 20.93 -0.47
N MET A 16 -26.37 22.07 -0.86
CA MET A 16 -26.10 22.38 -2.25
C MET A 16 -25.17 21.36 -2.91
N LEU A 17 -24.49 20.52 -2.13
CA LEU A 17 -23.59 19.52 -2.74
C LEU A 17 -24.35 18.29 -3.24
N PHE A 18 -25.61 18.18 -2.87
CA PHE A 18 -26.41 17.02 -3.26
C PHE A 18 -27.69 17.40 -3.99
N ALA A 19 -27.76 16.98 -5.24
CA ALA A 19 -28.92 17.26 -6.08
C ALA A 19 -30.18 16.61 -5.53
N ASN A 20 -31.32 17.10 -6.02
CA ASN A 20 -32.63 16.63 -5.58
C ASN A 20 -33.02 15.26 -6.17
N ASN A 21 -32.18 14.26 -5.95
CA ASN A 21 -32.50 12.90 -6.39
C ASN A 21 -32.12 11.97 -5.23
N ILE A 22 -32.79 10.84 -5.18
CA ILE A 22 -32.63 9.85 -4.11
C ILE A 22 -31.20 9.40 -3.86
N LYS A 23 -30.49 9.13 -4.94
CA LYS A 23 -29.11 8.71 -4.88
C LYS A 23 -28.24 9.75 -4.18
N ALA A 24 -28.32 11.00 -4.65
CA ALA A 24 -27.52 12.05 -4.06
C ALA A 24 -27.90 12.24 -2.59
N GLN A 25 -29.20 12.30 -2.30
CA GLN A 25 -29.64 12.52 -0.94
C GLN A 25 -29.16 11.37 -0.04
N GLN A 26 -29.24 10.14 -0.54
CA GLN A 26 -28.77 9.02 0.26
C GLN A 26 -27.25 9.05 0.45
N ALA A 27 -26.52 9.54 -0.54
CA ALA A 27 -25.06 9.60 -0.37
C ALA A 27 -24.72 10.63 0.70
N SER A 28 -25.51 11.69 0.77
CA SER A 28 -25.27 12.73 1.75
C SER A 28 -25.49 12.23 3.17
N LYS A 29 -26.50 11.38 3.35
CA LYS A 29 -26.88 10.89 4.67
C LYS A 29 -26.36 9.52 5.09
N ARG A 30 -25.79 8.77 4.17
CA ARG A 30 -25.36 7.42 4.51
C ARG A 30 -24.60 7.35 5.82
N SER A 31 -25.08 6.49 6.71
CA SER A 31 -24.44 6.32 8.00
C SER A 31 -23.39 5.21 7.92
N PHE A 32 -22.62 5.08 8.99
CA PHE A 32 -21.56 4.09 9.08
C PHE A 32 -22.16 2.73 8.75
N LYS A 33 -21.45 1.94 7.97
CA LYS A 33 -21.92 0.62 7.56
C LYS A 33 -20.80 -0.39 7.56
N GLU A 34 -21.08 -1.62 7.97
CA GLU A 34 -20.07 -2.68 7.97
C GLU A 34 -20.78 -4.03 7.85
N GLY A 35 -20.04 -5.07 7.45
CA GLY A 35 -20.63 -6.40 7.31
C GLY A 35 -19.67 -7.29 6.56
N ALA A 36 -19.83 -8.60 6.66
CA ALA A 36 -18.95 -9.52 5.95
C ALA A 36 -19.05 -9.30 4.45
N ILE A 37 -17.94 -9.40 3.73
CA ILE A 37 -18.05 -9.26 2.28
C ILE A 37 -18.29 -10.66 1.74
N GLU A 38 -18.93 -10.75 0.59
CA GLU A 38 -19.13 -12.05 -0.02
C GLU A 38 -17.84 -12.27 -0.80
N THR A 39 -16.83 -12.85 -0.14
CA THR A 39 -15.53 -13.10 -0.74
C THR A 39 -15.61 -13.74 -2.14
N TYR A 40 -16.41 -14.79 -2.28
CA TYR A 40 -16.68 -15.45 -3.57
C TYR A 40 -18.19 -15.76 -3.47
N GLU A 41 -18.82 -16.14 -4.58
CA GLU A 41 -20.25 -16.41 -4.54
C GLU A 41 -20.53 -17.45 -3.48
N GLY A 42 -21.44 -17.13 -2.58
CA GLY A 42 -21.77 -18.07 -1.52
C GLY A 42 -20.76 -18.28 -0.42
N LEU A 43 -19.73 -17.44 -0.33
CA LEU A 43 -18.74 -17.59 0.74
C LEU A 43 -18.47 -16.23 1.41
N LEU A 44 -18.86 -16.10 2.67
CA LEU A 44 -18.62 -14.87 3.43
C LEU A 44 -17.20 -14.89 4.00
N SER A 45 -16.64 -13.70 4.19
CA SER A 45 -15.29 -13.59 4.72
C SER A 45 -15.16 -14.03 6.16
N VAL A 46 -16.28 -14.13 6.87
CA VAL A 46 -16.22 -14.58 8.27
C VAL A 46 -16.76 -16.01 8.42
N ASP A 47 -16.91 -16.72 7.31
CA ASP A 47 -17.36 -18.10 7.36
C ASP A 47 -16.34 -18.86 8.24
N PRO A 48 -16.81 -19.58 9.28
CA PRO A 48 -15.94 -20.34 10.18
C PRO A 48 -14.93 -21.22 9.46
N ARG A 49 -15.35 -21.91 8.40
CA ARG A 49 -14.37 -22.74 7.70
C ARG A 49 -13.26 -21.91 7.06
N PHE A 50 -13.63 -20.73 6.54
CA PHE A 50 -12.69 -19.84 5.86
C PHE A 50 -11.69 -19.24 6.83
N LEU A 51 -12.16 -18.79 7.99
CA LEU A 51 -11.26 -18.22 8.98
C LEU A 51 -10.32 -19.32 9.53
N SER A 52 -10.83 -20.55 9.62
CA SER A 52 -10.04 -21.68 10.11
C SER A 52 -8.95 -21.92 9.08
N PHE A 53 -9.33 -21.85 7.81
CA PHE A 53 -8.39 -22.01 6.71
C PHE A 53 -7.30 -20.94 6.83
N LYS A 54 -7.70 -19.67 6.96
CA LYS A 54 -6.74 -18.57 7.07
C LYS A 54 -5.80 -18.72 8.28
N ASN A 55 -6.35 -19.20 9.38
CA ASN A 55 -5.54 -19.38 10.57
C ASN A 55 -4.43 -20.36 10.30
N GLU A 56 -4.84 -21.54 9.82
CA GLU A 56 -3.87 -22.59 9.53
C GLU A 56 -2.86 -22.22 8.45
N LEU A 57 -3.34 -21.67 7.34
CA LEU A 57 -2.45 -21.31 6.24
C LEU A 57 -1.44 -20.25 6.62
N SER A 58 -1.89 -19.23 7.35
CA SER A 58 -1.01 -18.14 7.73
C SER A 58 0.10 -18.60 8.69
N ARG A 59 -0.24 -19.43 9.67
CA ARG A 59 0.78 -19.89 10.61
C ARG A 59 1.77 -20.81 9.90
N TYR A 60 1.25 -21.74 9.11
CA TYR A 60 2.09 -22.68 8.41
C TYR A 60 3.09 -22.01 7.45
N LEU A 61 2.61 -21.07 6.64
CA LEU A 61 3.52 -20.40 5.70
C LEU A 61 4.53 -19.54 6.43
N THR A 62 4.11 -18.87 7.49
CA THR A 62 5.04 -18.02 8.21
C THR A 62 6.14 -18.88 8.84
N ASP A 63 5.73 -19.97 9.47
CA ASP A 63 6.67 -20.84 10.11
C ASP A 63 7.63 -21.51 9.12
N HIS A 64 7.12 -21.98 7.99
CA HIS A 64 7.98 -22.64 7.04
C HIS A 64 8.70 -21.73 6.06
N PHE A 65 8.21 -20.51 5.85
CA PHE A 65 8.89 -19.62 4.90
C PHE A 65 9.13 -18.25 5.47
N PRO A 66 10.08 -18.15 6.44
CA PRO A 66 10.43 -16.89 7.09
C PRO A 66 10.99 -15.94 6.04
N ALA A 67 10.85 -14.64 6.28
CA ALA A 67 11.33 -13.65 5.32
C ALA A 67 12.83 -13.75 5.04
N ASN A 68 13.21 -13.44 3.81
CA ASN A 68 14.61 -13.45 3.40
C ASN A 68 14.95 -12.05 2.89
N VAL A 69 15.24 -11.14 3.80
CA VAL A 69 15.57 -9.76 3.42
C VAL A 69 16.87 -9.36 4.12
N ASP A 70 17.87 -8.90 3.38
CA ASP A 70 19.09 -8.55 4.10
C ASP A 70 19.08 -7.19 4.79
N GLU A 71 20.19 -6.85 5.45
CA GLU A 71 20.31 -5.58 6.17
C GLU A 71 20.08 -4.35 5.30
N TYR A 72 20.17 -4.52 3.99
CA TYR A 72 19.94 -3.40 3.06
C TYR A 72 18.55 -3.50 2.42
N GLY A 73 17.70 -4.33 3.01
CA GLY A 73 16.35 -4.47 2.47
C GLY A 73 16.24 -5.17 1.12
N ARG A 74 17.25 -5.93 0.71
CA ARG A 74 17.10 -6.63 -0.55
C ARG A 74 16.61 -8.03 -0.21
N VAL A 75 15.60 -8.51 -0.93
CA VAL A 75 15.13 -9.85 -0.67
C VAL A 75 15.94 -10.82 -1.54
N TYR A 76 16.16 -12.01 -1.00
CA TYR A 76 16.89 -13.05 -1.69
C TYR A 76 16.18 -14.33 -1.30
N GLY A 77 16.79 -15.46 -1.65
CA GLY A 77 16.23 -16.75 -1.29
C GLY A 77 14.80 -17.09 -1.65
N ASN A 78 13.98 -17.34 -0.64
CA ASN A 78 12.59 -17.72 -0.86
C ASN A 78 11.72 -16.61 -1.46
N GLY A 79 12.25 -15.39 -1.55
CA GLY A 79 11.49 -14.28 -2.12
C GLY A 79 10.38 -13.76 -1.23
N VAL A 80 10.42 -14.13 0.04
CA VAL A 80 9.42 -13.70 0.98
C VAL A 80 9.97 -12.50 1.75
N ARG A 81 9.15 -11.46 1.92
CA ARG A 81 9.67 -10.30 2.62
C ARG A 81 9.02 -10.03 3.96
N THR A 82 8.07 -10.89 4.34
CA THR A 82 7.41 -10.74 5.63
C THR A 82 6.58 -11.95 5.98
N ASN A 83 6.02 -11.95 7.19
CA ASN A 83 5.20 -13.04 7.64
C ASN A 83 3.91 -13.01 6.79
N PHE A 84 3.07 -14.03 6.93
CA PHE A 84 1.83 -14.12 6.15
C PHE A 84 0.57 -13.85 6.96
N PHE A 85 0.74 -13.22 8.12
CA PHE A 85 -0.39 -12.96 9.01
C PHE A 85 -1.32 -11.84 8.52
N GLY A 86 -0.91 -11.15 7.46
CA GLY A 86 -1.71 -10.06 6.95
C GLY A 86 -3.11 -10.48 6.52
N MET A 87 -3.32 -11.77 6.29
CA MET A 87 -4.61 -12.26 5.84
C MET A 87 -5.59 -12.46 6.98
N ARG A 88 -5.12 -12.20 8.20
CA ARG A 88 -5.96 -12.36 9.38
C ARG A 88 -6.92 -11.21 9.71
N HIS A 89 -7.74 -10.80 8.75
CA HIS A 89 -8.71 -9.74 9.03
C HIS A 89 -10.12 -10.17 8.68
N MET A 90 -11.08 -9.67 9.43
CA MET A 90 -12.50 -9.94 9.20
C MET A 90 -12.90 -8.95 8.10
N ASN A 91 -12.62 -9.30 6.85
CA ASN A 91 -12.92 -8.43 5.71
C ASN A 91 -14.34 -7.91 5.67
N GLY A 92 -14.47 -6.59 5.59
CA GLY A 92 -15.80 -5.99 5.57
C GLY A 92 -16.08 -5.25 6.88
N PHE A 93 -15.26 -5.51 7.91
CA PHE A 93 -15.43 -4.84 9.18
C PHE A 93 -14.21 -3.97 9.41
N PRO A 94 -14.39 -2.63 9.40
CA PRO A 94 -13.31 -1.67 9.59
C PRO A 94 -12.85 -1.32 11.00
N MET A 95 -11.67 -0.74 11.06
CA MET A 95 -11.12 -0.25 12.31
C MET A 95 -12.00 0.95 12.66
N ILE A 96 -12.19 1.24 13.94
CA ILE A 96 -12.99 2.37 14.34
C ILE A 96 -12.19 3.34 15.21
N PRO A 97 -12.17 4.64 14.85
CA PRO A 97 -12.82 5.29 13.71
C PRO A 97 -11.83 5.40 12.56
N ALA A 98 -12.29 5.78 11.37
CA ALA A 98 -11.37 5.99 10.26
C ALA A 98 -10.93 7.42 10.52
N THR A 99 -9.98 7.91 9.75
CA THR A 99 -9.50 9.26 9.99
C THR A 99 -10.31 10.34 9.32
N TRP A 100 -10.25 11.54 9.90
CA TRP A 100 -10.89 12.69 9.31
C TRP A 100 -9.74 13.20 8.46
N PRO A 101 -10.02 13.61 7.22
CA PRO A 101 -8.92 14.10 6.39
C PRO A 101 -8.41 15.47 6.83
N LEU A 102 -7.09 15.64 6.83
CA LEU A 102 -6.49 16.91 7.23
C LEU A 102 -6.88 18.03 6.26
N ALA A 103 -7.44 19.12 6.76
CA ALA A 103 -7.84 20.22 5.87
C ALA A 103 -6.62 20.99 5.37
N SER A 104 -5.52 20.94 6.11
CA SER A 104 -4.31 21.63 5.71
C SER A 104 -3.10 20.81 6.13
N ASN A 105 -2.19 20.56 5.19
CA ASN A 105 -1.01 19.79 5.51
C ASN A 105 0.23 20.67 5.65
N LEU A 106 0.06 21.99 5.71
CA LEU A 106 1.23 22.88 5.81
C LEU A 106 2.04 22.59 7.07
N LYS A 107 1.35 22.53 8.21
CA LYS A 107 2.03 22.26 9.46
C LYS A 107 2.61 20.86 9.48
N LYS A 108 1.91 19.93 8.84
CA LYS A 108 2.39 18.55 8.80
C LYS A 108 3.74 18.51 8.09
N ARG A 109 3.82 19.21 6.96
CA ARG A 109 5.06 19.28 6.19
C ARG A 109 6.16 20.02 6.96
N ALA A 110 5.82 21.15 7.55
CA ALA A 110 6.83 21.93 8.28
C ALA A 110 7.39 21.11 9.45
N ASP A 111 6.51 20.46 10.19
CA ASP A 111 6.94 19.68 11.33
C ASP A 111 7.78 18.49 10.92
N ALA A 112 7.61 18.05 9.67
CA ALA A 112 8.39 16.90 9.19
C ALA A 112 9.68 17.42 8.53
N ASP A 113 9.90 18.73 8.63
CA ASP A 113 11.10 19.33 8.07
C ASP A 113 11.16 19.24 6.55
N LEU A 114 10.01 19.38 5.90
CA LEU A 114 9.94 19.32 4.44
C LEU A 114 9.85 20.75 3.95
N ALA A 115 10.40 21.04 2.77
CA ALA A 115 10.39 22.42 2.26
C ALA A 115 9.05 22.95 1.78
N ASP A 116 8.87 24.26 1.88
CA ASP A 116 7.63 24.89 1.46
C ASP A 116 7.77 25.51 0.06
N GLY A 117 8.73 25.01 -0.72
CA GLY A 117 8.96 25.47 -2.07
C GLY A 117 10.25 24.86 -2.61
N PRO A 118 10.58 25.03 -3.90
CA PRO A 118 11.82 24.47 -4.45
C PRO A 118 12.90 25.11 -3.61
N VAL A 119 13.87 24.35 -3.09
CA VAL A 119 14.85 24.99 -2.25
C VAL A 119 15.94 25.75 -2.98
N SER A 120 16.18 25.38 -4.25
CA SER A 120 17.20 26.06 -5.06
C SER A 120 16.64 26.34 -6.45
N GLU A 121 17.32 27.20 -7.18
CA GLU A 121 16.86 27.55 -8.50
C GLU A 121 16.93 26.33 -9.45
N ARG A 122 17.89 25.46 -9.19
CA ARG A 122 18.06 24.26 -9.99
C ARG A 122 16.80 23.41 -9.87
N ASP A 123 16.38 23.17 -8.63
CA ASP A 123 15.17 22.38 -8.37
C ASP A 123 13.96 23.06 -9.02
N ASN A 124 13.89 24.38 -8.91
CA ASN A 124 12.79 25.10 -9.53
C ASN A 124 12.78 24.85 -11.05
N LEU A 125 13.96 24.84 -11.68
CA LEU A 125 14.02 24.61 -13.12
C LEU A 125 13.61 23.18 -13.51
N LEU A 126 13.97 22.21 -12.69
CA LEU A 126 13.68 20.82 -12.98
C LEU A 126 12.15 20.55 -12.83
N PHE A 127 11.55 21.01 -11.72
CA PHE A 127 10.10 20.84 -11.55
C PHE A 127 9.39 21.46 -12.77
N ARG A 128 9.74 22.70 -13.11
CA ARG A 128 9.12 23.35 -14.27
C ARG A 128 9.46 22.65 -15.59
N ALA A 129 10.67 22.05 -15.69
CA ALA A 129 11.04 21.37 -16.93
C ALA A 129 10.10 20.15 -17.08
N ALA A 130 9.81 19.52 -15.95
CA ALA A 130 8.92 18.37 -15.94
C ALA A 130 7.57 18.80 -16.52
N VAL A 131 7.08 19.96 -16.11
CA VAL A 131 5.82 20.43 -16.65
C VAL A 131 5.91 20.62 -18.17
N ARG A 132 7.03 21.15 -18.63
CA ARG A 132 7.18 21.38 -20.05
C ARG A 132 7.30 20.09 -20.86
N LEU A 133 8.03 19.11 -20.34
CA LEU A 133 8.15 17.87 -21.08
C LEU A 133 6.85 17.07 -21.06
N MET A 134 6.13 17.11 -19.92
CA MET A 134 4.88 16.38 -19.80
C MET A 134 3.65 16.93 -20.53
N PHE A 135 3.48 18.25 -20.53
CA PHE A 135 2.31 18.86 -21.14
C PHE A 135 2.44 19.49 -22.51
N SER A 136 3.52 19.18 -23.21
CA SER A 136 3.73 19.75 -24.54
C SER A 136 3.50 18.71 -25.64
N ASP A 137 3.05 19.20 -26.79
CA ASP A 137 2.82 18.36 -27.96
C ASP A 137 1.98 17.13 -27.62
N LEU A 138 0.81 17.37 -27.07
CA LEU A 138 -0.09 16.30 -26.68
C LEU A 138 -1.06 15.97 -27.81
N GLU A 139 -1.38 14.69 -27.96
CA GLU A 139 -2.31 14.25 -29.00
C GLU A 139 -3.66 13.97 -28.35
N PRO A 140 -4.73 14.53 -28.88
CA PRO A 140 -6.06 14.28 -28.30
C PRO A 140 -6.47 12.84 -28.48
N VAL A 141 -7.31 12.38 -27.56
CA VAL A 141 -7.85 11.02 -27.59
C VAL A 141 -9.22 11.11 -26.92
N PRO A 142 -10.08 10.13 -27.15
CA PRO A 142 -11.36 10.30 -26.47
C PRO A 142 -11.27 10.10 -24.94
N LEU A 143 -12.14 10.81 -24.23
CA LEU A 143 -12.21 10.74 -22.79
C LEU A 143 -12.90 9.41 -22.46
N LYS A 144 -12.20 8.55 -21.73
CA LYS A 144 -12.75 7.25 -21.36
C LYS A 144 -13.31 7.33 -19.94
N ILE A 145 -14.43 6.63 -19.74
CA ILE A 145 -15.13 6.62 -18.47
C ILE A 145 -15.36 5.18 -18.00
N ARG A 146 -15.00 4.90 -16.75
CA ARG A 146 -15.18 3.60 -16.11
C ARG A 146 -16.68 3.29 -15.99
N LYS A 147 -17.13 2.15 -16.49
CA LYS A 147 -18.55 1.83 -16.39
C LYS A 147 -18.94 1.62 -14.93
N GLY A 148 -20.11 2.12 -14.54
CA GLY A 148 -20.56 1.92 -13.18
C GLY A 148 -20.01 2.88 -12.15
N SER A 149 -19.05 3.72 -12.53
CA SER A 149 -18.49 4.68 -11.59
C SER A 149 -19.50 5.79 -11.35
N SER A 150 -19.46 6.38 -10.14
CA SER A 150 -20.36 7.46 -9.78
C SER A 150 -19.81 8.83 -10.18
N THR A 151 -20.69 9.74 -10.56
CA THR A 151 -20.27 11.08 -10.92
C THR A 151 -20.10 11.89 -9.63
N CYS A 152 -20.45 11.27 -8.51
CA CYS A 152 -20.36 11.96 -7.21
C CYS A 152 -21.05 13.37 -7.21
N ILE A 153 -20.47 14.35 -6.53
CA ILE A 153 -21.15 15.65 -6.41
C ILE A 153 -21.40 16.39 -7.72
N PRO A 154 -22.65 16.85 -7.92
CA PRO A 154 -23.82 16.72 -7.04
C PRO A 154 -24.86 15.62 -7.39
N TYR A 155 -24.72 14.98 -8.56
CA TYR A 155 -25.72 13.99 -9.02
C TYR A 155 -25.63 12.54 -8.56
N PHE A 156 -24.41 12.06 -8.32
CA PHE A 156 -24.20 10.70 -7.89
C PHE A 156 -24.87 9.71 -8.84
N SER A 157 -24.75 9.99 -10.14
CA SER A 157 -25.32 9.11 -11.13
C SER A 157 -24.32 8.03 -11.49
N ASN A 158 -24.81 6.84 -11.80
CA ASN A 158 -23.93 5.73 -12.20
C ASN A 158 -24.32 5.32 -13.60
N ASP A 159 -25.22 6.05 -14.20
CA ASP A 159 -25.71 5.73 -15.53
C ASP A 159 -24.77 6.24 -16.61
N MET A 160 -24.23 5.32 -17.40
CA MET A 160 -23.30 5.69 -18.46
C MET A 160 -23.83 6.75 -19.43
N GLY A 161 -25.11 6.71 -19.78
CA GLY A 161 -25.64 7.72 -20.69
C GLY A 161 -25.58 9.09 -20.02
N THR A 162 -25.92 9.12 -18.74
CA THR A 162 -25.90 10.35 -17.96
C THR A 162 -24.46 10.85 -17.82
N LYS A 163 -23.53 9.94 -17.58
CA LYS A 163 -22.15 10.33 -17.42
C LYS A 163 -21.53 10.92 -18.69
N ILE A 164 -21.92 10.36 -19.83
CA ILE A 164 -21.44 10.84 -21.11
C ILE A 164 -21.96 12.25 -21.35
N GLU A 165 -23.25 12.49 -21.05
CA GLU A 165 -23.85 13.82 -21.23
C GLU A 165 -23.15 14.80 -20.31
N ILE A 166 -22.96 14.41 -19.05
CA ILE A 166 -22.28 15.28 -18.09
C ILE A 166 -20.90 15.63 -18.62
N ALA A 167 -20.16 14.62 -19.09
CA ALA A 167 -18.81 14.86 -19.60
C ALA A 167 -18.78 15.75 -20.85
N GLU A 168 -19.67 15.51 -21.79
CA GLU A 168 -19.70 16.33 -23.00
C GLU A 168 -20.12 17.76 -22.67
N ARG A 169 -21.12 17.92 -21.81
CA ARG A 169 -21.59 19.23 -21.40
C ARG A 169 -20.43 19.98 -20.71
N ALA A 170 -19.69 19.25 -19.88
CA ALA A 170 -18.58 19.83 -19.15
C ALA A 170 -17.45 20.30 -20.10
N LEU A 171 -17.11 19.51 -21.12
CA LEU A 171 -16.07 19.94 -22.05
C LEU A 171 -16.54 21.16 -22.83
N GLU A 172 -17.83 21.32 -22.95
CA GLU A 172 -18.40 22.42 -23.68
C GLU A 172 -18.47 23.70 -22.85
N LYS A 173 -18.71 23.56 -21.55
CA LYS A 173 -18.84 24.72 -20.69
C LYS A 173 -17.66 24.99 -19.78
N ALA A 174 -16.59 24.20 -19.91
CA ALA A 174 -15.41 24.34 -19.08
C ALA A 174 -14.80 25.75 -19.13
N GLU A 175 -14.68 26.28 -20.34
CA GLU A 175 -14.09 27.59 -20.53
C GLU A 175 -14.88 28.65 -19.77
N GLU A 176 -16.20 28.59 -19.92
CA GLU A 176 -17.06 29.54 -19.24
C GLU A 176 -16.95 29.41 -17.72
N ALA A 177 -16.86 28.18 -17.24
CA ALA A 177 -16.74 27.95 -15.80
C ALA A 177 -15.41 28.42 -15.27
N GLY A 178 -14.34 28.14 -16.00
CA GLY A 178 -13.02 28.54 -15.59
C GLY A 178 -12.90 30.04 -15.49
N ASN A 179 -13.43 30.73 -16.50
CA ASN A 179 -13.38 32.18 -16.47
C ASN A 179 -14.17 32.73 -15.30
N LEU A 180 -15.28 32.07 -14.96
CA LEU A 180 -16.07 32.53 -13.83
C LEU A 180 -15.22 32.40 -12.58
N MET A 181 -14.44 31.33 -12.53
CA MET A 181 -13.58 31.07 -11.38
C MET A 181 -12.45 32.11 -11.32
N LEU A 182 -11.96 32.50 -12.49
CA LEU A 182 -10.91 33.51 -12.58
C LEU A 182 -11.45 34.82 -11.98
N GLN A 183 -12.77 34.99 -12.04
CA GLN A 183 -13.40 36.20 -11.50
C GLN A 183 -13.81 36.05 -10.05
N GLY A 184 -13.41 34.92 -9.44
CA GLY A 184 -13.77 34.70 -8.06
C GLY A 184 -15.22 34.24 -7.90
N LYS A 185 -15.89 33.95 -9.00
CA LYS A 185 -17.28 33.50 -8.91
C LYS A 185 -17.41 31.97 -8.89
N PHE A 186 -16.94 31.35 -7.81
CA PHE A 186 -16.99 29.90 -7.65
C PHE A 186 -18.41 29.37 -7.51
N ASP A 187 -19.23 30.03 -6.71
CA ASP A 187 -20.61 29.60 -6.57
C ASP A 187 -21.32 29.62 -7.91
N ASP A 188 -21.00 30.62 -8.74
CA ASP A 188 -21.64 30.70 -10.04
C ASP A 188 -21.20 29.50 -10.90
N ALA A 189 -19.89 29.29 -10.98
CA ALA A 189 -19.35 28.18 -11.74
C ALA A 189 -20.02 26.85 -11.32
N TYR A 190 -20.15 26.65 -10.01
CA TYR A 190 -20.75 25.43 -9.48
C TYR A 190 -22.25 25.29 -9.79
N GLN A 191 -23.01 26.35 -9.52
CA GLN A 191 -24.44 26.34 -9.77
C GLN A 191 -24.80 26.19 -11.26
N LEU A 192 -24.03 26.82 -12.14
CA LEU A 192 -24.28 26.70 -13.56
C LEU A 192 -23.73 25.43 -14.22
N HIS A 193 -22.53 25.02 -13.84
CA HIS A 193 -21.90 23.88 -14.51
C HIS A 193 -21.47 22.71 -13.65
N GLN A 194 -21.76 22.82 -12.36
CA GLN A 194 -21.41 21.79 -11.40
C GLN A 194 -19.91 21.57 -11.30
N MET A 195 -19.14 22.62 -11.57
CA MET A 195 -17.68 22.53 -11.48
C MET A 195 -17.33 23.23 -10.16
N GLY A 196 -16.97 22.43 -9.17
CA GLY A 196 -16.66 22.97 -7.86
C GLY A 196 -17.34 22.14 -6.78
N GLY A 197 -17.78 22.78 -5.70
CA GLY A 197 -18.45 22.04 -4.63
C GLY A 197 -17.44 21.37 -3.72
N ALA A 198 -17.32 20.04 -3.80
CA ALA A 198 -16.39 19.32 -2.94
C ALA A 198 -16.13 17.92 -3.43
N TYR A 199 -15.15 17.28 -2.80
CA TYR A 199 -14.81 15.89 -3.07
C TYR A 199 -15.70 15.16 -2.08
N TYR A 200 -16.16 13.97 -2.45
CA TYR A 200 -17.02 13.18 -1.57
C TYR A 200 -16.10 12.13 -0.95
N VAL A 201 -15.90 12.18 0.36
CA VAL A 201 -14.99 11.23 1.00
C VAL A 201 -15.57 9.85 1.20
N VAL A 202 -14.95 8.84 0.59
CA VAL A 202 -15.40 7.45 0.75
C VAL A 202 -14.27 6.67 1.45
N TYR A 203 -14.61 5.86 2.44
CA TYR A 203 -13.60 5.10 3.13
C TYR A 203 -13.44 3.70 2.54
N ARG A 204 -12.24 3.38 2.09
CA ARG A 204 -11.99 2.07 1.50
C ARG A 204 -11.13 1.17 2.36
N ALA A 205 -11.29 -0.13 2.14
CA ALA A 205 -10.55 -1.14 2.89
C ALA A 205 -9.19 -1.44 2.26
N GLN A 206 -8.21 -1.57 3.15
CA GLN A 206 -6.86 -1.97 2.78
C GLN A 206 -7.01 -3.30 3.52
N SER A 207 -7.50 -4.30 2.79
CA SER A 207 -7.84 -5.62 3.34
C SER A 207 -6.80 -6.39 4.13
N THR A 208 -5.53 -6.10 3.87
CA THR A 208 -4.48 -6.76 4.59
C THR A 208 -3.57 -5.66 5.13
N ASP A 209 -3.13 -5.82 6.36
CA ASP A 209 -2.23 -4.85 6.99
C ASP A 209 -1.41 -5.71 7.94
N ALA A 210 -0.23 -5.21 8.32
CA ALA A 210 0.66 -5.95 9.19
C ALA A 210 0.10 -6.42 10.51
N ILE A 211 0.49 -7.65 10.86
CA ILE A 211 0.13 -8.31 12.09
C ILE A 211 1.35 -9.16 12.45
N THR A 212 1.75 -9.15 13.72
CA THR A 212 2.89 -9.95 14.13
C THR A 212 2.43 -10.88 15.24
N LEU A 213 3.21 -11.93 15.46
CA LEU A 213 2.91 -12.87 16.53
C LEU A 213 4.00 -12.71 17.60
N ASP A 214 3.60 -12.26 18.79
CA ASP A 214 4.54 -12.06 19.91
C ASP A 214 5.03 -13.41 20.45
N PRO A 215 6.30 -13.75 20.18
CA PRO A 215 6.82 -15.02 20.68
C PRO A 215 6.61 -15.22 22.17
N LYS A 216 6.75 -14.14 22.93
CA LYS A 216 6.59 -14.20 24.37
C LYS A 216 5.17 -14.66 24.78
N THR A 217 4.17 -13.84 24.44
CA THR A 217 2.78 -14.10 24.77
C THR A 217 2.05 -15.09 23.87
N GLY A 218 2.52 -15.24 22.64
CA GLY A 218 1.83 -16.14 21.73
C GLY A 218 0.55 -15.47 21.23
N LYS A 219 0.43 -14.17 21.49
CA LYS A 219 -0.73 -13.41 21.05
C LYS A 219 -0.34 -12.67 19.78
N PHE A 220 -1.33 -12.38 18.93
CA PHE A 220 -1.08 -11.62 17.70
C PHE A 220 -1.27 -10.14 17.99
N VAL A 221 -0.50 -9.29 17.31
CA VAL A 221 -0.60 -7.84 17.49
C VAL A 221 -0.82 -7.16 16.14
N SER A 222 -1.87 -6.36 16.01
CA SER A 222 -2.12 -5.66 14.75
C SER A 222 -1.39 -4.31 14.72
N LYS A 223 -0.92 -3.88 13.55
CA LYS A 223 -0.21 -2.61 13.46
C LYS A 223 -1.15 -1.47 13.77
N ASP A 224 -0.71 -0.57 14.65
CA ASP A 224 -1.54 0.55 15.00
C ASP A 224 -1.56 1.51 13.84
N ARG A 225 -2.75 2.02 13.52
CA ARG A 225 -2.89 2.97 12.43
C ARG A 225 -3.44 4.22 13.11
N MET A 226 -2.67 5.30 13.03
CA MET A 226 -3.06 6.57 13.65
C MET A 226 -4.13 7.29 12.85
N VAL A 227 -5.15 7.82 13.53
CA VAL A 227 -6.19 8.56 12.86
C VAL A 227 -6.39 9.90 13.55
N ALA A 228 -6.80 10.89 12.78
CA ALA A 228 -7.04 12.23 13.31
C ALA A 228 -8.52 12.45 13.60
N ASP A 229 -8.86 13.13 14.69
CA ASP A 229 -10.27 13.37 14.94
C ASP A 229 -10.57 14.67 14.22
N PHE A 230 -11.81 15.12 14.32
CA PHE A 230 -12.24 16.34 13.64
C PHE A 230 -11.44 17.59 13.99
N GLU A 231 -11.20 17.80 15.28
CA GLU A 231 -10.43 18.97 15.69
C GLU A 231 -9.06 18.99 15.02
N TYR A 232 -8.36 17.86 15.12
CA TYR A 232 -7.03 17.75 14.51
C TYR A 232 -7.11 18.09 13.01
N ALA A 233 -8.07 17.48 12.32
CA ALA A 233 -8.23 17.68 10.88
C ALA A 233 -8.50 19.12 10.45
N VAL A 234 -9.39 19.82 11.14
CA VAL A 234 -9.67 21.18 10.73
C VAL A 234 -8.67 22.23 11.21
N THR A 235 -7.79 21.84 12.14
CA THR A 235 -6.76 22.79 12.62
C THR A 235 -5.40 22.39 12.10
N GLY A 236 -5.39 21.44 11.15
CA GLY A 236 -4.14 20.99 10.57
C GLY A 236 -3.20 20.37 11.56
N GLY A 237 -3.74 19.88 12.67
CA GLY A 237 -2.92 19.24 13.70
C GLY A 237 -2.57 20.13 14.87
N GLU A 238 -2.93 21.41 14.81
CA GLU A 238 -2.62 22.31 15.92
C GLU A 238 -3.38 21.98 17.19
N GLN A 239 -4.59 21.44 17.04
CA GLN A 239 -5.40 21.03 18.18
C GLN A 239 -5.98 19.65 17.89
N GLY A 240 -6.76 19.10 18.82
CA GLY A 240 -7.34 17.79 18.60
C GLY A 240 -6.36 16.65 18.85
N SER A 241 -6.74 15.43 18.47
CA SER A 241 -5.87 14.29 18.70
C SER A 241 -5.58 13.44 17.48
N LEU A 242 -4.39 12.84 17.53
CA LEU A 242 -3.91 11.90 16.52
C LEU A 242 -3.77 10.66 17.39
N PHE A 243 -4.58 9.65 17.14
CA PHE A 243 -4.52 8.42 17.95
C PHE A 243 -4.71 7.15 17.14
N ALA A 244 -4.43 6.00 17.77
CA ALA A 244 -4.53 4.71 17.10
C ALA A 244 -5.96 4.25 16.99
N ALA A 245 -6.40 3.93 15.77
CA ALA A 245 -7.76 3.43 15.58
C ALA A 245 -7.81 2.05 16.23
N SER A 246 -8.99 1.59 16.60
CA SER A 246 -9.08 0.27 17.22
C SER A 246 -9.40 -0.82 16.17
N LYS A 247 -8.50 -1.78 16.05
CA LYS A 247 -8.69 -2.87 15.10
C LYS A 247 -9.24 -4.11 15.81
N ASP A 248 -9.55 -3.98 17.11
CA ASP A 248 -10.07 -5.09 17.92
C ASP A 248 -11.41 -5.58 17.37
N ALA A 249 -11.48 -6.87 17.07
CA ALA A 249 -12.68 -7.47 16.47
C ALA A 249 -13.62 -8.20 17.42
N SER A 250 -13.22 -8.28 18.69
CA SER A 250 -14.03 -8.94 19.71
C SER A 250 -15.45 -8.45 19.62
N ARG A 251 -15.62 -7.15 19.41
CA ARG A 251 -16.95 -6.54 19.32
C ARG A 251 -17.91 -7.26 18.36
N LEU A 252 -17.38 -7.87 17.32
CA LEU A 252 -18.25 -8.53 16.35
C LEU A 252 -19.11 -9.64 16.96
N LYS A 253 -18.57 -10.34 17.96
CA LYS A 253 -19.33 -11.42 18.60
C LYS A 253 -20.51 -10.79 19.33
N GLU A 254 -20.21 -9.85 20.21
CA GLU A 254 -21.24 -9.18 20.97
C GLU A 254 -22.24 -8.45 20.07
N GLN A 255 -21.74 -7.78 19.03
CA GLN A 255 -22.61 -7.01 18.13
C GLN A 255 -23.42 -7.78 17.10
N TYR A 256 -22.78 -8.74 16.44
CA TYR A 256 -23.46 -9.48 15.39
C TYR A 256 -23.53 -10.98 15.57
N GLY A 257 -23.06 -11.48 16.70
CA GLY A 257 -23.08 -12.92 16.90
C GLY A 257 -22.13 -13.62 15.95
N ILE A 258 -21.02 -12.98 15.61
CA ILE A 258 -20.02 -13.60 14.75
C ILE A 258 -18.92 -14.13 15.61
N ASP A 259 -18.51 -15.38 15.40
CA ASP A 259 -17.40 -15.94 16.18
C ASP A 259 -16.09 -15.34 15.69
N VAL A 260 -15.28 -14.83 16.61
CA VAL A 260 -14.01 -14.24 16.21
C VAL A 260 -12.85 -15.07 16.71
N PRO A 261 -12.08 -15.71 15.80
CA PRO A 261 -10.94 -16.51 16.23
C PRO A 261 -9.88 -15.60 16.78
N ASP A 262 -9.00 -16.18 17.61
CA ASP A 262 -7.91 -15.42 18.19
C ASP A 262 -7.03 -14.91 17.05
N GLY A 263 -6.52 -13.70 17.19
CA GLY A 263 -5.62 -13.18 16.17
C GLY A 263 -6.23 -12.76 14.86
N PHE A 264 -7.51 -12.38 14.85
CA PHE A 264 -8.20 -11.87 13.65
C PHE A 264 -8.67 -10.44 13.99
N PHE A 265 -8.40 -9.49 13.11
CA PHE A 265 -8.73 -8.09 13.38
C PHE A 265 -9.60 -7.39 12.36
N CYS A 266 -10.03 -6.19 12.72
CA CYS A 266 -10.83 -5.38 11.82
C CYS A 266 -9.85 -4.79 10.83
N GLU A 267 -10.33 -4.44 9.64
CA GLU A 267 -9.48 -3.89 8.59
C GLU A 267 -9.08 -2.44 8.69
N ARG A 268 -7.92 -2.16 8.15
CA ARG A 268 -7.40 -0.82 8.06
C ARG A 268 -8.24 -0.11 7.00
N ARG A 269 -8.72 1.08 7.31
CA ARG A 269 -9.50 1.82 6.33
C ARG A 269 -8.75 3.06 5.92
N ARG A 270 -8.82 3.38 4.64
CA ARG A 270 -8.16 4.54 4.12
C ARG A 270 -9.17 5.47 3.47
N THR A 271 -8.87 6.75 3.47
CA THR A 271 -9.76 7.73 2.87
C THR A 271 -9.53 7.73 1.38
N ALA A 272 -10.60 7.89 0.63
CA ALA A 272 -10.51 7.97 -0.82
C ALA A 272 -11.46 9.13 -1.10
N MET A 273 -11.30 9.76 -2.25
CA MET A 273 -12.16 10.89 -2.58
C MET A 273 -12.76 10.81 -3.97
N GLY A 274 -14.07 11.02 -4.04
CA GLY A 274 -14.74 11.00 -5.33
C GLY A 274 -14.86 12.43 -5.78
N GLY A 275 -14.33 12.71 -6.96
CA GLY A 275 -14.39 14.07 -7.46
C GLY A 275 -15.69 14.45 -8.13
N PRO A 276 -15.99 15.74 -8.16
CA PRO A 276 -17.21 16.21 -8.81
C PRO A 276 -16.93 16.00 -10.29
N PHE A 277 -17.61 15.04 -10.91
CA PHE A 277 -17.34 14.70 -12.30
C PHE A 277 -17.30 15.81 -13.33
N ALA A 278 -18.18 16.81 -13.24
CA ALA A 278 -18.16 17.89 -14.22
C ALA A 278 -16.79 18.63 -14.17
N LEU A 279 -16.20 18.70 -13.00
CA LEU A 279 -14.91 19.38 -12.85
C LEU A 279 -13.77 18.47 -13.31
N ASN A 280 -13.87 17.19 -13.00
CA ASN A 280 -12.83 16.22 -13.39
C ASN A 280 -12.76 15.92 -14.90
N ALA A 281 -13.91 15.91 -15.59
CA ALA A 281 -13.94 15.62 -17.00
C ALA A 281 -12.95 16.44 -17.83
N PRO A 282 -13.00 17.79 -17.71
CA PRO A 282 -12.05 18.56 -18.50
C PRO A 282 -10.59 18.36 -18.09
N ILE A 283 -10.38 17.83 -16.90
CA ILE A 283 -9.02 17.56 -16.44
C ILE A 283 -8.59 16.22 -17.04
N MET A 284 -9.47 15.23 -16.98
CA MET A 284 -9.16 13.93 -17.54
C MET A 284 -8.89 14.03 -19.04
N ALA A 285 -9.59 14.93 -19.71
CA ALA A 285 -9.40 15.11 -21.14
C ALA A 285 -7.96 15.48 -21.49
N VAL A 286 -7.26 16.10 -20.56
CA VAL A 286 -5.86 16.49 -20.78
C VAL A 286 -4.91 15.44 -20.21
N ALA A 287 -5.30 14.86 -19.08
CA ALA A 287 -4.49 13.86 -18.41
C ALA A 287 -4.15 12.64 -19.24
N GLN A 288 -5.13 12.07 -19.94
CA GLN A 288 -4.82 10.87 -20.72
C GLN A 288 -3.77 11.19 -21.80
N PRO A 289 -3.92 12.31 -22.49
CA PRO A 289 -2.91 12.65 -23.51
C PRO A 289 -1.52 12.75 -22.86
N VAL A 290 -1.45 13.29 -21.64
CA VAL A 290 -0.16 13.40 -20.95
C VAL A 290 0.42 12.03 -20.67
N ARG A 291 -0.44 11.09 -20.24
CA ARG A 291 -0.01 9.73 -19.96
C ARG A 291 0.52 9.09 -21.24
N ASN A 292 -0.20 9.27 -22.34
CA ASN A 292 0.24 8.69 -23.59
C ASN A 292 1.60 9.24 -23.97
N LYS A 293 1.85 10.52 -23.70
CA LYS A 293 3.15 11.05 -24.02
C LYS A 293 4.24 10.48 -23.13
N ILE A 294 4.10 10.57 -21.81
CA ILE A 294 5.17 10.03 -20.97
C ILE A 294 5.34 8.51 -21.07
N TYR A 295 4.29 7.76 -21.40
CA TYR A 295 4.45 6.31 -21.51
C TYR A 295 5.08 5.91 -22.84
N SER A 296 5.06 6.83 -23.80
CA SER A 296 5.69 6.53 -25.09
C SER A 296 7.11 7.13 -25.12
N LYS A 297 7.21 8.46 -25.19
CA LYS A 297 8.51 9.12 -25.26
C LYS A 297 9.42 8.88 -24.05
N TYR A 298 8.83 8.81 -22.86
CA TYR A 298 9.63 8.59 -21.68
C TYR A 298 9.35 7.25 -21.07
N ALA A 299 9.07 6.30 -21.95
CA ALA A 299 8.77 4.94 -21.53
C ALA A 299 9.80 4.37 -20.57
N TYR A 300 11.07 4.67 -20.79
CA TYR A 300 12.11 4.11 -19.93
C TYR A 300 11.87 4.30 -18.45
N THR A 301 11.59 5.52 -18.03
CA THR A 301 11.38 5.70 -16.62
C THR A 301 9.92 5.50 -16.20
N PHE A 302 8.97 5.71 -17.13
CA PHE A 302 7.54 5.65 -16.79
C PHE A 302 6.61 4.49 -17.23
N HIS A 303 6.94 3.76 -18.29
CA HIS A 303 6.07 2.69 -18.74
C HIS A 303 6.55 1.32 -18.28
N HIS A 304 5.82 0.74 -17.34
CA HIS A 304 6.15 -0.54 -16.75
C HIS A 304 5.01 -1.52 -16.97
N THR A 305 5.38 -2.69 -17.45
CA THR A 305 4.41 -3.72 -17.75
C THR A 305 4.69 -5.03 -17.01
N THR A 306 5.57 -5.84 -17.57
CA THR A 306 5.89 -7.13 -16.97
C THR A 306 7.15 -7.13 -16.10
N ARG A 307 7.39 -8.26 -15.45
CA ARG A 307 8.57 -8.41 -14.62
C ARG A 307 9.79 -8.26 -15.51
N LEU A 308 9.73 -8.86 -16.68
CA LEU A 308 10.87 -8.81 -17.61
C LEU A 308 11.09 -7.39 -18.14
N ASN A 309 9.99 -6.65 -18.34
CA ASN A 309 10.04 -5.27 -18.82
C ASN A 309 10.89 -4.43 -17.85
N LYS A 310 10.64 -4.61 -16.56
CA LYS A 310 11.38 -3.92 -15.52
C LYS A 310 12.80 -4.48 -15.41
N GLU A 311 12.89 -5.81 -15.46
CA GLU A 311 14.16 -6.50 -15.32
C GLU A 311 15.22 -6.05 -16.32
N GLU A 312 14.81 -5.84 -17.56
CA GLU A 312 15.74 -5.43 -18.60
C GLU A 312 16.46 -4.13 -18.28
N LYS A 313 15.79 -3.24 -17.56
CA LYS A 313 16.41 -1.96 -17.24
C LYS A 313 17.32 -2.07 -16.02
N VAL A 314 16.78 -2.59 -14.93
CA VAL A 314 17.53 -2.74 -13.71
C VAL A 314 18.78 -3.62 -13.87
N LYS A 315 18.73 -4.51 -14.85
CA LYS A 315 19.81 -5.45 -15.15
C LYS A 315 21.10 -4.69 -15.50
N GLU A 316 20.95 -3.66 -16.32
CA GLU A 316 22.05 -2.84 -16.77
C GLU A 316 22.63 -1.90 -15.73
N TRP A 317 22.06 -1.85 -14.54
CA TRP A 317 22.58 -0.96 -13.50
C TRP A 317 23.63 -1.63 -12.66
N SER A 318 24.49 -0.84 -12.01
CA SER A 318 25.51 -1.37 -11.13
C SER A 318 24.95 -1.28 -9.73
N LEU A 319 24.04 -0.33 -9.54
CA LEU A 319 23.42 -0.17 -8.24
C LEU A 319 21.95 0.18 -8.40
N CYS A 320 21.12 -0.54 -7.66
CA CYS A 320 19.68 -0.30 -7.71
C CYS A 320 19.19 0.02 -6.29
N VAL A 321 18.58 1.18 -6.11
CA VAL A 321 18.07 1.52 -4.78
C VAL A 321 16.54 1.61 -4.79
N ALA A 322 15.91 0.76 -3.99
CA ALA A 322 14.45 0.70 -3.88
C ALA A 322 13.98 1.66 -2.79
N THR A 323 13.41 2.78 -3.22
CA THR A 323 12.97 3.78 -2.28
C THR A 323 11.57 3.56 -1.74
N ASP A 324 11.25 4.33 -0.72
CA ASP A 324 9.96 4.26 -0.05
C ASP A 324 9.60 5.69 0.38
N VAL A 325 8.37 6.11 0.09
CA VAL A 325 7.90 7.45 0.46
C VAL A 325 6.81 7.32 1.54
N SER A 326 6.93 8.09 2.60
CA SER A 326 5.94 8.05 3.66
C SER A 326 4.70 8.90 3.35
N ASP A 327 3.52 8.30 3.51
CA ASP A 327 2.23 9.00 3.32
C ASP A 327 2.26 10.04 2.17
N HIS A 328 2.54 9.58 0.98
CA HIS A 328 2.65 10.46 -0.18
C HIS A 328 1.52 11.44 -0.44
N ASP A 329 0.27 10.97 -0.45
CA ASP A 329 -0.84 11.86 -0.75
C ASP A 329 -1.13 12.97 0.25
N THR A 330 -0.96 12.69 1.54
CA THR A 330 -1.24 13.71 2.53
C THR A 330 -0.07 14.71 2.63
N PHE A 331 1.15 14.28 2.28
CA PHE A 331 2.34 15.14 2.29
C PHE A 331 2.54 15.95 1.00
N TRP A 332 1.85 15.55 -0.07
CA TRP A 332 2.00 16.21 -1.38
C TRP A 332 1.81 17.71 -1.18
N PRO A 333 2.78 18.51 -1.65
CA PRO A 333 2.77 19.98 -1.50
C PRO A 333 1.96 20.84 -2.43
N GLY A 334 1.10 21.64 -1.81
CA GLY A 334 0.28 22.56 -2.57
C GLY A 334 1.12 23.54 -3.35
N TRP A 335 2.37 23.76 -2.94
CA TRP A 335 3.17 24.71 -3.70
C TRP A 335 3.53 24.10 -5.06
N LEU A 336 3.58 22.77 -5.14
CA LEU A 336 3.87 22.17 -6.43
C LEU A 336 2.66 22.39 -7.35
N ARG A 337 1.46 22.37 -6.77
CA ARG A 337 0.24 22.64 -7.52
C ARG A 337 0.36 24.05 -8.16
N ASP A 338 0.72 25.03 -7.34
CA ASP A 338 0.88 26.39 -7.83
C ASP A 338 2.05 26.52 -8.80
N LEU A 339 3.13 25.82 -8.55
CA LEU A 339 4.24 25.88 -9.49
C LEU A 339 3.78 25.32 -10.83
N ILE A 340 3.09 24.17 -10.81
CA ILE A 340 2.63 23.59 -12.07
C ILE A 340 1.69 24.51 -12.84
N CYS A 341 0.71 25.07 -12.16
CA CYS A 341 -0.21 25.98 -12.82
C CYS A 341 0.54 27.16 -13.44
N ASP A 342 1.44 27.76 -12.66
CA ASP A 342 2.23 28.88 -13.13
C ASP A 342 2.97 28.51 -14.42
N GLU A 343 3.68 27.38 -14.44
CA GLU A 343 4.41 26.99 -15.64
C GLU A 343 3.49 26.70 -16.84
N LEU A 344 2.31 26.14 -16.58
CA LEU A 344 1.36 25.86 -17.67
C LEU A 344 0.94 27.19 -18.25
N LEU A 345 0.70 28.17 -17.39
CA LEU A 345 0.32 29.49 -17.89
C LEU A 345 1.44 30.03 -18.79
N ASN A 346 2.71 29.84 -18.40
CA ASN A 346 3.85 30.30 -19.18
C ASN A 346 3.93 29.58 -20.53
N MET A 347 3.57 28.30 -20.57
CA MET A 347 3.63 27.55 -21.82
C MET A 347 2.52 27.95 -22.76
N GLY A 348 1.54 28.68 -22.25
CA GLY A 348 0.44 29.11 -23.09
C GLY A 348 -0.88 28.35 -22.92
N TYR A 349 -0.99 27.55 -21.87
CA TYR A 349 -2.23 26.84 -21.63
C TYR A 349 -3.32 27.86 -21.32
N ALA A 350 -4.55 27.58 -21.75
CA ALA A 350 -5.68 28.48 -21.51
C ALA A 350 -5.81 28.74 -20.02
N PRO A 351 -5.88 30.01 -19.62
CA PRO A 351 -6.00 30.38 -18.21
C PRO A 351 -7.21 29.76 -17.51
N TRP A 352 -8.35 29.75 -18.20
CA TRP A 352 -9.54 29.18 -17.62
C TRP A 352 -9.33 27.70 -17.30
N TRP A 353 -8.61 26.98 -18.17
CA TRP A 353 -8.38 25.56 -17.89
C TRP A 353 -7.45 25.38 -16.70
N VAL A 354 -6.39 26.17 -16.65
CA VAL A 354 -5.42 26.12 -15.55
C VAL A 354 -6.16 26.46 -14.26
N LYS A 355 -7.13 27.37 -14.36
CA LYS A 355 -7.87 27.74 -13.17
C LYS A 355 -8.70 26.55 -12.67
N LEU A 356 -9.30 25.82 -13.61
CA LEU A 356 -10.09 24.65 -13.28
C LEU A 356 -9.20 23.65 -12.56
N PHE A 357 -8.01 23.45 -13.10
CA PHE A 357 -7.03 22.50 -12.57
C PHE A 357 -6.55 22.89 -11.18
N GLU A 358 -6.25 24.16 -11.00
CA GLU A 358 -5.79 24.65 -9.70
C GLU A 358 -6.88 24.47 -8.64
N THR A 359 -8.11 24.81 -9.00
CA THR A 359 -9.23 24.69 -8.08
C THR A 359 -9.51 23.23 -7.68
N SER A 360 -9.26 22.28 -8.58
CA SER A 360 -9.48 20.87 -8.27
C SER A 360 -8.50 20.37 -7.20
N LEU A 361 -7.43 21.15 -6.97
CA LEU A 361 -6.44 20.77 -5.97
C LEU A 361 -6.56 21.65 -4.72
N LYS A 362 -7.70 22.31 -4.57
CA LYS A 362 -7.93 23.18 -3.42
C LYS A 362 -9.35 23.00 -2.87
N LEU A 363 -10.07 22.06 -3.46
CA LEU A 363 -11.46 21.83 -3.11
C LEU A 363 -11.78 21.32 -1.72
N PRO A 364 -12.93 21.75 -1.20
CA PRO A 364 -13.39 21.33 0.11
C PRO A 364 -13.67 19.82 0.02
N VAL A 365 -13.85 19.18 1.16
CA VAL A 365 -14.14 17.76 1.16
C VAL A 365 -15.33 17.51 2.08
N TYR A 366 -16.24 16.64 1.65
CA TYR A 366 -17.41 16.31 2.44
C TYR A 366 -17.14 14.96 3.09
N VAL A 367 -17.18 14.94 4.42
CA VAL A 367 -16.90 13.73 5.16
C VAL A 367 -18.16 12.94 5.47
N GLY A 368 -18.23 11.72 4.96
CA GLY A 368 -19.40 10.90 5.16
C GLY A 368 -19.51 10.27 6.54
N ALA A 369 -19.00 9.06 6.68
CA ALA A 369 -19.12 8.37 7.96
C ALA A 369 -17.87 7.60 8.39
N PRO A 370 -16.97 8.26 9.13
CA PRO A 370 -15.70 7.70 9.64
C PRO A 370 -15.98 6.66 10.72
N ALA A 371 -17.14 6.79 11.34
CA ALA A 371 -17.53 5.90 12.42
C ALA A 371 -18.99 6.09 12.77
N PRO A 372 -19.52 5.24 13.64
CA PRO A 372 -20.92 5.37 14.02
C PRO A 372 -21.14 6.72 14.69
N GLU A 373 -22.25 7.39 14.38
CA GLU A 373 -22.55 8.67 15.01
C GLU A 373 -21.56 9.80 14.73
N GLN A 374 -20.82 9.69 13.63
CA GLN A 374 -19.84 10.71 13.27
C GLN A 374 -19.89 11.02 11.78
N GLY A 375 -19.49 12.23 11.42
CA GLY A 375 -19.43 12.59 10.02
C GLY A 375 -20.46 13.55 9.52
N HIS A 376 -20.78 13.43 8.22
CA HIS A 376 -21.77 14.28 7.57
C HIS A 376 -21.40 15.71 7.80
N THR A 377 -20.15 16.05 7.45
CA THR A 377 -19.66 17.40 7.64
C THR A 377 -18.82 17.84 6.45
N LEU A 378 -19.07 19.04 5.98
CA LEU A 378 -18.30 19.60 4.88
C LEU A 378 -17.11 20.34 5.51
N LEU A 379 -15.89 20.11 5.03
CA LEU A 379 -14.69 20.83 5.50
C LEU A 379 -14.28 21.78 4.37
N GLY A 380 -14.18 23.07 4.67
CA GLY A 380 -13.81 24.02 3.65
C GLY A 380 -15.02 24.74 3.07
N ASP A 381 -14.82 25.90 2.47
CA ASP A 381 -15.94 26.67 1.93
C ASP A 381 -15.92 26.66 0.39
N PRO A 382 -16.92 26.00 -0.23
CA PRO A 382 -16.99 25.93 -1.69
C PRO A 382 -16.97 27.30 -2.36
N SER A 383 -17.43 28.34 -1.67
CA SER A 383 -17.44 29.68 -2.27
C SER A 383 -15.99 30.17 -2.54
N ASN A 384 -15.03 29.61 -1.82
CA ASN A 384 -13.64 30.02 -2.02
C ASN A 384 -12.69 28.90 -1.65
N PRO A 385 -12.47 27.97 -2.58
CA PRO A 385 -11.60 26.80 -2.44
C PRO A 385 -10.21 27.18 -1.98
N ASP A 386 -9.83 26.71 -0.78
CA ASP A 386 -8.53 27.03 -0.23
C ASP A 386 -7.98 25.97 0.71
N LEU A 387 -8.35 24.72 0.49
CA LEU A 387 -7.85 23.64 1.34
C LEU A 387 -6.46 23.23 0.83
N GLU A 388 -5.73 22.54 1.68
CA GLU A 388 -4.39 22.04 1.39
C GLU A 388 -4.36 20.61 1.91
N VAL A 389 -5.21 19.75 1.37
CA VAL A 389 -5.28 18.35 1.80
C VAL A 389 -4.14 17.49 1.27
N GLY A 390 -3.38 18.04 0.34
CA GLY A 390 -2.32 17.28 -0.28
C GLY A 390 -2.85 16.88 -1.64
N LEU A 391 -2.83 15.59 -1.95
CA LEU A 391 -3.31 15.13 -3.25
C LEU A 391 -4.63 14.39 -3.07
N SER A 392 -5.70 14.90 -3.68
CA SER A 392 -7.02 14.25 -3.57
C SER A 392 -7.05 13.10 -4.57
N SER A 393 -7.36 11.89 -4.09
CA SER A 393 -7.39 10.71 -4.98
C SER A 393 -8.34 10.81 -6.19
N GLY A 394 -9.51 11.43 -6.02
CA GLY A 394 -10.41 11.50 -7.16
C GLY A 394 -10.17 12.67 -8.11
N GLN A 395 -9.04 13.37 -7.98
CA GLN A 395 -8.78 14.47 -8.90
C GLN A 395 -8.42 13.82 -10.27
N GLY A 396 -8.79 14.47 -11.36
CA GLY A 396 -8.52 13.86 -12.66
C GLY A 396 -7.10 13.44 -13.03
N ALA A 397 -6.09 13.95 -12.32
CA ALA A 397 -4.71 13.57 -12.66
C ALA A 397 -3.83 13.22 -11.46
N THR A 398 -4.40 12.65 -10.42
CA THR A 398 -3.58 12.34 -9.25
C THR A 398 -2.33 11.55 -9.57
N ASP A 399 -2.43 10.60 -10.50
CA ASP A 399 -1.26 9.79 -10.82
C ASP A 399 -0.12 10.65 -11.37
N LEU A 400 -0.45 11.56 -12.28
CA LEU A 400 0.54 12.44 -12.87
C LEU A 400 1.15 13.39 -11.82
N MET A 401 0.33 13.90 -10.90
CA MET A 401 0.81 14.80 -9.87
C MET A 401 1.83 14.10 -8.97
N GLY A 402 1.55 12.85 -8.65
CA GLY A 402 2.46 12.10 -7.80
C GLY A 402 3.73 11.75 -8.56
N THR A 403 3.56 11.36 -9.81
CA THR A 403 4.71 11.01 -10.61
C THR A 403 5.62 12.24 -10.82
N LEU A 404 5.05 13.38 -11.19
CA LEU A 404 5.83 14.62 -11.39
C LEU A 404 6.59 14.97 -10.11
N LEU A 405 5.90 15.01 -8.98
CA LEU A 405 6.58 15.31 -7.73
C LEU A 405 7.75 14.36 -7.43
N MET A 406 7.45 13.06 -7.36
CA MET A 406 8.47 12.09 -7.02
C MET A 406 9.61 11.93 -8.01
N SER A 407 9.32 11.90 -9.31
CA SER A 407 10.38 11.72 -10.30
C SER A 407 11.46 12.79 -10.11
N ILE A 408 11.06 14.05 -9.97
CA ILE A 408 12.00 15.15 -9.77
C ILE A 408 12.66 15.04 -8.37
N THR A 409 11.90 14.61 -7.36
CA THR A 409 12.44 14.46 -6.03
C THR A 409 13.57 13.42 -6.06
N TYR A 410 13.35 12.32 -6.77
CA TYR A 410 14.39 11.29 -6.83
C TYR A 410 15.62 11.79 -7.60
N LEU A 411 15.39 12.51 -8.71
CA LEU A 411 16.49 13.05 -9.49
C LEU A 411 17.32 13.99 -8.61
N VAL A 412 16.64 14.88 -7.90
CA VAL A 412 17.32 15.81 -7.03
C VAL A 412 18.13 15.05 -5.99
N MET A 413 17.57 13.95 -5.48
CA MET A 413 18.30 13.15 -4.50
C MET A 413 19.61 12.64 -5.13
N GLN A 414 19.54 12.21 -6.40
CA GLN A 414 20.72 11.69 -7.07
C GLN A 414 21.73 12.80 -7.35
N LEU A 415 21.26 13.98 -7.74
CA LEU A 415 22.16 15.12 -7.99
C LEU A 415 22.83 15.54 -6.69
N ASP A 416 22.03 15.82 -5.68
CA ASP A 416 22.52 16.23 -4.36
C ASP A 416 23.57 15.32 -3.71
N HIS A 417 23.32 14.01 -3.72
CA HIS A 417 24.24 13.11 -3.05
C HIS A 417 25.21 12.30 -3.90
N THR A 418 25.11 12.37 -5.22
CA THR A 418 25.96 11.51 -6.05
C THR A 418 26.49 12.13 -7.34
N ALA A 419 25.79 13.09 -7.90
CA ALA A 419 26.21 13.66 -9.18
C ALA A 419 26.35 15.17 -9.29
N PRO A 420 27.12 15.80 -8.39
CA PRO A 420 27.29 17.26 -8.44
C PRO A 420 27.90 17.70 -9.77
N HIS A 421 28.62 16.78 -10.40
CA HIS A 421 29.22 17.06 -11.69
C HIS A 421 28.17 17.21 -12.79
N LEU A 422 26.90 16.91 -12.50
CA LEU A 422 25.89 17.08 -13.53
C LEU A 422 25.16 18.41 -13.37
N ASN A 423 25.37 19.11 -12.26
CA ASN A 423 24.66 20.36 -12.03
C ASN A 423 24.89 21.41 -13.13
N SER A 424 26.11 21.46 -13.67
CA SER A 424 26.39 22.45 -14.70
C SER A 424 25.57 22.23 -15.95
N ARG A 425 24.95 21.07 -16.04
CA ARG A 425 24.10 20.74 -17.19
C ARG A 425 22.76 21.47 -17.10
N ILE A 426 22.45 22.00 -15.93
CA ILE A 426 21.15 22.65 -15.69
C ILE A 426 21.35 24.12 -15.34
N LYS A 427 21.38 24.96 -16.37
CA LYS A 427 21.64 26.39 -16.22
C LYS A 427 20.43 27.30 -16.43
N ASP A 428 19.43 26.80 -17.13
CA ASP A 428 18.23 27.58 -17.40
C ASP A 428 17.13 26.62 -17.86
N MET A 429 16.00 27.15 -18.32
CA MET A 429 14.91 26.29 -18.75
C MET A 429 15.29 25.39 -19.93
N PRO A 430 15.86 25.97 -21.00
CA PRO A 430 16.23 25.14 -22.15
C PRO A 430 17.19 23.99 -21.79
N SER A 431 18.20 24.28 -20.99
CA SER A 431 19.16 23.26 -20.60
C SER A 431 18.55 22.29 -19.58
N ALA A 432 17.67 22.78 -18.73
CA ALA A 432 16.99 21.91 -17.76
C ALA A 432 16.13 20.91 -18.54
N CYS A 433 15.41 21.42 -19.54
CA CYS A 433 14.56 20.56 -20.34
C CYS A 433 15.40 19.50 -21.06
N ARG A 434 16.47 19.93 -21.72
CA ARG A 434 17.34 18.99 -22.43
C ARG A 434 17.92 17.93 -21.51
N PHE A 435 18.33 18.32 -20.31
CA PHE A 435 18.89 17.36 -19.38
C PHE A 435 17.83 16.37 -18.87
N LEU A 436 16.64 16.88 -18.57
CA LEU A 436 15.56 16.04 -18.06
C LEU A 436 15.10 15.08 -19.16
N ASP A 437 14.95 15.62 -20.37
CA ASP A 437 14.55 14.78 -21.50
C ASP A 437 15.48 13.60 -21.70
N SER A 438 16.77 13.82 -21.48
CA SER A 438 17.76 12.76 -21.61
C SER A 438 17.76 11.82 -20.40
N TYR A 439 17.57 12.37 -19.22
CA TYR A 439 17.55 11.58 -18.01
C TYR A 439 16.30 10.69 -17.99
N TRP A 440 15.18 11.23 -18.45
CA TRP A 440 13.95 10.44 -18.47
C TRP A 440 13.99 9.32 -19.52
N GLN A 441 14.81 9.46 -20.56
CA GLN A 441 14.91 8.40 -21.56
C GLN A 441 15.93 7.35 -21.14
N GLY A 442 16.50 7.53 -19.95
CA GLY A 442 17.49 6.59 -19.45
C GLY A 442 18.86 6.72 -20.10
N HIS A 443 19.15 7.90 -20.65
CA HIS A 443 20.43 8.11 -21.31
C HIS A 443 21.58 8.66 -20.45
N GLU A 444 21.34 8.88 -19.17
CA GLU A 444 22.39 9.41 -18.30
C GLU A 444 22.91 8.33 -17.40
N GLU A 445 24.01 8.60 -16.69
CA GLU A 445 24.60 7.60 -15.78
C GLU A 445 23.78 7.39 -14.51
N ILE A 446 22.86 8.31 -14.25
CA ILE A 446 21.96 8.13 -13.13
C ILE A 446 20.60 7.88 -13.81
N ARG A 447 19.83 6.93 -13.30
CA ARG A 447 18.52 6.59 -13.88
C ARG A 447 17.48 6.25 -12.83
N GLN A 448 16.25 6.02 -13.32
CA GLN A 448 15.16 5.64 -12.42
C GLN A 448 13.99 5.07 -13.20
N ILE A 449 13.23 4.24 -12.50
CA ILE A 449 12.00 3.75 -13.07
C ILE A 449 11.05 4.12 -11.95
N SER A 450 9.93 4.76 -12.27
CA SER A 450 9.04 5.14 -11.19
C SER A 450 7.58 5.30 -11.56
N LYS A 451 6.76 5.40 -10.53
CA LYS A 451 5.33 5.60 -10.69
C LYS A 451 4.87 6.09 -9.34
N SER A 452 4.40 7.33 -9.29
CA SER A 452 3.96 7.88 -8.02
C SER A 452 5.02 7.63 -6.95
N ASP A 453 4.61 7.04 -5.84
CA ASP A 453 5.53 6.81 -4.74
C ASP A 453 6.28 5.50 -4.74
N ASP A 454 6.39 4.87 -5.90
CA ASP A 454 7.15 3.64 -5.95
C ASP A 454 8.24 3.88 -6.96
N ALA A 455 9.44 3.41 -6.69
CA ALA A 455 10.50 3.64 -7.63
C ALA A 455 11.77 2.91 -7.30
N MET A 456 12.64 2.80 -8.29
CA MET A 456 13.93 2.19 -8.10
C MET A 456 14.87 3.13 -8.79
N LEU A 457 15.91 3.52 -8.07
CA LEU A 457 16.89 4.46 -8.59
C LEU A 457 18.18 3.74 -8.97
N GLY A 458 18.70 4.03 -10.15
CA GLY A 458 19.92 3.37 -10.60
C GLY A 458 21.14 4.21 -10.93
N TRP A 459 22.30 3.55 -10.83
CA TRP A 459 23.59 4.15 -11.14
C TRP A 459 24.33 3.15 -12.00
N THR A 460 24.79 3.60 -13.16
CA THR A 460 25.58 2.73 -14.03
C THR A 460 27.00 2.94 -13.56
N LYS A 461 27.97 2.51 -14.35
CA LYS A 461 29.37 2.72 -13.98
C LYS A 461 29.64 4.20 -14.25
N GLY A 462 30.47 4.83 -13.42
CA GLY A 462 30.77 6.23 -13.63
C GLY A 462 31.07 6.99 -12.37
N ARG A 463 31.20 8.30 -12.51
CA ARG A 463 31.49 9.16 -11.37
C ARG A 463 30.45 9.17 -10.26
N ALA A 464 29.18 9.03 -10.62
CA ALA A 464 28.12 9.05 -9.62
C ALA A 464 28.00 7.77 -8.79
N LEU A 465 28.49 6.66 -9.32
CA LEU A 465 28.38 5.38 -8.64
C LEU A 465 28.82 5.38 -7.18
N VAL A 466 30.02 5.89 -6.93
CA VAL A 466 30.53 5.91 -5.56
C VAL A 466 29.56 6.67 -4.64
N GLY A 467 28.98 7.76 -5.17
CA GLY A 467 28.01 8.53 -4.39
C GLY A 467 26.73 7.72 -4.16
N GLY A 468 26.37 6.94 -5.18
CA GLY A 468 25.19 6.10 -5.09
C GLY A 468 25.30 5.19 -3.88
N HIS A 469 26.47 4.58 -3.69
CA HIS A 469 26.66 3.69 -2.54
C HIS A 469 26.61 4.45 -1.24
N ARG A 470 27.09 5.68 -1.24
CA ARG A 470 27.04 6.48 -0.01
C ARG A 470 25.58 6.79 0.32
N LEU A 471 24.80 7.14 -0.70
CA LEU A 471 23.39 7.42 -0.49
C LEU A 471 22.66 6.20 0.09
N PHE A 472 22.92 5.05 -0.50
CA PHE A 472 22.31 3.79 -0.06
C PHE A 472 22.68 3.57 1.41
N GLU A 473 23.94 3.83 1.74
CA GLU A 473 24.39 3.63 3.12
C GLU A 473 23.64 4.60 4.04
N MET A 474 23.46 5.84 3.59
CA MET A 474 22.75 6.81 4.40
C MET A 474 21.30 6.35 4.65
N LEU A 475 20.66 5.81 3.61
CA LEU A 475 19.30 5.31 3.75
C LEU A 475 19.30 4.15 4.73
N LYS A 476 20.29 3.26 4.66
CA LYS A 476 20.31 2.13 5.59
C LYS A 476 20.40 2.64 7.02
N GLU A 477 21.25 3.62 7.26
CA GLU A 477 21.40 4.16 8.60
C GLU A 477 20.11 4.78 9.04
N GLY A 478 19.38 5.34 8.08
CA GLY A 478 18.10 5.95 8.39
C GLY A 478 18.07 6.99 9.48
N LYS A 479 19.06 7.86 9.53
CA LYS A 479 19.07 8.90 10.55
C LYS A 479 18.78 10.24 9.86
N VAL A 480 19.08 10.32 8.58
CA VAL A 480 18.87 11.58 7.87
C VAL A 480 18.07 11.44 6.60
N ASN A 481 17.02 12.23 6.47
CA ASN A 481 16.19 12.20 5.28
C ASN A 481 17.00 12.78 4.11
N PRO A 482 17.24 11.98 3.07
CA PRO A 482 18.01 12.44 1.91
C PRO A 482 17.35 13.47 1.03
N SER A 483 16.13 13.85 1.37
CA SER A 483 15.43 14.82 0.53
C SER A 483 14.77 15.96 1.29
N PRO A 484 14.72 17.15 0.70
CA PRO A 484 14.06 18.25 1.42
C PRO A 484 12.55 18.27 1.12
N TYR A 485 12.12 17.49 0.11
CA TYR A 485 10.72 17.48 -0.30
C TYR A 485 9.73 16.47 0.30
N MET A 486 10.16 15.22 0.48
CA MET A 486 9.27 14.20 1.06
C MET A 486 10.10 13.33 1.98
N LYS A 487 9.46 12.55 2.84
CA LYS A 487 10.20 11.67 3.75
C LYS A 487 10.53 10.39 2.95
N ILE A 488 11.79 10.24 2.59
CA ILE A 488 12.27 9.10 1.81
C ILE A 488 13.09 8.13 2.67
N SER A 489 12.91 6.85 2.44
CA SER A 489 13.69 5.85 3.15
C SER A 489 13.90 4.74 2.13
N TYR A 490 14.45 3.61 2.56
CA TYR A 490 14.60 2.51 1.61
C TYR A 490 13.48 1.50 1.93
N GLU A 491 12.98 0.80 0.92
CA GLU A 491 11.91 -0.19 1.12
C GLU A 491 12.46 -1.47 1.75
N HIS A 492 11.83 -1.96 2.81
CA HIS A 492 12.31 -3.19 3.42
C HIS A 492 11.76 -4.33 2.57
N GLY A 493 12.60 -4.84 1.67
CA GLY A 493 12.16 -5.87 0.78
C GLY A 493 11.83 -5.14 -0.51
N GLY A 494 12.87 -4.61 -1.15
CA GLY A 494 12.71 -3.85 -2.39
C GLY A 494 11.82 -4.48 -3.46
N ALA A 495 10.84 -3.69 -3.91
CA ALA A 495 9.91 -4.12 -4.92
C ALA A 495 9.50 -2.92 -5.77
N PHE A 496 9.03 -3.19 -6.98
CA PHE A 496 8.58 -2.13 -7.86
C PHE A 496 7.29 -2.56 -8.57
N LEU A 497 6.20 -1.86 -8.29
CA LEU A 497 4.92 -2.18 -8.92
C LEU A 497 4.48 -3.64 -8.81
N GLY A 498 4.54 -4.16 -7.58
CA GLY A 498 4.12 -5.53 -7.35
C GLY A 498 5.19 -6.60 -7.47
N ASP A 499 6.23 -6.34 -8.25
CA ASP A 499 7.29 -7.34 -8.41
C ASP A 499 8.51 -7.13 -7.51
N ILE A 500 8.85 -8.19 -6.78
CA ILE A 500 9.99 -8.17 -5.88
C ILE A 500 11.27 -8.37 -6.69
N LEU A 501 12.31 -7.58 -6.36
CA LEU A 501 13.59 -7.71 -7.04
C LEU A 501 14.39 -8.72 -6.23
N LEU A 502 14.43 -9.96 -6.72
CA LEU A 502 15.13 -11.06 -6.07
C LEU A 502 16.60 -11.04 -6.45
N TYR A 503 17.45 -10.87 -5.45
CA TYR A 503 18.92 -10.81 -5.63
C TYR A 503 19.54 -12.17 -5.30
N ASP A 504 20.68 -12.48 -5.90
CA ASP A 504 21.34 -13.73 -5.53
C ASP A 504 22.47 -13.40 -4.55
N SER A 505 23.40 -14.34 -4.35
CA SER A 505 24.49 -14.13 -3.41
C SER A 505 25.36 -12.90 -3.68
N ARG A 506 25.47 -12.53 -4.95
CA ARG A 506 26.29 -11.38 -5.32
C ARG A 506 25.64 -10.06 -4.93
N ARG A 507 24.33 -10.10 -4.71
CA ARG A 507 23.58 -8.91 -4.33
C ARG A 507 23.85 -7.76 -5.29
N GLU A 508 23.76 -8.02 -6.59
CA GLU A 508 23.98 -6.99 -7.61
C GLU A 508 22.81 -7.04 -8.60
N PRO A 509 22.44 -5.87 -9.15
CA PRO A 509 21.35 -5.74 -10.12
C PRO A 509 21.53 -6.62 -11.35
N GLY A 510 22.77 -6.75 -11.81
CA GLY A 510 23.03 -7.54 -13.00
C GLY A 510 22.60 -9.00 -12.87
N SER A 511 22.73 -9.57 -11.67
CA SER A 511 22.35 -10.96 -11.49
C SER A 511 21.08 -11.09 -10.64
N ALA A 512 20.23 -10.06 -10.65
CA ALA A 512 19.00 -10.11 -9.88
C ALA A 512 17.81 -10.25 -10.82
N ILE A 513 16.69 -10.74 -10.31
CA ILE A 513 15.52 -10.89 -11.17
C ILE A 513 14.26 -10.47 -10.46
N PHE A 514 13.31 -9.96 -11.24
CA PHE A 514 12.02 -9.56 -10.70
C PHE A 514 11.09 -10.77 -10.67
N VAL A 515 10.45 -11.00 -9.54
CA VAL A 515 9.52 -12.11 -9.39
C VAL A 515 8.24 -11.56 -8.75
N GLY A 516 7.10 -12.18 -9.04
CA GLY A 516 5.86 -11.73 -8.46
C GLY A 516 5.96 -11.83 -6.95
N ASN A 517 5.07 -11.14 -6.26
CA ASN A 517 5.05 -11.15 -4.81
C ASN A 517 4.02 -12.20 -4.42
N ILE A 518 4.46 -13.34 -3.90
CA ILE A 518 3.56 -14.42 -3.55
C ILE A 518 2.52 -14.00 -2.52
N ASN A 519 2.88 -13.06 -1.66
CA ASN A 519 1.95 -12.56 -0.63
C ASN A 519 0.79 -11.79 -1.27
N SER A 520 1.06 -11.13 -2.38
CA SER A 520 0.02 -10.39 -3.09
C SER A 520 -0.96 -11.37 -3.72
N MET A 521 -0.48 -12.55 -4.11
CA MET A 521 -1.38 -13.54 -4.69
C MET A 521 -2.37 -13.92 -3.58
N LEU A 522 -1.84 -14.13 -2.38
CA LEU A 522 -2.65 -14.48 -1.23
C LEU A 522 -3.60 -13.35 -0.83
N ASN A 523 -3.13 -12.09 -0.90
CA ASN A 523 -4.01 -10.98 -0.56
C ASN A 523 -5.20 -10.96 -1.56
N ASN A 524 -4.89 -11.11 -2.85
CA ASN A 524 -5.88 -11.08 -3.92
C ASN A 524 -6.88 -12.24 -3.89
N GLN A 525 -6.41 -13.45 -3.62
CA GLN A 525 -7.31 -14.59 -3.58
C GLN A 525 -8.08 -14.76 -2.28
N PHE A 526 -7.51 -14.37 -1.14
CA PHE A 526 -8.26 -14.60 0.09
C PHE A 526 -8.67 -13.38 0.84
N SER A 527 -8.17 -12.22 0.42
CA SER A 527 -8.59 -10.98 1.07
C SER A 527 -8.95 -9.88 0.08
N PRO A 528 -9.91 -10.14 -0.81
CA PRO A 528 -10.26 -9.07 -1.76
C PRO A 528 -10.74 -7.83 -1.02
N GLU A 529 -10.67 -6.69 -1.68
CA GLU A 529 -11.12 -5.47 -1.06
C GLU A 529 -12.65 -5.31 -1.14
N TYR A 530 -13.27 -5.99 -2.10
CA TYR A 530 -14.71 -5.91 -2.27
C TYR A 530 -15.33 -7.29 -2.37
N GLY A 531 -16.63 -7.38 -2.09
CA GLY A 531 -17.33 -8.63 -2.23
C GLY A 531 -17.58 -8.82 -3.73
N VAL A 532 -18.18 -9.95 -4.12
CA VAL A 532 -18.43 -10.21 -5.53
C VAL A 532 -19.59 -9.45 -6.12
N GLN A 533 -20.34 -8.74 -5.27
CA GLN A 533 -21.54 -7.98 -5.68
C GLN A 533 -22.43 -8.78 -6.64
N SER A 534 -22.79 -10.00 -6.24
CA SER A 534 -23.60 -10.87 -7.09
C SER A 534 -24.99 -10.31 -7.42
N GLY A 535 -25.39 -9.25 -6.75
CA GLY A 535 -26.68 -8.64 -7.02
C GLY A 535 -26.64 -7.59 -8.13
N VAL A 536 -25.44 -7.23 -8.58
CA VAL A 536 -25.27 -6.26 -9.68
C VAL A 536 -25.25 -7.10 -10.96
N ARG A 537 -26.36 -7.10 -11.70
CA ARG A 537 -26.47 -7.92 -12.92
C ARG A 537 -25.41 -7.66 -13.98
N ASP A 538 -25.08 -6.40 -14.19
CA ASP A 538 -24.09 -6.03 -15.20
C ASP A 538 -22.71 -6.23 -14.58
N ARG A 539 -22.05 -7.33 -14.91
CA ARG A 539 -20.76 -7.62 -14.32
C ARG A 539 -19.71 -6.58 -14.59
N SER A 540 -19.78 -5.94 -15.75
CA SER A 540 -18.80 -4.93 -16.13
C SER A 540 -18.85 -3.77 -15.13
N LYS A 541 -19.97 -3.58 -14.46
CA LYS A 541 -20.06 -2.52 -13.47
C LYS A 541 -19.55 -2.90 -12.06
N ARG A 542 -19.29 -4.18 -11.79
CA ARG A 542 -18.82 -4.62 -10.48
C ARG A 542 -17.36 -4.25 -10.20
N LYS A 543 -16.98 -4.18 -8.93
CA LYS A 543 -15.57 -3.90 -8.61
C LYS A 543 -14.72 -5.11 -9.01
N ARG A 544 -15.31 -6.30 -8.99
CA ARG A 544 -14.61 -7.53 -9.40
C ARG A 544 -15.53 -8.23 -10.44
N PRO A 545 -15.43 -7.80 -11.71
CA PRO A 545 -16.25 -8.37 -12.78
C PRO A 545 -16.21 -9.87 -13.02
N PHE A 546 -15.01 -10.43 -13.14
CA PHE A 546 -14.86 -11.85 -13.39
C PHE A 546 -13.77 -12.43 -12.51
N PRO A 547 -14.04 -12.58 -11.21
CA PRO A 547 -13.07 -13.11 -10.24
C PRO A 547 -12.37 -14.41 -10.65
N GLY A 548 -13.10 -15.35 -11.25
CA GLY A 548 -12.50 -16.62 -11.65
C GLY A 548 -11.41 -16.59 -12.70
N LEU A 549 -11.35 -15.53 -13.49
CA LEU A 549 -10.35 -15.43 -14.53
C LEU A 549 -8.92 -15.32 -14.01
N ALA A 550 -8.75 -14.81 -12.80
CA ALA A 550 -7.41 -14.68 -12.24
C ALA A 550 -6.68 -16.02 -12.10
N TRP A 551 -7.43 -17.11 -12.05
CA TRP A 551 -6.81 -18.42 -11.90
C TRP A 551 -5.98 -18.75 -13.15
N ALA A 552 -6.43 -18.25 -14.29
CA ALA A 552 -5.78 -18.52 -15.56
C ALA A 552 -4.51 -17.72 -15.78
N SER A 553 -4.34 -16.64 -15.03
CA SER A 553 -3.17 -15.79 -15.16
C SER A 553 -2.21 -15.97 -13.99
N MET A 554 -2.64 -16.68 -12.96
CA MET A 554 -1.81 -16.93 -11.78
C MET A 554 -0.37 -17.39 -12.04
N LYS A 555 -0.21 -18.45 -12.84
CA LYS A 555 1.10 -19.01 -13.15
C LYS A 555 1.97 -17.93 -13.80
N ASP A 556 1.40 -17.22 -14.75
CA ASP A 556 2.18 -16.18 -15.41
C ASP A 556 2.58 -15.06 -14.44
N THR A 557 1.67 -14.70 -13.56
CA THR A 557 1.93 -13.63 -12.62
C THR A 557 2.83 -14.01 -11.44
N TYR A 558 2.63 -15.20 -10.87
CA TYR A 558 3.41 -15.60 -9.70
C TYR A 558 4.31 -16.79 -9.87
N GLY A 559 4.29 -17.40 -11.06
CA GLY A 559 5.10 -18.58 -11.31
C GLY A 559 6.58 -18.46 -10.99
N ALA A 560 7.13 -17.26 -11.13
CA ALA A 560 8.57 -17.08 -10.87
C ALA A 560 8.91 -16.95 -9.42
N CYS A 561 7.91 -16.93 -8.54
CA CYS A 561 8.23 -16.85 -7.11
C CYS A 561 8.86 -18.15 -6.63
N PRO A 562 10.02 -18.07 -5.97
CA PRO A 562 10.66 -19.30 -5.49
C PRO A 562 9.76 -20.32 -4.81
N ILE A 563 8.84 -19.85 -3.95
CA ILE A 563 7.98 -20.78 -3.23
C ILE A 563 6.57 -20.94 -3.79
N TYR A 564 6.38 -20.58 -5.06
CA TYR A 564 5.09 -20.69 -5.72
C TYR A 564 4.41 -22.05 -5.50
N SER A 565 5.07 -23.13 -5.95
CA SER A 565 4.54 -24.49 -5.81
C SER A 565 4.15 -24.80 -4.38
N ASP A 566 5.02 -24.40 -3.47
CA ASP A 566 4.79 -24.65 -2.06
C ASP A 566 3.51 -24.02 -1.54
N VAL A 567 3.30 -22.77 -1.90
CA VAL A 567 2.13 -22.05 -1.43
C VAL A 567 0.86 -22.71 -2.00
N LEU A 568 0.86 -23.02 -3.29
CA LEU A 568 -0.31 -23.66 -3.88
C LEU A 568 -0.64 -24.97 -3.19
N GLU A 569 0.39 -25.71 -2.80
CA GLU A 569 0.16 -26.97 -2.11
C GLU A 569 -0.28 -26.76 -0.68
N ALA A 570 0.27 -25.75 -0.01
CA ALA A 570 -0.15 -25.49 1.38
C ALA A 570 -1.64 -25.08 1.35
N ILE A 571 -2.01 -24.33 0.30
CA ILE A 571 -3.40 -23.89 0.13
C ILE A 571 -4.29 -25.13 -0.09
N GLU A 572 -3.90 -25.98 -1.03
CA GLU A 572 -4.68 -27.17 -1.33
C GLU A 572 -4.87 -27.98 -0.05
N ARG A 573 -3.77 -28.21 0.66
CA ARG A 573 -3.84 -28.96 1.92
C ARG A 573 -4.74 -28.30 2.97
N CYS A 574 -4.56 -27.00 3.19
CA CYS A 574 -5.36 -26.32 4.22
C CYS A 574 -6.83 -26.14 3.84
N TRP A 575 -7.08 -26.01 2.55
CA TRP A 575 -8.44 -25.82 2.11
C TRP A 575 -9.16 -27.13 2.31
N TRP A 576 -8.44 -28.23 2.10
CA TRP A 576 -9.03 -29.55 2.29
C TRP A 576 -9.39 -29.74 3.77
N ASN A 577 -8.50 -29.33 4.66
CA ASN A 577 -8.78 -29.44 6.09
C ASN A 577 -9.99 -28.63 6.52
N ALA A 578 -10.14 -27.44 5.93
CA ALA A 578 -11.23 -26.55 6.25
C ALA A 578 -12.58 -26.83 5.55
N PHE A 579 -12.52 -27.13 4.25
CA PHE A 579 -13.75 -27.35 3.50
C PHE A 579 -14.02 -28.79 3.05
N GLY A 580 -12.99 -29.63 3.08
CA GLY A 580 -13.19 -30.99 2.62
C GLY A 580 -13.42 -30.99 1.11
N GLU A 581 -12.76 -30.08 0.41
CA GLU A 581 -12.86 -29.99 -1.05
C GLU A 581 -11.51 -29.59 -1.59
N SER A 582 -11.35 -29.70 -2.90
CA SER A 582 -10.09 -29.31 -3.56
C SER A 582 -10.18 -27.83 -3.93
N TYR A 583 -9.23 -27.02 -3.51
CA TYR A 583 -9.26 -25.61 -3.85
C TYR A 583 -9.06 -25.47 -5.36
N ARG A 584 -8.12 -26.25 -5.88
CA ARG A 584 -7.82 -26.19 -7.29
C ARG A 584 -9.10 -26.42 -8.12
N ALA A 585 -9.81 -27.51 -7.81
CA ALA A 585 -11.02 -27.82 -8.54
C ALA A 585 -12.05 -26.68 -8.38
N TYR A 586 -12.17 -26.20 -7.15
CA TYR A 586 -13.07 -25.09 -6.87
C TYR A 586 -12.78 -23.88 -7.79
N ARG A 587 -11.49 -23.59 -7.97
CA ARG A 587 -11.04 -22.50 -8.81
C ARG A 587 -11.22 -22.78 -10.30
N GLU A 588 -11.02 -24.04 -10.69
CA GLU A 588 -11.19 -24.37 -12.10
C GLU A 588 -12.66 -24.20 -12.45
N ASP A 589 -13.53 -24.54 -11.51
CA ASP A 589 -14.96 -24.35 -11.80
C ASP A 589 -15.33 -22.87 -11.95
N MET A 590 -14.82 -22.05 -11.04
CA MET A 590 -15.06 -20.62 -11.07
C MET A 590 -14.46 -20.04 -12.37
N LEU A 591 -13.31 -20.58 -12.79
CA LEU A 591 -12.66 -20.16 -14.04
C LEU A 591 -13.60 -20.48 -15.22
N LYS A 592 -14.15 -21.70 -15.25
CA LYS A 592 -15.03 -22.08 -16.35
C LYS A 592 -16.27 -21.19 -16.40
N ARG A 593 -16.95 -21.01 -15.26
CA ARG A 593 -18.15 -20.18 -15.24
C ARG A 593 -17.91 -18.74 -15.70
N ASP A 594 -16.87 -18.12 -15.18
CA ASP A 594 -16.55 -16.76 -15.57
C ASP A 594 -16.10 -16.65 -17.01
N THR A 595 -15.42 -17.68 -17.52
CA THR A 595 -14.97 -17.67 -18.90
C THR A 595 -16.24 -17.69 -19.77
N LEU A 596 -17.22 -18.50 -19.42
CA LEU A 596 -18.46 -18.57 -20.19
C LEU A 596 -19.24 -17.27 -20.13
N GLU A 597 -19.24 -16.65 -18.96
CA GLU A 597 -19.95 -15.40 -18.76
C GLU A 597 -19.26 -14.23 -19.49
N LEU A 598 -17.93 -14.27 -19.59
CA LEU A 598 -17.19 -13.19 -20.26
C LEU A 598 -17.62 -13.03 -21.72
N SER A 599 -17.84 -14.14 -22.42
CA SER A 599 -18.25 -14.10 -23.83
C SER A 599 -19.51 -13.27 -24.04
N ARG A 600 -20.32 -13.14 -22.99
CA ARG A 600 -21.54 -12.37 -23.08
C ARG A 600 -21.23 -10.87 -23.13
N TYR A 601 -20.03 -10.51 -22.70
CA TYR A 601 -19.63 -9.10 -22.69
C TYR A 601 -18.68 -8.70 -23.81
N VAL A 602 -18.02 -9.68 -24.42
CA VAL A 602 -17.07 -9.36 -25.46
C VAL A 602 -17.57 -9.79 -26.84
N ALA A 603 -17.85 -8.81 -27.67
CA ALA A 603 -18.28 -9.08 -29.03
C ALA A 603 -17.26 -10.01 -29.68
N SER A 604 -15.98 -9.68 -29.53
CA SER A 604 -14.88 -10.49 -30.08
C SER A 604 -15.11 -11.99 -29.97
N MET A 605 -14.75 -12.58 -28.83
CA MET A 605 -14.92 -14.00 -28.63
C MET A 605 -16.34 -14.48 -28.91
N ALA A 606 -16.43 -15.60 -29.63
CA ALA A 606 -17.69 -16.20 -29.98
C ALA A 606 -18.51 -16.42 -28.72
N ARG A 607 -19.72 -16.94 -28.88
CA ARG A 607 -20.59 -17.19 -27.75
C ARG A 607 -20.05 -18.27 -26.81
N GLN A 608 -18.77 -18.58 -26.93
CA GLN A 608 -18.14 -19.59 -26.09
C GLN A 608 -16.68 -19.84 -26.44
N ALA A 609 -16.07 -18.93 -27.20
CA ALA A 609 -14.68 -19.10 -27.56
C ALA A 609 -13.95 -19.06 -26.23
N GLY A 610 -12.80 -19.73 -26.12
CA GLY A 610 -12.08 -19.72 -24.87
C GLY A 610 -11.47 -18.38 -24.48
N LEU A 611 -10.36 -18.45 -23.75
CA LEU A 611 -9.64 -17.26 -23.32
C LEU A 611 -8.37 -17.13 -24.16
N ALA A 612 -8.23 -18.04 -25.12
CA ALA A 612 -7.09 -18.12 -26.03
C ALA A 612 -6.41 -16.81 -26.40
N GLU A 613 -7.19 -15.85 -26.84
CA GLU A 613 -6.63 -14.56 -27.27
C GLU A 613 -6.29 -13.56 -26.15
N LEU A 614 -6.77 -13.80 -24.94
CA LEU A 614 -6.51 -12.88 -23.84
C LEU A 614 -5.13 -12.99 -23.22
N THR A 615 -4.56 -11.88 -22.76
CA THR A 615 -3.24 -11.93 -22.14
C THR A 615 -3.33 -12.01 -20.62
N PRO A 616 -2.23 -12.35 -19.94
CA PRO A 616 -2.26 -12.42 -18.48
C PRO A 616 -2.80 -11.10 -17.90
N ILE A 617 -2.35 -9.97 -18.43
CA ILE A 617 -2.81 -8.66 -17.97
C ILE A 617 -4.33 -8.51 -18.15
N ASP A 618 -4.81 -8.91 -19.32
CA ASP A 618 -6.22 -8.86 -19.62
C ASP A 618 -7.01 -9.56 -18.51
N LEU A 619 -6.53 -10.73 -18.10
CA LEU A 619 -7.20 -11.53 -17.09
C LEU A 619 -7.15 -10.91 -15.70
N GLU A 620 -5.99 -10.43 -15.29
CA GLU A 620 -5.83 -9.83 -13.95
C GLU A 620 -6.73 -8.61 -13.82
N VAL A 621 -6.85 -7.86 -14.92
CA VAL A 621 -7.68 -6.67 -14.95
C VAL A 621 -9.18 -6.97 -14.98
N LEU A 622 -9.59 -8.07 -15.62
CA LEU A 622 -11.02 -8.41 -15.68
C LEU A 622 -11.45 -8.87 -14.29
N ALA A 623 -10.50 -9.47 -13.57
CA ALA A 623 -10.76 -9.93 -12.21
C ALA A 623 -10.62 -8.77 -11.21
N ASP A 624 -9.84 -7.75 -11.57
CA ASP A 624 -9.61 -6.63 -10.66
C ASP A 624 -9.29 -5.34 -11.42
N PRO A 625 -10.32 -4.66 -11.91
CA PRO A 625 -10.17 -3.40 -12.67
C PRO A 625 -9.30 -2.38 -11.93
N ASN A 626 -9.24 -2.52 -10.62
CA ASN A 626 -8.48 -1.60 -9.80
C ASN A 626 -7.01 -1.55 -10.20
N LYS A 627 -6.50 -2.66 -10.71
CA LYS A 627 -5.12 -2.75 -11.13
C LYS A 627 -4.85 -1.81 -12.30
N LEU A 628 -5.92 -1.43 -12.98
CA LEU A 628 -5.85 -0.53 -14.12
C LEU A 628 -5.78 0.87 -13.54
N GLN A 629 -5.81 0.96 -12.21
CA GLN A 629 -5.80 2.23 -11.52
C GLN A 629 -4.52 2.50 -10.75
N TYR A 630 -3.60 1.55 -10.74
CA TYR A 630 -2.36 1.75 -10.01
C TYR A 630 -1.22 0.91 -10.55
N LYS A 631 -1.54 -0.07 -11.38
CA LYS A 631 -0.52 -0.96 -11.93
C LYS A 631 -0.30 -0.77 -13.43
N TRP A 632 -1.37 -0.90 -14.20
CA TRP A 632 -1.30 -0.76 -15.64
C TRP A 632 -2.11 0.41 -16.18
N THR A 633 -1.94 0.66 -17.47
CA THR A 633 -2.65 1.73 -18.13
C THR A 633 -3.42 1.15 -19.31
N GLU A 634 -4.42 1.88 -19.78
CA GLU A 634 -5.26 1.44 -20.88
C GLU A 634 -4.52 0.75 -22.02
N ALA A 635 -3.35 1.26 -22.35
CA ALA A 635 -2.61 0.71 -23.45
C ALA A 635 -2.08 -0.71 -23.20
N ASP A 636 -2.09 -1.15 -21.95
CA ASP A 636 -1.57 -2.48 -21.66
C ASP A 636 -2.63 -3.56 -21.80
N VAL A 637 -3.86 -3.15 -22.01
CA VAL A 637 -4.99 -4.07 -22.13
C VAL A 637 -5.51 -4.22 -23.55
N SER A 638 -5.72 -5.47 -23.98
CA SER A 638 -6.28 -5.71 -25.31
C SER A 638 -7.47 -4.74 -25.50
N ALA A 639 -7.60 -4.17 -26.69
CA ALA A 639 -8.66 -3.21 -26.94
C ALA A 639 -10.08 -3.73 -26.70
N ASN A 640 -10.39 -4.93 -27.17
CA ASN A 640 -11.73 -5.46 -26.98
C ASN A 640 -12.06 -5.71 -25.50
N ILE A 641 -11.03 -5.87 -24.67
CA ILE A 641 -11.25 -6.08 -23.24
C ILE A 641 -11.42 -4.74 -22.55
N HIS A 642 -10.66 -3.73 -22.97
CA HIS A 642 -10.76 -2.41 -22.38
C HIS A 642 -12.18 -1.89 -22.57
N GLU A 643 -12.75 -2.16 -23.74
CA GLU A 643 -14.13 -1.75 -24.05
C GLU A 643 -15.14 -2.33 -23.05
N VAL A 644 -14.80 -3.46 -22.45
CA VAL A 644 -15.68 -4.10 -21.48
C VAL A 644 -15.83 -3.23 -20.24
N LEU A 645 -14.71 -2.68 -19.80
CA LEU A 645 -14.65 -1.88 -18.61
C LEU A 645 -14.88 -0.38 -18.74
N MET A 646 -14.65 0.17 -19.93
CA MET A 646 -14.80 1.60 -20.13
C MET A 646 -15.63 1.97 -21.34
N HIS A 647 -16.13 3.20 -21.33
CA HIS A 647 -16.88 3.72 -22.44
C HIS A 647 -16.28 5.09 -22.72
N GLY A 648 -16.26 5.51 -23.98
CA GLY A 648 -15.69 6.80 -24.28
C GLY A 648 -16.59 7.89 -24.82
N VAL A 649 -16.12 9.12 -24.68
CA VAL A 649 -16.84 10.28 -25.21
C VAL A 649 -16.29 10.50 -26.63
N SER A 650 -17.10 11.03 -27.54
CA SER A 650 -16.68 11.27 -28.92
C SER A 650 -15.29 11.91 -29.09
N VAL A 651 -14.52 11.36 -30.02
CA VAL A 651 -13.18 11.85 -30.30
C VAL A 651 -13.21 13.28 -30.85
N GLU A 652 -14.27 13.59 -31.61
CA GLU A 652 -14.44 14.91 -32.20
C GLU A 652 -14.61 15.94 -31.11
N LYS A 653 -15.35 15.59 -30.07
CA LYS A 653 -15.58 16.53 -29.01
C LYS A 653 -14.37 16.79 -28.12
N THR A 654 -13.61 15.76 -27.81
CA THR A 654 -12.46 15.99 -26.93
C THR A 654 -11.39 16.68 -27.76
N GLU A 655 -11.37 16.38 -29.03
CA GLU A 655 -10.39 16.98 -29.93
C GLU A 655 -10.64 18.48 -29.98
N ARG A 656 -11.90 18.86 -30.12
CA ARG A 656 -12.25 20.28 -30.14
C ARG A 656 -11.91 20.91 -28.80
N PHE A 657 -12.16 20.18 -27.71
CA PHE A 657 -11.85 20.68 -26.37
C PHE A 657 -10.34 20.90 -26.17
N LEU A 658 -9.54 19.92 -26.54
CA LEU A 658 -8.11 20.02 -26.35
C LEU A 658 -7.52 21.19 -27.12
N ARG A 659 -7.98 21.34 -28.35
CA ARG A 659 -7.51 22.41 -29.21
C ARG A 659 -7.65 23.77 -28.53
N SER A 660 -8.74 23.97 -27.81
CA SER A 660 -8.98 25.24 -27.13
C SER A 660 -8.18 25.37 -25.83
N VAL A 661 -7.68 24.25 -25.33
CA VAL A 661 -6.93 24.28 -24.08
C VAL A 661 -5.44 24.50 -24.28
N MET A 662 -4.85 23.65 -25.11
CA MET A 662 -3.42 23.69 -25.34
C MET A 662 -2.88 24.92 -26.04
N PRO A 663 -1.56 25.13 -25.90
CA PRO A 663 -0.85 26.27 -26.49
C PRO A 663 -1.08 26.42 -27.99
N ARG A 664 -1.43 27.63 -28.38
CA ARG A 664 -1.68 27.97 -29.78
C ARG A 664 -0.39 27.73 -30.59
N PRO B 1 -42.08 -53.49 20.96
CA PRO B 1 -41.61 -54.19 19.75
C PRO B 1 -40.10 -54.16 19.53
N ARG B 2 -39.33 -53.98 20.62
CA ARG B 2 -37.86 -53.98 20.53
C ARG B 2 -37.27 -52.85 19.67
N ARG B 3 -36.40 -52.05 20.25
CA ARG B 3 -35.80 -51.01 19.44
C ARG B 3 -34.77 -51.73 18.60
N ALA B 4 -34.47 -51.19 17.43
CA ALA B 4 -33.47 -51.79 16.58
C ALA B 4 -32.11 -51.40 17.16
N PRO B 5 -31.13 -52.30 17.07
CA PRO B 5 -29.79 -52.01 17.59
C PRO B 5 -29.19 -50.90 16.70
N ALA B 6 -28.37 -50.04 17.28
CA ALA B 6 -27.73 -48.98 16.53
C ALA B 6 -26.25 -48.93 16.92
N PHE B 7 -25.36 -48.74 15.95
CA PHE B 7 -23.92 -48.67 16.24
C PHE B 7 -23.29 -47.45 15.62
N PRO B 8 -22.45 -46.74 16.37
CA PRO B 8 -21.78 -45.54 15.85
C PRO B 8 -20.70 -46.01 14.88
N LEU B 9 -20.29 -45.13 13.96
CA LEU B 9 -19.25 -45.50 12.99
C LEU B 9 -18.03 -46.14 13.66
N SER B 10 -17.70 -45.68 14.85
CA SER B 10 -16.51 -46.21 15.54
C SER B 10 -16.63 -47.67 15.94
N ASP B 11 -17.86 -48.18 16.00
CA ASP B 11 -18.06 -49.58 16.35
C ASP B 11 -17.55 -50.54 15.28
N ILE B 12 -16.92 -51.64 15.70
CA ILE B 12 -16.41 -52.61 14.74
C ILE B 12 -17.48 -53.08 13.74
N LYS B 13 -18.75 -53.11 14.15
CA LYS B 13 -19.81 -53.52 13.22
C LYS B 13 -19.98 -52.53 12.08
N ALA B 14 -19.84 -51.24 12.36
CA ALA B 14 -19.92 -50.25 11.29
C ALA B 14 -18.60 -50.28 10.48
N GLN B 15 -17.46 -50.29 11.19
CA GLN B 15 -16.14 -50.30 10.54
C GLN B 15 -16.02 -51.38 9.46
N MET B 16 -16.57 -52.56 9.74
CA MET B 16 -16.53 -53.68 8.82
C MET B 16 -17.31 -53.46 7.52
N LEU B 17 -18.13 -52.40 7.47
CA LEU B 17 -18.91 -52.08 6.27
C LEU B 17 -18.05 -51.35 5.25
N PHE B 18 -16.91 -50.83 5.71
CA PHE B 18 -16.05 -50.07 4.83
C PHE B 18 -14.66 -50.69 4.66
N ALA B 19 -14.34 -51.07 3.45
CA ALA B 19 -13.04 -51.64 3.15
C ALA B 19 -11.89 -50.65 3.43
N ASN B 20 -10.68 -51.20 3.40
CA ASN B 20 -9.47 -50.45 3.66
C ASN B 20 -8.93 -49.70 2.43
N ASN B 21 -9.71 -48.75 1.90
CA ASN B 21 -9.30 -47.92 0.78
C ASN B 21 -9.91 -46.56 1.05
N ILE B 22 -9.37 -45.51 0.43
CA ILE B 22 -9.82 -44.15 0.64
C ILE B 22 -11.27 -43.84 0.34
N LYS B 23 -11.77 -44.35 -0.78
CA LYS B 23 -13.16 -44.11 -1.17
C LYS B 23 -14.09 -44.62 -0.08
N ALA B 24 -13.90 -45.89 0.29
CA ALA B 24 -14.76 -46.49 1.30
C ALA B 24 -14.66 -45.74 2.62
N GLN B 25 -13.42 -45.44 3.04
CA GLN B 25 -13.26 -44.70 4.27
C GLN B 25 -13.93 -43.34 4.20
N GLN B 26 -13.74 -42.61 3.11
CA GLN B 26 -14.40 -41.32 2.96
C GLN B 26 -15.91 -41.44 2.97
N ALA B 27 -16.42 -42.50 2.34
CA ALA B 27 -17.87 -42.66 2.27
C ALA B 27 -18.43 -42.82 3.66
N SER B 28 -17.68 -43.51 4.53
CA SER B 28 -18.16 -43.75 5.90
C SER B 28 -18.23 -42.47 6.71
N LYS B 29 -17.31 -41.57 6.42
CA LYS B 29 -17.20 -40.29 7.12
C LYS B 29 -17.82 -39.06 6.47
N ARG B 30 -18.21 -39.13 5.20
CA ARG B 30 -18.76 -37.94 4.56
C ARG B 30 -19.78 -37.21 5.42
N SER B 31 -19.53 -35.93 5.65
CA SER B 31 -20.43 -35.10 6.46
C SER B 31 -21.45 -34.41 5.57
N PHE B 32 -22.41 -33.75 6.23
CA PHE B 32 -23.45 -33.02 5.57
C PHE B 32 -22.82 -32.04 4.58
N LYS B 33 -23.41 -31.97 3.39
CA LYS B 33 -22.91 -31.09 2.35
C LYS B 33 -24.08 -30.38 1.64
N GLU B 34 -23.84 -29.15 1.19
CA GLU B 34 -24.85 -28.40 0.45
C GLU B 34 -24.19 -27.27 -0.38
N GLY B 35 -24.87 -26.86 -1.44
CA GLY B 35 -24.35 -25.83 -2.31
C GLY B 35 -25.16 -25.73 -3.59
N ALA B 36 -25.15 -24.58 -4.22
CA ALA B 36 -25.90 -24.43 -5.46
C ALA B 36 -25.49 -25.49 -6.46
N ILE B 37 -26.43 -26.02 -7.24
CA ILE B 37 -26.03 -26.97 -8.27
C ILE B 37 -25.74 -26.15 -9.53
N GLU B 38 -24.92 -26.70 -10.43
CA GLU B 38 -24.65 -26.01 -11.67
C GLU B 38 -25.77 -26.49 -12.61
N THR B 39 -26.88 -25.75 -12.60
CA THR B 39 -28.09 -26.07 -13.40
C THR B 39 -27.76 -26.41 -14.87
N TYR B 40 -26.96 -25.53 -15.50
CA TYR B 40 -26.46 -25.73 -16.85
C TYR B 40 -25.01 -25.24 -16.79
N GLU B 41 -24.18 -25.61 -17.75
CA GLU B 41 -22.78 -25.17 -17.70
C GLU B 41 -22.74 -23.67 -17.45
N GLY B 42 -21.98 -23.25 -16.45
CA GLY B 42 -21.87 -21.83 -16.14
C GLY B 42 -23.03 -21.18 -15.42
N LEU B 43 -24.10 -21.91 -15.11
CA LEU B 43 -25.24 -21.28 -14.44
C LEU B 43 -25.55 -21.97 -13.13
N LEU B 44 -25.45 -21.24 -12.03
CA LEU B 44 -25.76 -21.79 -10.72
C LEU B 44 -27.26 -21.60 -10.47
N SER B 45 -27.84 -22.56 -9.78
CA SER B 45 -29.26 -22.56 -9.46
C SER B 45 -29.67 -21.36 -8.61
N VAL B 46 -28.72 -20.71 -7.94
CA VAL B 46 -29.10 -19.52 -7.15
C VAL B 46 -28.69 -18.21 -7.76
N ASP B 47 -28.31 -18.24 -9.04
CA ASP B 47 -27.93 -17.05 -9.78
C ASP B 47 -29.11 -16.05 -9.71
N PRO B 48 -28.84 -14.81 -9.28
CA PRO B 48 -29.92 -13.81 -9.19
C PRO B 48 -30.79 -13.68 -10.45
N ARG B 49 -30.22 -13.81 -11.65
CA ARG B 49 -31.07 -13.69 -12.84
C ARG B 49 -31.97 -14.93 -12.98
N PHE B 50 -31.45 -16.10 -12.61
CA PHE B 50 -32.20 -17.35 -12.72
C PHE B 50 -33.38 -17.37 -11.71
N LEU B 51 -33.14 -16.94 -10.48
CA LEU B 51 -34.20 -16.90 -9.48
C LEU B 51 -35.25 -15.85 -9.86
N SER B 52 -34.80 -14.76 -10.46
CA SER B 52 -35.72 -13.69 -10.90
C SER B 52 -36.59 -14.29 -12.02
N PHE B 53 -35.95 -15.02 -12.93
CA PHE B 53 -36.66 -15.67 -14.00
C PHE B 53 -37.74 -16.61 -13.42
N LYS B 54 -37.35 -17.44 -12.46
CA LYS B 54 -38.28 -18.38 -11.84
C LYS B 54 -39.36 -17.66 -11.06
N ASN B 55 -39.02 -16.55 -10.42
CA ASN B 55 -40.04 -15.82 -9.69
C ASN B 55 -41.12 -15.30 -10.67
N GLU B 56 -40.68 -14.63 -11.74
CA GLU B 56 -41.63 -14.09 -12.73
C GLU B 56 -42.46 -15.19 -13.45
N LEU B 57 -41.79 -16.21 -13.98
CA LEU B 57 -42.47 -17.27 -14.71
C LEU B 57 -43.51 -18.01 -13.87
N SER B 58 -43.13 -18.39 -12.65
CA SER B 58 -44.03 -19.12 -11.77
C SER B 58 -45.27 -18.31 -11.38
N ARG B 59 -45.10 -17.02 -11.13
CA ARG B 59 -46.28 -16.22 -10.79
C ARG B 59 -47.17 -16.04 -12.01
N TYR B 60 -46.55 -15.78 -13.16
CA TYR B 60 -47.30 -15.54 -14.40
C TYR B 60 -48.10 -16.77 -14.83
N LEU B 61 -47.45 -17.92 -14.92
CA LEU B 61 -48.13 -19.14 -15.32
C LEU B 61 -49.28 -19.51 -14.39
N THR B 62 -49.04 -19.40 -13.09
CA THR B 62 -50.07 -19.71 -12.12
C THR B 62 -51.28 -18.78 -12.29
N ASP B 63 -51.03 -17.49 -12.41
CA ASP B 63 -52.11 -16.52 -12.57
C ASP B 63 -52.88 -16.76 -13.88
N HIS B 64 -52.16 -16.95 -14.99
CA HIS B 64 -52.81 -17.14 -16.28
C HIS B 64 -53.31 -18.54 -16.58
N PHE B 65 -52.75 -19.55 -15.94
CA PHE B 65 -53.22 -20.90 -16.23
C PHE B 65 -53.58 -21.68 -14.99
N PRO B 66 -54.64 -21.26 -14.30
CA PRO B 66 -55.08 -21.93 -13.08
C PRO B 66 -55.42 -23.39 -13.39
N ALA B 67 -55.28 -24.25 -12.38
CA ALA B 67 -55.55 -25.67 -12.57
C ALA B 67 -56.98 -25.94 -13.03
N ASN B 68 -57.14 -26.94 -13.89
CA ASN B 68 -58.44 -27.36 -14.41
C ASN B 68 -58.62 -28.83 -14.03
N VAL B 69 -59.10 -29.07 -12.81
CA VAL B 69 -59.31 -30.43 -12.34
C VAL B 69 -60.69 -30.48 -11.71
N ASP B 70 -61.54 -31.43 -12.10
CA ASP B 70 -62.86 -31.45 -11.47
C ASP B 70 -62.93 -32.14 -10.10
N GLU B 71 -64.13 -32.23 -9.54
CA GLU B 71 -64.34 -32.81 -8.22
C GLU B 71 -63.89 -34.26 -8.11
N TYR B 72 -63.75 -34.91 -9.26
CA TYR B 72 -63.31 -36.29 -9.29
C TYR B 72 -61.82 -36.41 -9.64
N GLY B 73 -61.11 -35.29 -9.63
CA GLY B 73 -59.68 -35.33 -9.92
C GLY B 73 -59.31 -35.52 -11.37
N ARG B 74 -60.26 -35.35 -12.29
CA ARG B 74 -59.92 -35.51 -13.70
C ARG B 74 -59.51 -34.16 -14.23
N VAL B 75 -58.43 -34.12 -14.99
CA VAL B 75 -58.08 -32.82 -15.49
C VAL B 75 -58.76 -32.66 -16.84
N TYR B 76 -59.06 -31.42 -17.18
CA TYR B 76 -59.70 -31.10 -18.44
C TYR B 76 -59.15 -29.72 -18.80
N GLY B 77 -59.65 -29.15 -19.89
CA GLY B 77 -59.25 -27.82 -20.31
C GLY B 77 -57.79 -27.59 -20.62
N ASN B 78 -57.15 -26.69 -19.87
CA ASN B 78 -55.74 -26.35 -20.11
C ASN B 78 -54.74 -27.44 -19.75
N GLY B 79 -55.22 -28.54 -19.16
CA GLY B 79 -54.32 -29.65 -18.84
C GLY B 79 -53.35 -29.41 -17.69
N VAL B 80 -53.63 -28.38 -16.91
CA VAL B 80 -52.83 -27.99 -15.76
C VAL B 80 -53.50 -28.57 -14.51
N ARG B 81 -52.72 -29.18 -13.62
CA ARG B 81 -53.36 -29.73 -12.43
C ARG B 81 -53.00 -29.04 -11.14
N THR B 82 -52.07 -28.09 -11.19
CA THR B 82 -51.72 -27.36 -9.99
C THR B 82 -50.99 -26.08 -10.35
N ASN B 83 -50.60 -25.31 -9.34
CA ASN B 83 -49.89 -24.05 -9.58
C ASN B 83 -48.47 -24.38 -10.07
N PHE B 84 -47.74 -23.36 -10.47
CA PHE B 84 -46.39 -23.59 -10.99
C PHE B 84 -45.30 -23.16 -10.00
N PHE B 85 -45.68 -23.01 -8.74
CA PHE B 85 -44.74 -22.55 -7.72
C PHE B 85 -43.72 -23.59 -7.29
N GLY B 86 -43.94 -24.83 -7.72
CA GLY B 86 -43.02 -25.89 -7.39
C GLY B 86 -41.55 -25.63 -7.74
N MET B 87 -41.32 -24.72 -8.70
CA MET B 87 -39.97 -24.39 -9.14
C MET B 87 -39.22 -23.43 -8.22
N ARG B 88 -39.90 -22.87 -7.21
CA ARG B 88 -39.28 -21.91 -6.30
C ARG B 88 -38.40 -22.50 -5.19
N HIS B 89 -37.42 -23.32 -5.54
CA HIS B 89 -36.50 -23.87 -4.54
C HIS B 89 -35.07 -23.49 -4.86
N MET B 90 -34.22 -23.40 -3.84
CA MET B 90 -32.81 -23.07 -4.03
C MET B 90 -32.14 -24.41 -4.22
N ASN B 91 -32.19 -24.94 -5.45
CA ASN B 91 -31.66 -26.28 -5.75
C ASN B 91 -30.22 -26.50 -5.29
N GLY B 92 -30.04 -27.55 -4.51
CA GLY B 92 -28.73 -27.85 -3.97
C GLY B 92 -28.68 -27.59 -2.47
N PHE B 93 -29.67 -26.85 -1.94
CA PHE B 93 -29.71 -26.56 -0.50
C PHE B 93 -30.93 -27.31 0.08
N PRO B 94 -30.67 -28.36 0.87
CA PRO B 94 -31.77 -29.15 1.44
C PRO B 94 -32.50 -28.66 2.68
N MET B 95 -33.71 -29.19 2.86
CA MET B 95 -34.51 -28.93 4.05
C MET B 95 -33.64 -29.56 5.16
N ILE B 96 -33.75 -29.05 6.38
CA ILE B 96 -32.96 -29.61 7.48
C ILE B 96 -33.89 -29.97 8.64
N PRO B 97 -33.82 -31.19 9.16
CA PRO B 97 -32.93 -32.29 8.76
C PRO B 97 -33.70 -33.19 7.81
N ALA B 98 -33.01 -34.12 7.16
CA ALA B 98 -33.66 -35.10 6.29
C ALA B 98 -34.10 -36.15 7.32
N THR B 99 -34.86 -37.15 6.91
CA THR B 99 -35.34 -38.14 7.88
C THR B 99 -34.36 -39.26 8.17
N TRP B 100 -34.53 -39.88 9.33
CA TRP B 100 -33.73 -41.05 9.64
C TRP B 100 -34.71 -42.12 9.17
N PRO B 101 -34.23 -43.11 8.42
CA PRO B 101 -35.13 -44.16 7.94
C PRO B 101 -35.65 -45.08 9.04
N LEU B 102 -36.97 -45.30 9.08
CA LEU B 102 -37.62 -46.16 10.06
C LEU B 102 -37.02 -47.57 10.04
N ALA B 103 -36.50 -48.07 11.16
CA ALA B 103 -35.94 -49.43 11.17
C ALA B 103 -37.01 -50.50 11.05
N SER B 104 -38.22 -50.17 11.50
CA SER B 104 -39.35 -51.11 11.44
C SER B 104 -40.65 -50.41 11.09
N ASN B 105 -41.37 -50.92 10.08
CA ASN B 105 -42.64 -50.30 9.69
C ASN B 105 -43.86 -51.06 10.23
N LEU B 106 -43.65 -52.01 11.13
CA LEU B 106 -44.79 -52.80 11.65
C LEU B 106 -45.84 -51.97 12.33
N LYS B 107 -45.41 -51.06 13.19
CA LYS B 107 -46.33 -50.21 13.91
C LYS B 107 -46.96 -49.15 12.97
N LYS B 108 -46.17 -48.69 12.00
CA LYS B 108 -46.65 -47.70 11.06
C LYS B 108 -47.85 -48.32 10.31
N ARG B 109 -47.69 -49.57 9.83
CA ARG B 109 -48.77 -50.25 9.12
C ARG B 109 -49.96 -50.50 10.04
N ALA B 110 -49.71 -51.02 11.24
CA ALA B 110 -50.80 -51.30 12.17
C ALA B 110 -51.59 -50.05 12.53
N ASP B 111 -50.89 -48.97 12.82
CA ASP B 111 -51.57 -47.75 13.19
C ASP B 111 -52.33 -47.18 12.01
N ALA B 112 -51.93 -47.55 10.79
CA ALA B 112 -52.62 -47.03 9.62
C ALA B 112 -53.74 -47.97 9.21
N ASP B 113 -53.97 -48.99 10.04
CA ASP B 113 -55.01 -49.96 9.78
C ASP B 113 -54.80 -50.85 8.56
N LEU B 114 -53.53 -51.16 8.28
CA LEU B 114 -53.19 -52.01 7.16
C LEU B 114 -52.96 -53.41 7.73
N ALA B 115 -53.27 -54.42 6.92
CA ALA B 115 -53.14 -55.79 7.36
C ALA B 115 -51.70 -56.33 7.44
N ASP B 116 -51.49 -57.27 8.35
CA ASP B 116 -50.17 -57.86 8.55
C ASP B 116 -50.04 -59.19 7.82
N GLY B 117 -50.83 -59.38 6.76
CA GLY B 117 -50.79 -60.60 5.98
C GLY B 117 -51.99 -60.66 5.05
N PRO B 118 -52.05 -61.64 4.13
CA PRO B 118 -53.21 -61.71 3.22
C PRO B 118 -54.44 -61.80 4.12
N VAL B 119 -55.49 -61.02 3.89
CA VAL B 119 -56.62 -61.14 4.79
C VAL B 119 -57.54 -62.32 4.49
N SER B 120 -57.58 -62.77 3.22
CA SER B 120 -58.43 -63.89 2.86
C SER B 120 -57.64 -64.94 2.08
N GLU B 121 -58.17 -66.16 1.96
CA GLU B 121 -57.46 -67.21 1.22
C GLU B 121 -57.37 -66.81 -0.26
N ARG B 122 -58.40 -66.12 -0.75
CA ARG B 122 -58.41 -65.66 -2.15
C ARG B 122 -57.21 -64.72 -2.40
N ASP B 123 -57.00 -63.76 -1.50
CA ASP B 123 -55.88 -62.83 -1.62
C ASP B 123 -54.56 -63.58 -1.56
N ASN B 124 -54.46 -64.54 -0.65
CA ASN B 124 -53.26 -65.33 -0.54
C ASN B 124 -52.97 -66.03 -1.87
N LEU B 125 -54.00 -66.57 -2.52
CA LEU B 125 -53.79 -67.27 -3.78
C LEU B 125 -53.33 -66.34 -4.89
N LEU B 126 -53.87 -65.12 -4.89
CA LEU B 126 -53.56 -64.13 -5.92
C LEU B 126 -52.10 -63.61 -5.78
N PHE B 127 -51.68 -63.26 -4.56
CA PHE B 127 -50.30 -62.79 -4.37
C PHE B 127 -49.37 -63.91 -4.86
N ARG B 128 -49.62 -65.13 -4.42
CA ARG B 128 -48.80 -66.28 -4.83
C ARG B 128 -48.90 -66.56 -6.32
N ALA B 129 -50.07 -66.33 -6.91
CA ALA B 129 -50.23 -66.55 -8.35
C ALA B 129 -49.31 -65.55 -9.07
N ALA B 130 -49.21 -64.35 -8.50
CA ALA B 130 -48.36 -63.30 -9.07
C ALA B 130 -46.92 -63.77 -9.13
N VAL B 131 -46.45 -64.38 -8.05
CA VAL B 131 -45.10 -64.90 -8.02
C VAL B 131 -44.92 -65.99 -9.08
N ARG B 132 -45.95 -66.82 -9.28
CA ARG B 132 -45.83 -67.90 -10.27
C ARG B 132 -45.80 -67.39 -11.69
N LEU B 133 -46.63 -66.42 -12.02
CA LEU B 133 -46.63 -65.92 -13.38
C LEU B 133 -45.37 -65.08 -13.67
N MET B 134 -44.88 -64.36 -12.65
CA MET B 134 -43.70 -63.51 -12.84
C MET B 134 -42.34 -64.19 -12.87
N PHE B 135 -42.16 -65.24 -12.06
CA PHE B 135 -40.86 -65.90 -11.99
C PHE B 135 -40.72 -67.23 -12.69
N SER B 136 -41.66 -67.55 -13.56
CA SER B 136 -41.62 -68.83 -14.27
C SER B 136 -41.23 -68.64 -15.72
N ASP B 137 -40.56 -69.65 -16.27
CA ASP B 137 -40.13 -69.65 -17.66
C ASP B 137 -39.38 -68.39 -18.08
N LEU B 138 -38.38 -68.04 -17.28
CA LEU B 138 -37.54 -66.88 -17.52
C LEU B 138 -36.39 -67.18 -18.48
N GLU B 139 -36.08 -66.23 -19.36
CA GLU B 139 -34.97 -66.39 -20.29
C GLU B 139 -33.77 -65.60 -19.77
N PRO B 140 -32.58 -66.22 -19.73
CA PRO B 140 -31.39 -65.53 -19.24
C PRO B 140 -30.93 -64.42 -20.19
N VAL B 141 -30.45 -63.33 -19.61
CA VAL B 141 -29.92 -62.21 -20.39
C VAL B 141 -28.68 -61.74 -19.66
N PRO B 142 -27.83 -60.96 -20.34
CA PRO B 142 -26.66 -60.54 -19.57
C PRO B 142 -27.01 -59.49 -18.50
N LEU B 143 -26.25 -59.52 -17.40
CA LEU B 143 -26.45 -58.57 -16.31
C LEU B 143 -25.87 -57.23 -16.76
N LYS B 144 -26.69 -56.19 -16.82
CA LYS B 144 -26.23 -54.86 -17.24
C LYS B 144 -25.91 -53.98 -16.03
N ILE B 145 -24.86 -53.17 -16.18
CA ILE B 145 -24.38 -52.29 -15.10
C ILE B 145 -24.29 -50.83 -15.55
N ARG B 146 -24.86 -49.92 -14.76
CA ARG B 146 -24.82 -48.50 -15.06
C ARG B 146 -23.36 -48.00 -14.97
N LYS B 147 -22.87 -47.33 -16.01
CA LYS B 147 -21.50 -46.82 -15.99
C LYS B 147 -21.35 -45.72 -14.96
N GLY B 148 -20.26 -45.78 -14.19
CA GLY B 148 -20.03 -44.78 -13.16
C GLY B 148 -20.76 -45.01 -11.83
N SER B 149 -21.63 -46.01 -11.76
CA SER B 149 -22.36 -46.28 -10.51
C SER B 149 -21.40 -46.89 -9.50
N SER B 150 -21.68 -46.69 -8.23
CA SER B 150 -20.84 -47.22 -7.17
C SER B 150 -21.28 -48.61 -6.71
N THR B 151 -20.32 -49.40 -6.23
CA THR B 151 -20.58 -50.73 -5.71
C THR B 151 -20.98 -50.64 -4.24
N CYS B 152 -20.90 -49.45 -3.67
CA CYS B 152 -21.26 -49.22 -2.29
C CYS B 152 -20.56 -50.20 -1.31
N ILE B 153 -21.22 -50.61 -0.24
CA ILE B 153 -20.58 -51.47 0.75
C ILE B 153 -20.09 -52.79 0.20
N PRO B 154 -18.83 -53.15 0.49
CA PRO B 154 -17.85 -52.43 1.29
C PRO B 154 -16.74 -51.64 0.55
N TYR B 155 -16.61 -51.83 -0.77
CA TYR B 155 -15.55 -51.18 -1.56
C TYR B 155 -15.74 -49.79 -2.10
N PHE B 156 -16.99 -49.42 -2.39
CA PHE B 156 -17.27 -48.11 -2.95
C PHE B 156 -16.37 -47.86 -4.18
N SER B 157 -16.38 -48.79 -5.12
CA SER B 157 -15.63 -48.58 -6.36
C SER B 157 -16.60 -48.08 -7.44
N ASN B 158 -16.12 -47.24 -8.36
CA ASN B 158 -16.92 -46.72 -9.48
C ASN B 158 -16.28 -47.14 -10.81
N ASP B 159 -15.27 -48.00 -10.70
CA ASP B 159 -14.54 -48.51 -11.87
C ASP B 159 -15.26 -49.71 -12.53
N MET B 160 -15.65 -49.54 -13.78
CA MET B 160 -16.38 -50.58 -14.48
C MET B 160 -15.66 -51.92 -14.45
N GLY B 161 -14.34 -51.90 -14.65
CA GLY B 161 -13.60 -53.15 -14.65
C GLY B 161 -13.76 -53.86 -13.32
N THR B 162 -13.69 -53.09 -12.25
CA THR B 162 -13.84 -53.64 -10.93
C THR B 162 -15.27 -54.10 -10.67
N LYS B 163 -16.25 -53.35 -11.16
CA LYS B 163 -17.65 -53.75 -10.95
C LYS B 163 -17.95 -55.07 -11.68
N ILE B 164 -17.43 -55.23 -12.89
CA ILE B 164 -17.66 -56.44 -13.66
C ILE B 164 -17.09 -57.63 -12.92
N GLU B 165 -15.89 -57.47 -12.35
CA GLU B 165 -15.24 -58.57 -11.61
C GLU B 165 -16.06 -58.91 -10.38
N ILE B 166 -16.46 -57.89 -9.61
CA ILE B 166 -17.28 -58.10 -8.44
C ILE B 166 -18.56 -58.85 -8.84
N ALA B 167 -19.21 -58.43 -9.92
CA ALA B 167 -20.44 -59.08 -10.35
C ALA B 167 -20.23 -60.53 -10.80
N GLU B 168 -19.17 -60.79 -11.56
CA GLU B 168 -18.92 -62.14 -12.02
C GLU B 168 -18.55 -63.03 -10.83
N ARG B 169 -17.73 -62.50 -9.92
CA ARG B 169 -17.35 -63.25 -8.74
C ARG B 169 -18.60 -63.55 -7.89
N ALA B 170 -19.50 -62.57 -7.80
CA ALA B 170 -20.72 -62.74 -7.02
C ALA B 170 -21.62 -63.82 -7.63
N LEU B 171 -21.76 -63.85 -8.95
CA LEU B 171 -22.62 -64.89 -9.55
C LEU B 171 -22.02 -66.26 -9.30
N GLU B 172 -20.71 -66.30 -9.18
CA GLU B 172 -20.00 -67.54 -8.95
C GLU B 172 -20.09 -68.07 -7.53
N LYS B 173 -20.07 -67.16 -6.56
CA LYS B 173 -20.09 -67.52 -5.15
C LYS B 173 -21.42 -67.34 -4.39
N ALA B 174 -22.45 -66.90 -5.10
CA ALA B 174 -23.78 -66.67 -4.53
C ALA B 174 -24.34 -67.90 -3.82
N GLU B 175 -24.21 -69.04 -4.47
CA GLU B 175 -24.72 -70.29 -3.92
C GLU B 175 -24.06 -70.60 -2.58
N GLU B 176 -22.76 -70.42 -2.53
CA GLU B 176 -22.03 -70.69 -1.31
C GLU B 176 -22.42 -69.66 -0.25
N ALA B 177 -22.56 -68.41 -0.66
CA ALA B 177 -22.94 -67.35 0.27
C ALA B 177 -24.35 -67.62 0.81
N GLY B 178 -25.26 -67.98 -0.08
CA GLY B 178 -26.63 -68.25 0.31
C GLY B 178 -26.73 -69.39 1.30
N ASN B 179 -25.99 -70.47 1.05
CA ASN B 179 -26.03 -71.61 1.94
C ASN B 179 -25.45 -71.21 3.28
N LEU B 180 -24.44 -70.34 3.27
CA LEU B 180 -23.90 -69.88 4.55
C LEU B 180 -25.03 -69.17 5.33
N MET B 181 -25.82 -68.35 4.64
CA MET B 181 -26.91 -67.64 5.31
C MET B 181 -27.96 -68.62 5.82
N LEU B 182 -28.29 -69.63 5.02
CA LEU B 182 -29.26 -70.61 5.45
C LEU B 182 -28.82 -71.25 6.79
N GLN B 183 -27.51 -71.29 7.04
CA GLN B 183 -26.96 -71.84 8.29
C GLN B 183 -26.88 -70.77 9.38
N GLY B 184 -27.42 -69.58 9.11
CA GLY B 184 -27.35 -68.52 10.10
C GLY B 184 -26.01 -67.81 10.16
N LYS B 185 -25.09 -68.15 9.26
CA LYS B 185 -23.75 -67.56 9.21
C LYS B 185 -23.63 -66.33 8.32
N PHE B 186 -24.31 -65.24 8.70
CA PHE B 186 -24.31 -64.02 7.90
C PHE B 186 -22.97 -63.30 7.87
N ASP B 187 -22.27 -63.31 8.99
CA ASP B 187 -20.98 -62.68 9.06
C ASP B 187 -20.04 -63.37 8.11
N ASP B 188 -20.10 -64.70 8.06
CA ASP B 188 -19.24 -65.44 7.16
C ASP B 188 -19.57 -65.09 5.73
N ALA B 189 -20.86 -65.08 5.39
CA ALA B 189 -21.27 -64.75 4.03
C ALA B 189 -20.77 -63.35 3.63
N TYR B 190 -20.87 -62.38 4.54
CA TYR B 190 -20.39 -61.02 4.28
C TYR B 190 -18.86 -60.96 4.16
N GLN B 191 -18.16 -61.53 5.13
CA GLN B 191 -16.70 -61.52 5.12
C GLN B 191 -16.05 -62.21 3.93
N LEU B 192 -16.57 -63.36 3.53
CA LEU B 192 -16.02 -64.09 2.38
C LEU B 192 -16.49 -63.57 1.01
N HIS B 193 -17.76 -63.19 0.91
CA HIS B 193 -18.29 -62.78 -0.37
C HIS B 193 -18.89 -61.39 -0.46
N GLN B 194 -18.80 -60.63 0.63
CA GLN B 194 -19.30 -59.27 0.67
C GLN B 194 -20.81 -59.26 0.41
N MET B 195 -21.48 -60.36 0.74
CA MET B 195 -22.92 -60.42 0.56
C MET B 195 -23.54 -60.23 1.92
N GLY B 196 -24.01 -59.02 2.16
CA GLY B 196 -24.61 -58.70 3.43
C GLY B 196 -24.16 -57.31 3.84
N GLY B 197 -23.96 -57.10 5.14
CA GLY B 197 -23.54 -55.79 5.59
C GLY B 197 -24.69 -54.84 5.79
N ALA B 198 -24.87 -53.90 4.86
CA ALA B 198 -25.92 -52.91 4.99
C ALA B 198 -26.10 -52.12 3.72
N TYR B 199 -27.19 -51.36 3.67
CA TYR B 199 -27.48 -50.45 2.57
C TYR B 199 -26.76 -49.19 3.01
N TYR B 200 -26.28 -48.41 2.05
CA TYR B 200 -25.60 -47.15 2.35
C TYR B 200 -26.63 -46.07 2.01
N VAL B 201 -27.10 -45.34 3.03
CA VAL B 201 -28.14 -44.31 2.85
C VAL B 201 -27.67 -42.99 2.28
N VAL B 202 -28.15 -42.62 1.10
CA VAL B 202 -27.78 -41.36 0.50
C VAL B 202 -29.06 -40.55 0.42
N TYR B 203 -28.96 -39.25 0.62
CA TYR B 203 -30.15 -38.42 0.54
C TYR B 203 -30.21 -37.71 -0.82
N ARG B 204 -31.31 -37.86 -1.53
CA ARG B 204 -31.42 -37.23 -2.83
C ARG B 204 -32.44 -36.12 -2.84
N ALA B 205 -32.23 -35.17 -3.74
CA ALA B 205 -33.12 -34.04 -3.88
C ALA B 205 -34.34 -34.40 -4.73
N GLN B 206 -35.49 -33.91 -4.28
CA GLN B 206 -36.77 -33.98 -4.97
C GLN B 206 -36.80 -32.46 -5.20
N SER B 207 -36.27 -32.05 -6.35
CA SER B 207 -36.09 -30.64 -6.68
C SER B 207 -37.28 -29.74 -6.63
N THR B 208 -38.47 -30.28 -6.87
CA THR B 208 -39.65 -29.45 -6.81
C THR B 208 -40.57 -30.15 -5.80
N ASP B 209 -41.39 -29.38 -5.11
CA ASP B 209 -42.33 -29.90 -4.12
C ASP B 209 -43.37 -28.78 -4.02
N ALA B 210 -44.57 -29.10 -3.57
CA ALA B 210 -45.63 -28.12 -3.47
C ALA B 210 -45.33 -26.86 -2.67
N ILE B 211 -45.85 -25.75 -3.20
CA ILE B 211 -45.76 -24.45 -2.56
C ILE B 211 -47.08 -23.74 -2.91
N THR B 212 -47.69 -23.06 -1.96
CA THR B 212 -48.91 -22.32 -2.25
C THR B 212 -48.73 -20.84 -1.89
N LEU B 213 -49.52 -19.98 -2.54
CA LEU B 213 -49.47 -18.57 -2.26
C LEU B 213 -50.71 -18.24 -1.44
N ASP B 214 -50.52 -17.72 -0.24
CA ASP B 214 -51.65 -17.33 0.62
C ASP B 214 -52.22 -15.98 0.14
N PRO B 215 -53.41 -16.00 -0.50
CA PRO B 215 -54.03 -14.78 -0.98
C PRO B 215 -54.16 -13.71 0.10
N LYS B 216 -54.41 -14.12 1.33
CA LYS B 216 -54.55 -13.20 2.46
C LYS B 216 -53.26 -12.42 2.69
N THR B 217 -52.23 -13.15 3.12
CA THR B 217 -50.93 -12.57 3.42
C THR B 217 -50.07 -12.23 2.22
N GLY B 218 -50.26 -12.91 1.10
CA GLY B 218 -49.41 -12.65 -0.04
C GLY B 218 -48.07 -13.34 0.17
N LYS B 219 -48.00 -14.19 1.18
CA LYS B 219 -46.77 -14.92 1.49
C LYS B 219 -46.86 -16.34 0.94
N PHE B 220 -45.74 -16.91 0.49
CA PHE B 220 -45.73 -18.27 -0.02
C PHE B 220 -45.57 -19.26 1.15
N VAL B 221 -46.16 -20.43 1.01
CA VAL B 221 -46.08 -21.46 2.05
C VAL B 221 -45.62 -22.78 1.46
N SER B 222 -44.50 -23.30 1.94
CA SER B 222 -43.99 -24.57 1.40
C SER B 222 -44.68 -25.74 2.11
N LYS B 223 -44.84 -26.86 1.42
CA LYS B 223 -45.49 -28.00 2.05
C LYS B 223 -44.62 -28.65 3.13
N ASP B 224 -45.20 -28.88 4.30
CA ASP B 224 -44.44 -29.49 5.38
C ASP B 224 -44.11 -30.94 5.05
N ARG B 225 -42.85 -31.30 5.24
CA ARG B 225 -42.42 -32.66 4.99
C ARG B 225 -41.98 -33.24 6.34
N MET B 226 -42.72 -34.23 6.82
CA MET B 226 -42.45 -34.83 8.11
C MET B 226 -41.24 -35.72 8.10
N VAL B 227 -40.41 -35.57 9.13
CA VAL B 227 -39.21 -36.37 9.23
C VAL B 227 -39.10 -36.99 10.61
N ALA B 228 -38.47 -38.15 10.66
CA ALA B 228 -38.30 -38.86 11.91
C ALA B 228 -36.91 -38.64 12.45
N ASP B 229 -36.78 -38.38 13.75
CA ASP B 229 -35.43 -38.26 14.31
C ASP B 229 -34.94 -39.69 14.59
N PHE B 230 -33.71 -39.81 15.10
CA PHE B 230 -33.10 -41.11 15.37
C PHE B 230 -33.95 -42.01 16.31
N GLU B 231 -34.45 -41.44 17.39
CA GLU B 231 -35.24 -42.23 18.34
C GLU B 231 -36.45 -42.81 17.66
N TYR B 232 -37.19 -41.95 16.97
CA TYR B 232 -38.41 -42.39 16.28
C TYR B 232 -38.07 -43.50 15.31
N ALA B 233 -36.99 -43.32 14.55
CA ALA B 233 -36.58 -44.33 13.57
C ALA B 233 -36.23 -45.70 14.11
N VAL B 234 -35.46 -45.76 15.20
CA VAL B 234 -35.07 -47.06 15.75
C VAL B 234 -36.14 -47.72 16.62
N THR B 235 -37.15 -46.97 17.04
CA THR B 235 -38.22 -47.54 17.86
C THR B 235 -39.48 -47.69 17.03
N GLY B 236 -39.34 -47.60 15.72
CA GLY B 236 -40.51 -47.74 14.85
C GLY B 236 -41.61 -46.73 15.13
N GLY B 237 -41.24 -45.62 15.76
CA GLY B 237 -42.21 -44.57 16.06
C GLY B 237 -42.79 -44.63 17.47
N GLU B 238 -42.39 -45.61 18.26
CA GLU B 238 -42.94 -45.71 19.61
C GLU B 238 -42.42 -44.58 20.50
N GLN B 239 -41.24 -44.08 20.19
CA GLN B 239 -40.65 -42.96 20.96
C GLN B 239 -40.05 -42.01 19.94
N GLY B 240 -39.44 -40.94 20.41
CA GLY B 240 -38.84 -39.99 19.49
C GLY B 240 -39.86 -39.05 18.85
N SER B 241 -39.44 -38.32 17.82
CA SER B 241 -40.34 -37.34 17.20
C SER B 241 -40.46 -37.39 15.68
N LEU B 242 -41.67 -37.13 15.21
CA LEU B 242 -41.99 -37.06 13.80
C LEU B 242 -42.36 -35.59 13.68
N PHE B 243 -41.54 -34.82 12.97
CA PHE B 243 -41.80 -33.38 12.85
C PHE B 243 -41.51 -32.83 11.48
N ALA B 244 -41.97 -31.62 11.24
CA ALA B 244 -41.78 -30.96 9.95
C ALA B 244 -40.36 -30.49 9.71
N ALA B 245 -39.70 -30.98 8.66
CA ALA B 245 -38.33 -30.52 8.38
C ALA B 245 -38.42 -29.03 8.05
N SER B 246 -37.35 -28.28 8.28
CA SER B 246 -37.39 -26.85 7.99
C SER B 246 -36.95 -26.57 6.54
N LYS B 247 -37.82 -25.96 5.74
CA LYS B 247 -37.49 -25.61 4.36
C LYS B 247 -37.08 -24.14 4.22
N ASP B 248 -37.16 -23.40 5.32
CA ASP B 248 -36.83 -21.97 5.33
C ASP B 248 -35.40 -21.70 4.82
N ALA B 249 -35.29 -20.88 3.78
CA ALA B 249 -34.01 -20.59 3.15
C ALA B 249 -33.30 -19.30 3.59
N SER B 250 -33.88 -18.58 4.54
CA SER B 250 -33.29 -17.32 5.04
C SER B 250 -31.86 -17.55 5.48
N ARG B 251 -31.63 -18.70 6.09
CA ARG B 251 -30.31 -19.09 6.58
C ARG B 251 -29.22 -18.98 5.52
N LEU B 252 -29.56 -19.16 4.25
CA LEU B 252 -28.59 -19.08 3.16
C LEU B 252 -27.96 -17.69 3.03
N LYS B 253 -28.72 -16.66 3.38
CA LYS B 253 -28.18 -15.30 3.32
C LYS B 253 -27.17 -15.11 4.44
N GLU B 254 -27.59 -15.46 5.64
CA GLU B 254 -26.72 -15.37 6.81
C GLU B 254 -25.49 -16.27 6.75
N GLN B 255 -25.66 -17.50 6.28
CA GLN B 255 -24.54 -18.43 6.19
C GLN B 255 -23.58 -18.20 5.02
N TYR B 256 -24.13 -17.99 3.83
CA TYR B 256 -23.35 -17.88 2.62
C TYR B 256 -23.43 -16.55 1.87
N GLY B 257 -24.21 -15.63 2.42
CA GLY B 257 -24.37 -14.36 1.75
C GLY B 257 -25.13 -14.51 0.44
N ILE B 258 -25.97 -15.53 0.36
CA ILE B 258 -26.72 -15.78 -0.86
C ILE B 258 -28.03 -15.04 -0.73
N ASP B 259 -28.36 -14.23 -1.72
CA ASP B 259 -29.62 -13.49 -1.65
C ASP B 259 -30.79 -14.46 -1.88
N VAL B 260 -31.76 -14.43 -0.98
CA VAL B 260 -32.91 -15.32 -1.10
C VAL B 260 -34.20 -14.54 -1.41
N PRO B 261 -34.75 -14.68 -2.61
CA PRO B 261 -35.97 -13.94 -2.90
C PRO B 261 -37.14 -14.49 -2.07
N ASP B 262 -38.11 -13.63 -1.78
CA ASP B 262 -39.27 -14.04 -1.00
C ASP B 262 -39.99 -15.22 -1.68
N GLY B 263 -40.41 -16.19 -0.90
CA GLY B 263 -41.09 -17.34 -1.49
C GLY B 263 -40.22 -18.41 -2.17
N PHE B 264 -38.95 -18.48 -1.80
CA PHE B 264 -38.06 -19.50 -2.36
C PHE B 264 -37.61 -20.34 -1.17
N PHE B 265 -37.63 -21.66 -1.32
CA PHE B 265 -37.29 -22.55 -0.20
C PHE B 265 -36.18 -23.61 -0.42
N CYS B 266 -35.72 -24.22 0.68
CA CYS B 266 -34.73 -25.28 0.53
C CYS B 266 -35.52 -26.49 0.00
N GLU B 267 -34.83 -27.39 -0.69
CA GLU B 267 -35.44 -28.56 -1.31
C GLU B 267 -35.80 -29.72 -0.40
N ARG B 268 -36.80 -30.46 -0.85
CA ARG B 268 -37.22 -31.65 -0.14
C ARG B 268 -36.13 -32.68 -0.39
N ARG B 269 -35.76 -33.43 0.64
CA ARG B 269 -34.76 -34.46 0.47
C ARG B 269 -35.38 -35.79 0.85
N ARG B 270 -35.07 -36.82 0.08
CA ARG B 270 -35.63 -38.14 0.30
C ARG B 270 -34.49 -39.13 0.45
N THR B 271 -34.75 -40.15 1.25
CA THR B 271 -33.77 -41.18 1.47
C THR B 271 -33.67 -42.10 0.26
N ALA B 272 -32.45 -42.45 -0.10
CA ALA B 272 -32.19 -43.36 -1.21
C ALA B 272 -31.18 -44.33 -0.64
N MET B 273 -31.15 -45.55 -1.15
CA MET B 273 -30.25 -46.53 -0.59
C MET B 273 -29.41 -47.27 -1.59
N GLY B 274 -28.11 -47.28 -1.35
CA GLY B 274 -27.19 -47.97 -2.24
C GLY B 274 -26.96 -49.36 -1.71
N GLY B 275 -27.30 -50.37 -2.50
CA GLY B 275 -27.13 -51.73 -2.03
C GLY B 275 -25.73 -52.29 -2.17
N PRO B 276 -25.36 -53.27 -1.33
CA PRO B 276 -24.03 -53.89 -1.38
C PRO B 276 -24.03 -54.66 -2.69
N PHE B 277 -23.29 -54.16 -3.67
CA PHE B 277 -23.31 -54.74 -4.99
C PHE B 277 -23.07 -56.24 -5.10
N ALA B 278 -22.24 -56.86 -4.24
CA ALA B 278 -22.06 -58.31 -4.37
C ALA B 278 -23.35 -59.05 -4.09
N LEU B 279 -24.18 -58.50 -3.20
CA LEU B 279 -25.47 -59.11 -2.88
C LEU B 279 -26.51 -58.81 -3.98
N ASN B 280 -26.50 -57.59 -4.49
CA ASN B 280 -27.44 -57.18 -5.53
C ASN B 280 -27.26 -57.83 -6.89
N ALA B 281 -26.01 -58.12 -7.26
CA ALA B 281 -25.72 -58.71 -8.56
C ALA B 281 -26.55 -59.98 -8.85
N PRO B 282 -26.48 -60.99 -7.95
CA PRO B 282 -27.24 -62.22 -8.16
C PRO B 282 -28.76 -62.00 -8.19
N ILE B 283 -29.21 -60.89 -7.59
CA ILE B 283 -30.63 -60.57 -7.58
C ILE B 283 -30.97 -59.90 -8.91
N MET B 284 -30.14 -58.96 -9.35
CA MET B 284 -30.39 -58.29 -10.63
C MET B 284 -30.40 -59.30 -11.79
N ALA B 285 -29.59 -60.35 -11.68
CA ALA B 285 -29.50 -61.36 -12.74
C ALA B 285 -30.83 -62.08 -12.96
N VAL B 286 -31.68 -62.08 -11.94
CA VAL B 286 -32.97 -62.72 -12.06
C VAL B 286 -34.03 -61.68 -12.38
N ALA B 287 -33.84 -60.48 -11.82
CA ALA B 287 -34.79 -59.40 -12.02
C ALA B 287 -35.01 -58.97 -13.47
N GLN B 288 -33.94 -58.85 -14.26
CA GLN B 288 -34.15 -58.40 -15.63
C GLN B 288 -34.96 -59.44 -16.41
N PRO B 289 -34.65 -60.73 -16.22
CA PRO B 289 -35.45 -61.71 -16.96
C PRO B 289 -36.96 -61.59 -16.60
N VAL B 290 -37.26 -61.32 -15.33
CA VAL B 290 -38.65 -61.17 -14.90
C VAL B 290 -39.27 -59.99 -15.64
N ARG B 291 -38.54 -58.87 -15.68
CA ARG B 291 -39.01 -57.69 -16.38
C ARG B 291 -39.31 -58.03 -17.85
N ASN B 292 -38.38 -58.70 -18.51
CA ASN B 292 -38.60 -59.08 -19.90
C ASN B 292 -39.86 -59.93 -20.06
N LYS B 293 -40.16 -60.78 -19.08
CA LYS B 293 -41.36 -61.60 -19.16
C LYS B 293 -42.62 -60.73 -18.95
N ILE B 294 -42.72 -60.02 -17.83
CA ILE B 294 -43.94 -59.23 -17.64
C ILE B 294 -44.14 -58.12 -18.67
N TYR B 295 -43.06 -57.58 -19.24
CA TYR B 295 -43.20 -56.53 -20.24
C TYR B 295 -43.54 -57.08 -21.61
N SER B 296 -43.42 -58.40 -21.77
CA SER B 296 -43.79 -59.01 -23.03
C SER B 296 -45.14 -59.74 -22.89
N LYS B 297 -45.17 -60.84 -22.13
CA LYS B 297 -46.41 -61.58 -21.97
C LYS B 297 -47.52 -60.78 -21.32
N TYR B 298 -47.17 -59.92 -20.38
CA TYR B 298 -48.19 -59.14 -19.69
C TYR B 298 -48.05 -57.67 -20.00
N ALA B 299 -47.64 -57.41 -21.23
CA ALA B 299 -47.44 -56.06 -21.75
C ALA B 299 -48.66 -55.18 -21.54
N TYR B 300 -49.85 -55.74 -21.67
CA TYR B 300 -51.04 -54.93 -21.51
C TYR B 300 -51.04 -54.13 -20.21
N THR B 301 -50.87 -54.81 -19.08
CA THR B 301 -50.92 -54.08 -17.82
C THR B 301 -49.59 -53.47 -17.39
N PHE B 302 -48.48 -54.06 -17.82
CA PHE B 302 -47.15 -53.60 -17.40
C PHE B 302 -46.19 -52.84 -18.34
N HIS B 303 -46.34 -52.97 -19.66
CA HIS B 303 -45.43 -52.26 -20.54
C HIS B 303 -45.97 -50.93 -21.05
N HIS B 304 -45.44 -49.84 -20.53
CA HIS B 304 -45.91 -48.50 -20.91
C HIS B 304 -44.81 -47.66 -21.53
N THR B 305 -45.08 -47.14 -22.72
CA THR B 305 -44.10 -46.35 -23.45
C THR B 305 -44.53 -44.93 -23.73
N THR B 306 -45.32 -44.74 -24.79
CA THR B 306 -45.77 -43.40 -25.18
C THR B 306 -47.16 -43.06 -24.69
N ARG B 307 -47.58 -41.81 -24.94
CA ARG B 307 -48.89 -41.35 -24.54
C ARG B 307 -49.93 -42.16 -25.29
N LEU B 308 -49.65 -42.43 -26.56
CA LEU B 308 -50.58 -43.17 -27.41
C LEU B 308 -50.67 -44.63 -26.97
N ASN B 309 -49.55 -45.19 -26.55
CA ASN B 309 -49.50 -46.55 -26.07
C ASN B 309 -50.48 -46.70 -24.89
N LYS B 310 -50.51 -45.70 -24.01
CA LYS B 310 -51.39 -45.74 -22.86
C LYS B 310 -52.80 -45.44 -23.28
N GLU B 311 -52.94 -44.45 -24.17
CA GLU B 311 -54.23 -44.02 -24.67
C GLU B 311 -55.07 -45.14 -25.32
N GLU B 312 -54.44 -45.98 -26.12
CA GLU B 312 -55.14 -47.06 -26.79
C GLU B 312 -55.90 -47.97 -25.84
N LYS B 313 -55.32 -48.22 -24.67
CA LYS B 313 -55.95 -49.10 -23.68
C LYS B 313 -57.09 -48.41 -22.91
N VAL B 314 -56.79 -47.28 -22.30
CA VAL B 314 -57.78 -46.55 -21.52
C VAL B 314 -59.03 -46.16 -22.33
N LYS B 315 -58.80 -45.90 -23.62
CA LYS B 315 -59.82 -45.52 -24.60
C LYS B 315 -60.98 -46.51 -24.60
N GLU B 316 -60.63 -47.80 -24.58
CA GLU B 316 -61.61 -48.87 -24.58
C GLU B 316 -62.40 -49.03 -23.28
N TRP B 317 -62.01 -48.34 -22.22
CA TRP B 317 -62.71 -48.50 -20.95
C TRP B 317 -63.95 -47.61 -20.84
N SER B 318 -64.91 -48.02 -20.02
CA SER B 318 -66.11 -47.22 -19.77
C SER B 318 -65.85 -46.32 -18.56
N LEU B 319 -64.93 -46.76 -17.71
CA LEU B 319 -64.56 -46.02 -16.50
C LEU B 319 -63.06 -46.17 -16.24
N CYS B 320 -62.42 -45.06 -15.89
CA CYS B 320 -60.99 -45.07 -15.62
C CYS B 320 -60.74 -44.40 -14.28
N VAL B 321 -60.18 -45.14 -13.32
CA VAL B 321 -59.93 -44.57 -12.01
C VAL B 321 -58.43 -44.45 -11.77
N ALA B 322 -57.96 -43.20 -11.66
CA ALA B 322 -56.54 -42.93 -11.41
C ALA B 322 -56.26 -42.97 -9.90
N THR B 323 -55.54 -43.99 -9.45
CA THR B 323 -55.28 -44.14 -8.04
C THR B 323 -53.97 -43.49 -7.57
N ASP B 324 -53.90 -43.33 -6.26
CA ASP B 324 -52.73 -42.75 -5.60
C ASP B 324 -52.44 -43.63 -4.35
N VAL B 325 -51.16 -43.92 -4.12
CA VAL B 325 -50.75 -44.71 -2.98
C VAL B 325 -49.90 -43.83 -2.08
N SER B 326 -50.20 -43.80 -0.79
CA SER B 326 -49.41 -42.99 0.11
C SER B 326 -48.13 -43.68 0.57
N ASP B 327 -47.00 -42.97 0.47
CA ASP B 327 -45.69 -43.44 0.92
C ASP B 327 -45.44 -44.95 0.70
N HIS B 328 -45.50 -45.35 -0.56
CA HIS B 328 -45.37 -46.75 -0.94
C HIS B 328 -44.20 -47.53 -0.35
N ASP B 329 -42.98 -47.02 -0.55
CA ASP B 329 -41.82 -47.73 -0.06
C ASP B 329 -41.73 -48.01 1.44
N THR B 330 -42.07 -47.03 2.28
CA THR B 330 -41.98 -47.25 3.70
C THR B 330 -43.15 -48.10 4.22
N PHE B 331 -44.26 -48.16 3.49
CA PHE B 331 -45.42 -48.97 3.90
C PHE B 331 -45.34 -50.40 3.38
N TRP B 332 -44.53 -50.63 2.35
CA TRP B 332 -44.38 -51.95 1.75
C TRP B 332 -44.21 -53.01 2.86
N PRO B 333 -45.04 -54.06 2.84
CA PRO B 333 -44.98 -55.10 3.88
C PRO B 333 -43.97 -56.23 3.81
N GLY B 334 -43.25 -56.41 4.91
CA GLY B 334 -42.29 -57.49 4.98
C GLY B 334 -42.96 -58.87 4.86
N TRP B 335 -44.24 -58.98 5.19
CA TRP B 335 -44.90 -60.27 5.06
C TRP B 335 -45.01 -60.65 3.56
N LEU B 336 -45.04 -59.66 2.67
CA LEU B 336 -45.08 -59.98 1.24
C LEU B 336 -43.72 -60.55 0.82
N ARG B 337 -42.65 -60.00 1.40
CA ARG B 337 -41.31 -60.50 1.12
C ARG B 337 -41.30 -62.00 1.53
N ASP B 338 -41.80 -62.29 2.72
CA ASP B 338 -41.82 -63.68 3.16
C ASP B 338 -42.75 -64.55 2.32
N LEU B 339 -43.90 -64.02 1.93
CA LEU B 339 -44.80 -64.81 1.10
C LEU B 339 -44.15 -65.07 -0.25
N ILE B 340 -43.46 -64.06 -0.78
CA ILE B 340 -42.83 -64.24 -2.09
C ILE B 340 -41.76 -65.31 -2.02
N CYS B 341 -40.94 -65.25 -0.97
CA CYS B 341 -39.87 -66.22 -0.78
C CYS B 341 -40.42 -67.63 -0.65
N ASP B 342 -41.44 -67.78 0.17
CA ASP B 342 -42.08 -69.08 0.37
C ASP B 342 -42.58 -69.66 -0.95
N GLU B 343 -43.24 -68.86 -1.78
CA GLU B 343 -43.75 -69.37 -3.05
C GLU B 343 -42.64 -69.72 -4.03
N LEU B 344 -41.56 -68.96 -4.01
CA LEU B 344 -40.43 -69.23 -4.89
C LEU B 344 -39.86 -70.57 -4.48
N LEU B 345 -39.81 -70.81 -3.18
CA LEU B 345 -39.31 -72.09 -2.71
C LEU B 345 -40.25 -73.20 -3.23
N ASN B 346 -41.57 -72.95 -3.22
CA ASN B 346 -42.53 -73.95 -3.69
C ASN B 346 -42.37 -74.20 -5.17
N MET B 347 -42.04 -73.16 -5.93
CA MET B 347 -41.86 -73.30 -7.38
C MET B 347 -40.59 -74.06 -7.72
N GLY B 348 -39.73 -74.28 -6.73
CA GLY B 348 -38.47 -74.98 -6.98
C GLY B 348 -37.22 -74.11 -7.13
N TYR B 349 -37.31 -72.82 -6.80
CA TYR B 349 -36.14 -71.94 -6.89
C TYR B 349 -35.10 -72.42 -5.89
N ALA B 350 -33.82 -72.27 -6.24
CA ALA B 350 -32.74 -72.68 -5.34
C ALA B 350 -32.92 -72.00 -3.97
N PRO B 351 -32.90 -72.77 -2.89
CA PRO B 351 -33.05 -72.19 -1.55
C PRO B 351 -32.01 -71.12 -1.22
N TRP B 352 -30.76 -71.35 -1.65
CA TRP B 352 -29.71 -70.37 -1.37
C TRP B 352 -30.01 -69.02 -2.04
N TRP B 353 -30.58 -69.06 -3.22
CA TRP B 353 -30.88 -67.81 -3.92
C TRP B 353 -32.03 -67.09 -3.23
N VAL B 354 -33.06 -67.85 -2.85
CA VAL B 354 -34.20 -67.28 -2.16
C VAL B 354 -33.72 -66.65 -0.86
N LYS B 355 -32.80 -67.32 -0.17
CA LYS B 355 -32.26 -66.80 1.08
C LYS B 355 -31.53 -65.46 0.85
N LEU B 356 -30.80 -65.36 -0.25
CA LEU B 356 -30.10 -64.14 -0.57
C LEU B 356 -31.11 -63.02 -0.78
N PHE B 357 -32.17 -63.33 -1.54
CA PHE B 357 -33.22 -62.38 -1.86
C PHE B 357 -33.93 -61.94 -0.56
N GLU B 358 -34.32 -62.90 0.27
CA GLU B 358 -34.98 -62.57 1.53
C GLU B 358 -34.09 -61.63 2.36
N THR B 359 -32.82 -61.96 2.44
CA THR B 359 -31.90 -61.16 3.25
C THR B 359 -31.73 -59.75 2.71
N SER B 360 -31.78 -59.58 1.40
CA SER B 360 -31.65 -58.24 0.81
C SER B 360 -32.82 -57.34 1.22
N LEU B 361 -33.92 -57.92 1.70
CA LEU B 361 -35.07 -57.13 2.13
C LEU B 361 -35.20 -57.06 3.69
N LYS B 362 -34.11 -57.38 4.40
CA LYS B 362 -34.10 -57.34 5.86
C LYS B 362 -32.78 -56.70 6.34
N LEU B 363 -31.99 -56.25 5.39
CA LEU B 363 -30.68 -55.68 5.68
C LEU B 363 -30.62 -54.40 6.50
N PRO B 364 -29.58 -54.27 7.33
CA PRO B 364 -29.41 -53.07 8.16
C PRO B 364 -29.11 -51.89 7.22
N VAL B 365 -29.18 -50.66 7.73
CA VAL B 365 -28.90 -49.51 6.89
C VAL B 365 -27.91 -48.63 7.61
N TYR B 366 -26.96 -48.07 6.87
CA TYR B 366 -25.96 -47.17 7.45
C TYR B 366 -26.38 -45.76 7.05
N VAL B 367 -26.71 -44.95 8.06
CA VAL B 367 -27.13 -43.57 7.83
C VAL B 367 -25.92 -42.62 7.79
N GLY B 368 -25.77 -41.95 6.65
CA GLY B 368 -24.67 -41.03 6.48
C GLY B 368 -24.83 -39.68 7.16
N ALA B 369 -25.41 -38.72 6.46
CA ALA B 369 -25.54 -37.38 7.00
C ALA B 369 -26.89 -36.71 6.71
N PRO B 370 -27.88 -36.89 7.60
CA PRO B 370 -29.22 -36.31 7.46
C PRO B 370 -29.17 -34.80 7.67
N ALA B 371 -28.13 -34.37 8.37
CA ALA B 371 -28.01 -32.96 8.73
C ALA B 371 -26.64 -32.72 9.33
N PRO B 372 -26.29 -31.45 9.52
CA PRO B 372 -24.99 -31.15 10.11
C PRO B 372 -24.89 -31.78 11.49
N GLU B 373 -23.72 -32.34 11.83
CA GLU B 373 -23.50 -32.91 13.16
C GLU B 373 -24.40 -34.10 13.51
N GLN B 374 -24.93 -34.78 12.50
CA GLN B 374 -25.81 -35.93 12.72
C GLN B 374 -25.47 -37.06 11.77
N GLY B 375 -25.75 -38.29 12.18
CA GLY B 375 -25.51 -39.41 11.30
C GLY B 375 -24.38 -40.33 11.62
N HIS B 376 -23.85 -41.00 10.59
CA HIS B 376 -22.73 -41.92 10.73
C HIS B 376 -23.09 -43.00 11.73
N THR B 377 -24.27 -43.58 11.55
CA THR B 377 -24.75 -44.60 12.46
C THR B 377 -25.35 -45.78 11.71
N LEU B 378 -24.98 -46.99 12.14
CA LEU B 378 -25.51 -48.22 11.54
C LEU B 378 -26.81 -48.57 12.27
N LEU B 379 -27.89 -48.82 11.53
CA LEU B 379 -29.14 -49.22 12.16
C LEU B 379 -29.32 -50.69 11.83
N GLY B 380 -29.42 -51.52 12.85
CA GLY B 380 -29.59 -52.95 12.62
C GLY B 380 -28.28 -53.68 12.75
N ASP B 381 -28.34 -54.97 13.04
CA ASP B 381 -27.17 -55.78 13.22
C ASP B 381 -26.92 -56.67 12.02
N PRO B 382 -25.81 -56.46 11.31
CA PRO B 382 -25.50 -57.29 10.13
C PRO B 382 -25.34 -58.76 10.47
N SER B 383 -25.07 -59.08 11.73
CA SER B 383 -24.89 -60.47 12.11
C SER B 383 -26.20 -61.23 11.99
N ASN B 384 -27.30 -60.51 12.06
CA ASN B 384 -28.60 -61.13 11.93
C ASN B 384 -29.61 -60.14 11.36
N PRO B 385 -29.62 -60.00 10.03
CA PRO B 385 -30.52 -59.09 9.31
C PRO B 385 -31.99 -59.31 9.75
N ASP B 386 -32.57 -58.28 10.37
CA ASP B 386 -33.97 -58.39 10.82
C ASP B 386 -34.72 -57.07 10.76
N LEU B 387 -34.31 -56.17 9.87
CA LEU B 387 -35.00 -54.88 9.72
C LEU B 387 -36.28 -55.02 8.90
N GLU B 388 -37.20 -54.07 9.09
CA GLU B 388 -38.47 -54.06 8.38
C GLU B 388 -38.65 -52.62 7.87
N VAL B 389 -37.71 -52.16 7.06
CA VAL B 389 -37.76 -50.77 6.55
C VAL B 389 -38.80 -50.55 5.45
N GLY B 390 -39.37 -51.64 4.95
CA GLY B 390 -40.30 -51.54 3.85
C GLY B 390 -39.47 -51.96 2.65
N LEU B 391 -39.50 -51.19 1.57
CA LEU B 391 -38.76 -51.51 0.34
C LEU B 391 -37.52 -50.65 0.23
N SER B 392 -36.34 -51.25 0.20
CA SER B 392 -35.09 -50.46 0.08
C SER B 392 -34.91 -50.10 -1.37
N SER B 393 -34.66 -48.85 -1.68
CA SER B 393 -34.52 -48.44 -3.08
C SER B 393 -33.39 -49.11 -3.85
N GLY B 394 -32.30 -49.44 -3.18
CA GLY B 394 -31.20 -50.05 -3.90
C GLY B 394 -31.24 -51.57 -3.98
N GLN B 395 -32.34 -52.20 -3.55
CA GLN B 395 -32.41 -53.67 -3.65
C GLN B 395 -32.55 -54.00 -5.14
N GLY B 396 -31.87 -55.03 -5.62
CA GLY B 396 -31.94 -55.32 -7.06
C GLY B 396 -33.28 -55.46 -7.77
N ALA B 397 -34.39 -55.53 -7.04
CA ALA B 397 -35.68 -55.70 -7.68
C ALA B 397 -36.81 -54.88 -7.09
N THR B 398 -36.48 -53.72 -6.52
CA THR B 398 -37.52 -52.91 -5.91
C THR B 398 -38.69 -52.60 -6.83
N ASP B 399 -38.43 -52.43 -8.12
CA ASP B 399 -39.53 -52.11 -9.00
C ASP B 399 -40.51 -53.28 -9.07
N LEU B 400 -39.99 -54.50 -9.16
CA LEU B 400 -40.84 -55.67 -9.25
C LEU B 400 -41.61 -55.90 -7.95
N MET B 401 -40.99 -55.58 -6.83
CA MET B 401 -41.64 -55.75 -5.54
C MET B 401 -42.82 -54.81 -5.40
N GLY B 402 -42.66 -53.59 -5.90
CA GLY B 402 -43.74 -52.63 -5.82
C GLY B 402 -44.86 -52.98 -6.79
N THR B 403 -44.49 -53.39 -7.98
CA THR B 403 -45.47 -53.75 -8.98
C THR B 403 -46.30 -54.97 -8.55
N LEU B 404 -45.65 -56.01 -8.03
CA LEU B 404 -46.36 -57.21 -7.55
C LEU B 404 -47.31 -56.84 -6.42
N LEU B 405 -46.85 -56.07 -5.44
CA LEU B 405 -47.73 -55.68 -4.36
C LEU B 405 -48.93 -54.89 -4.86
N MET B 406 -48.66 -53.80 -5.57
CA MET B 406 -49.73 -52.92 -6.04
C MET B 406 -50.69 -53.51 -7.08
N SER B 407 -50.17 -54.26 -8.03
CA SER B 407 -51.04 -54.84 -9.03
C SER B 407 -52.08 -55.76 -8.38
N ILE B 408 -51.68 -56.58 -7.41
CA ILE B 408 -52.64 -57.46 -6.75
C ILE B 408 -53.56 -56.64 -5.84
N THR B 409 -52.99 -55.63 -5.19
CA THR B 409 -53.78 -54.77 -4.31
C THR B 409 -54.90 -54.11 -5.11
N TYR B 410 -54.60 -53.67 -6.34
CA TYR B 410 -55.63 -53.02 -7.16
C TYR B 410 -56.66 -54.05 -7.62
N LEU B 411 -56.19 -55.23 -8.05
CA LEU B 411 -57.08 -56.29 -8.47
C LEU B 411 -58.03 -56.60 -7.30
N VAL B 412 -57.48 -56.70 -6.09
CA VAL B 412 -58.31 -57.00 -4.92
C VAL B 412 -59.36 -55.92 -4.70
N MET B 413 -58.97 -54.66 -4.85
CA MET B 413 -59.91 -53.57 -4.72
C MET B 413 -61.06 -53.74 -5.70
N GLN B 414 -60.75 -54.14 -6.93
CA GLN B 414 -61.81 -54.33 -7.94
C GLN B 414 -62.70 -55.53 -7.59
N LEU B 415 -62.10 -56.62 -7.13
CA LEU B 415 -62.88 -57.78 -6.76
C LEU B 415 -63.78 -57.43 -5.58
N ASP B 416 -63.18 -56.82 -4.56
CA ASP B 416 -63.90 -56.44 -3.36
C ASP B 416 -65.05 -55.51 -3.56
N HIS B 417 -64.85 -54.45 -4.34
CA HIS B 417 -65.92 -53.47 -4.47
C HIS B 417 -66.73 -53.48 -5.73
N THR B 418 -66.32 -54.27 -6.72
CA THR B 418 -67.04 -54.24 -7.98
C THR B 418 -67.28 -55.57 -8.67
N ALA B 419 -66.47 -56.58 -8.38
CA ALA B 419 -66.66 -57.82 -9.08
C ALA B 419 -66.67 -59.11 -8.25
N PRO B 420 -67.58 -59.20 -7.26
CA PRO B 420 -67.66 -60.39 -6.41
C PRO B 420 -68.08 -61.62 -7.24
N HIS B 421 -68.66 -61.38 -8.41
CA HIS B 421 -69.07 -62.46 -9.29
C HIS B 421 -67.87 -63.14 -9.93
N LEU B 422 -66.68 -62.59 -9.73
CA LEU B 422 -65.47 -63.20 -10.29
C LEU B 422 -64.74 -64.06 -9.27
N ASN B 423 -65.13 -63.98 -8.01
CA ASN B 423 -64.47 -64.75 -6.94
C ASN B 423 -64.48 -66.25 -7.18
N SER B 424 -65.54 -66.76 -7.78
CA SER B 424 -65.62 -68.18 -8.06
C SER B 424 -64.59 -68.66 -9.07
N ARG B 425 -63.97 -67.73 -9.77
CA ARG B 425 -62.94 -68.07 -10.77
C ARG B 425 -61.62 -68.38 -10.05
N ILE B 426 -61.52 -68.05 -8.77
CA ILE B 426 -60.31 -68.23 -7.98
C ILE B 426 -60.54 -69.22 -6.84
N LYS B 427 -60.35 -70.50 -7.11
CA LYS B 427 -60.59 -71.55 -6.12
C LYS B 427 -59.35 -72.19 -5.53
N ASP B 428 -58.27 -72.19 -6.30
CA ASP B 428 -57.03 -72.80 -5.87
C ASP B 428 -55.90 -72.19 -6.71
N MET B 429 -54.66 -72.66 -6.52
CA MET B 429 -53.55 -72.08 -7.27
C MET B 429 -53.69 -72.16 -8.80
N PRO B 430 -54.03 -73.35 -9.34
CA PRO B 430 -54.16 -73.41 -10.80
C PRO B 430 -55.18 -72.41 -11.35
N SER B 431 -56.35 -72.34 -10.70
CA SER B 431 -57.40 -71.43 -11.15
C SER B 431 -56.98 -69.96 -10.90
N ALA B 432 -56.25 -69.71 -9.82
CA ALA B 432 -55.81 -68.35 -9.51
C ALA B 432 -54.85 -67.88 -10.61
N CYS B 433 -53.91 -68.75 -10.98
CA CYS B 433 -52.95 -68.44 -12.03
C CYS B 433 -53.64 -68.18 -13.35
N ARG B 434 -54.62 -69.03 -13.71
CA ARG B 434 -55.35 -68.82 -14.94
C ARG B 434 -56.11 -67.52 -14.96
N PHE B 435 -56.78 -67.18 -13.86
CA PHE B 435 -57.52 -65.93 -13.80
C PHE B 435 -56.59 -64.70 -13.87
N LEU B 436 -55.49 -64.75 -13.10
CA LEU B 436 -54.55 -63.62 -13.08
C LEU B 436 -53.89 -63.48 -14.46
N ASP B 437 -53.53 -64.60 -15.07
CA ASP B 437 -52.92 -64.58 -16.39
C ASP B 437 -53.86 -63.83 -17.34
N SER B 438 -55.14 -64.17 -17.31
CA SER B 438 -56.13 -63.51 -18.17
C SER B 438 -56.34 -62.03 -17.81
N TYR B 439 -56.41 -61.77 -16.52
CA TYR B 439 -56.59 -60.41 -16.04
C TYR B 439 -55.39 -59.54 -16.44
N TRP B 440 -54.18 -60.06 -16.33
CA TRP B 440 -53.00 -59.26 -16.68
C TRP B 440 -52.88 -59.00 -18.18
N GLN B 441 -53.49 -59.84 -19.02
CA GLN B 441 -53.44 -59.60 -20.46
C GLN B 441 -54.57 -58.68 -20.89
N GLY B 442 -55.33 -58.19 -19.93
CA GLY B 442 -56.43 -57.30 -20.26
C GLY B 442 -57.65 -57.99 -20.85
N HIS B 443 -57.79 -59.29 -20.60
CA HIS B 443 -58.92 -60.05 -21.13
C HIS B 443 -60.18 -60.13 -20.28
N GLU B 444 -60.21 -59.47 -19.13
CA GLU B 444 -61.39 -59.51 -18.28
C GLU B 444 -62.09 -58.17 -18.36
N GLU B 445 -63.28 -58.08 -17.76
CA GLU B 445 -64.07 -56.85 -17.77
C GLU B 445 -63.46 -55.82 -16.81
N ILE B 446 -62.61 -56.28 -15.90
CA ILE B 446 -61.92 -55.35 -15.02
C ILE B 446 -60.48 -55.38 -15.53
N ARG B 447 -59.85 -54.21 -15.60
CA ARG B 447 -58.48 -54.12 -16.09
C ARG B 447 -57.66 -53.09 -15.32
N GLN B 448 -56.37 -53.04 -15.64
CA GLN B 448 -55.47 -52.08 -15.04
C GLN B 448 -54.18 -51.93 -15.82
N ILE B 449 -53.58 -50.75 -15.69
CA ILE B 449 -52.28 -50.50 -16.27
C ILE B 449 -51.57 -49.96 -15.05
N SER B 450 -50.40 -50.48 -14.77
CA SER B 450 -49.72 -50.02 -13.59
C SER B 450 -48.22 -50.18 -13.60
N LYS B 451 -47.59 -49.52 -12.64
CA LYS B 451 -46.16 -49.61 -12.43
C LYS B 451 -45.97 -49.13 -11.01
N SER B 452 -45.57 -50.03 -10.13
CA SER B 452 -45.35 -49.69 -8.73
C SER B 452 -46.59 -48.96 -8.22
N ASP B 453 -46.36 -47.79 -7.62
CA ASP B 453 -47.45 -47.01 -7.07
C ASP B 453 -48.22 -46.07 -8.01
N ASP B 454 -48.10 -46.26 -9.33
CA ASP B 454 -48.91 -45.43 -10.24
C ASP B 454 -49.80 -46.38 -11.02
N ALA B 455 -51.06 -46.02 -11.21
CA ALA B 455 -51.93 -46.91 -11.97
C ALA B 455 -53.24 -46.31 -12.36
N MET B 456 -53.88 -46.94 -13.34
CA MET B 456 -55.20 -46.54 -13.73
C MET B 456 -55.98 -47.84 -13.79
N LEU B 457 -57.12 -47.85 -13.10
CA LEU B 457 -57.95 -49.03 -13.04
C LEU B 457 -59.15 -48.87 -13.97
N GLY B 458 -59.46 -49.92 -14.70
CA GLY B 458 -60.56 -49.85 -15.63
C GLY B 458 -61.69 -50.86 -15.54
N TRP B 459 -62.83 -50.43 -16.07
CA TRP B 459 -64.04 -51.22 -16.15
C TRP B 459 -64.61 -51.04 -17.53
N THR B 460 -64.87 -52.17 -18.19
CA THR B 460 -65.48 -52.14 -19.51
C THR B 460 -66.96 -52.23 -19.18
N LYS B 461 -67.79 -52.44 -20.20
CA LYS B 461 -69.22 -52.60 -20.00
C LYS B 461 -69.36 -53.97 -19.34
N GLY B 462 -70.30 -54.10 -18.43
CA GLY B 462 -70.51 -55.37 -17.76
C GLY B 462 -71.09 -55.25 -16.35
N ARG B 463 -71.09 -56.36 -15.63
CA ARG B 463 -71.63 -56.40 -14.27
C ARG B 463 -70.81 -55.60 -13.25
N ALA B 464 -69.50 -55.50 -13.47
CA ALA B 464 -68.65 -54.79 -12.54
C ALA B 464 -68.74 -53.27 -12.68
N LEU B 465 -69.16 -52.78 -13.84
CA LEU B 465 -69.20 -51.34 -14.08
C LEU B 465 -69.96 -50.56 -13.01
N VAL B 466 -71.15 -51.02 -12.64
CA VAL B 466 -71.92 -50.32 -11.62
C VAL B 466 -71.09 -50.21 -10.34
N GLY B 467 -70.44 -51.29 -9.95
CA GLY B 467 -69.61 -51.23 -8.76
C GLY B 467 -68.43 -50.28 -8.96
N GLY B 468 -67.88 -50.25 -10.17
CA GLY B 468 -66.76 -49.37 -10.49
C GLY B 468 -67.09 -47.94 -10.12
N HIS B 469 -68.29 -47.50 -10.50
CA HIS B 469 -68.72 -46.15 -10.17
C HIS B 469 -68.87 -45.96 -8.68
N ARG B 470 -69.36 -46.96 -7.97
CA ARG B 470 -69.50 -46.84 -6.52
C ARG B 470 -68.10 -46.65 -5.90
N LEU B 471 -67.12 -47.42 -6.37
CA LEU B 471 -65.75 -47.33 -5.84
C LEU B 471 -65.15 -45.94 -6.04
N PHE B 472 -65.35 -45.39 -7.25
CA PHE B 472 -64.85 -44.09 -7.61
C PHE B 472 -65.47 -43.07 -6.65
N GLU B 473 -66.77 -43.21 -6.43
CA GLU B 473 -67.48 -42.33 -5.50
C GLU B 473 -66.88 -42.47 -4.09
N MET B 474 -66.63 -43.70 -3.65
CA MET B 474 -66.05 -43.95 -2.35
C MET B 474 -64.71 -43.21 -2.22
N LEU B 475 -63.90 -43.30 -3.26
CA LEU B 475 -62.61 -42.63 -3.27
C LEU B 475 -62.84 -41.13 -3.21
N LYS B 476 -63.78 -40.60 -4.00
CA LYS B 476 -64.02 -39.15 -3.96
C LYS B 476 -64.39 -38.67 -2.56
N GLU B 477 -65.21 -39.44 -1.85
CA GLU B 477 -65.60 -39.06 -0.50
C GLU B 477 -64.37 -39.12 0.41
N GLY B 478 -63.45 -40.02 0.10
CA GLY B 478 -62.23 -40.17 0.87
C GLY B 478 -62.35 -40.33 2.37
N LYS B 479 -63.32 -41.11 2.83
CA LYS B 479 -63.49 -41.32 4.26
C LYS B 479 -63.02 -42.73 4.63
N VAL B 480 -63.12 -43.65 3.67
CA VAL B 480 -62.76 -45.04 3.90
C VAL B 480 -61.74 -45.55 2.92
N ASN B 481 -60.66 -46.13 3.44
CA ASN B 481 -59.61 -46.68 2.59
C ASN B 481 -60.20 -47.94 1.94
N PRO B 482 -60.24 -47.98 0.59
CA PRO B 482 -60.80 -49.13 -0.15
C PRO B 482 -60.02 -50.42 -0.10
N SER B 483 -58.84 -50.37 0.50
CA SER B 483 -57.97 -51.54 0.58
C SER B 483 -57.43 -51.83 1.96
N PRO B 484 -57.25 -53.12 2.29
CA PRO B 484 -56.71 -53.44 3.61
C PRO B 484 -55.17 -53.43 3.59
N TYR B 485 -54.58 -53.35 2.40
CA TYR B 485 -53.14 -53.45 2.25
C TYR B 485 -52.27 -52.20 2.24
N MET B 486 -52.70 -51.17 1.54
CA MET B 486 -51.96 -49.91 1.47
C MET B 486 -52.99 -48.77 1.53
N LYS B 487 -52.54 -47.54 1.77
CA LYS B 487 -53.46 -46.40 1.82
C LYS B 487 -53.66 -45.92 0.38
N ILE B 488 -54.86 -46.14 -0.12
CA ILE B 488 -55.20 -45.78 -1.49
C ILE B 488 -56.20 -44.63 -1.52
N SER B 489 -56.02 -43.73 -2.47
CA SER B 489 -56.93 -42.60 -2.65
C SER B 489 -56.96 -42.36 -4.15
N TYR B 490 -57.66 -41.34 -4.61
CA TYR B 490 -57.66 -41.08 -6.05
C TYR B 490 -56.64 -39.94 -6.27
N GLU B 491 -55.98 -39.93 -7.42
CA GLU B 491 -55.00 -38.90 -7.70
C GLU B 491 -55.71 -37.61 -8.11
N HIS B 492 -55.36 -36.49 -7.46
CA HIS B 492 -55.98 -35.22 -7.79
C HIS B 492 -55.30 -34.72 -9.05
N GLY B 493 -55.96 -34.95 -10.18
CA GLY B 493 -55.40 -34.60 -11.47
C GLY B 493 -54.76 -35.90 -11.93
N GLY B 494 -55.61 -36.87 -12.25
CA GLY B 494 -55.15 -38.17 -12.69
C GLY B 494 -54.11 -38.21 -13.80
N ALA B 495 -53.09 -39.03 -13.60
CA ALA B 495 -52.02 -39.15 -14.56
C ALA B 495 -51.42 -40.54 -14.45
N PHE B 496 -50.71 -40.94 -15.49
CA PHE B 496 -50.07 -42.23 -15.47
C PHE B 496 -48.71 -42.15 -16.13
N LEU B 497 -47.69 -42.43 -15.34
CA LEU B 497 -46.31 -42.40 -15.81
C LEU B 497 -45.94 -41.11 -16.51
N GLY B 498 -46.28 -39.99 -15.89
CA GLY B 498 -45.94 -38.69 -16.44
C GLY B 498 -46.94 -38.06 -17.41
N ASP B 499 -47.89 -38.86 -17.92
CA ASP B 499 -48.88 -38.29 -18.83
C ASP B 499 -50.24 -38.07 -18.16
N ILE B 500 -50.75 -36.85 -18.32
CA ILE B 500 -52.03 -36.45 -17.75
C ILE B 500 -53.17 -36.96 -18.65
N LEU B 501 -54.22 -37.50 -18.05
CA LEU B 501 -55.34 -37.97 -18.84
C LEU B 501 -56.29 -36.81 -18.97
N LEU B 502 -56.26 -36.19 -20.15
CA LEU B 502 -57.10 -35.03 -20.43
C LEU B 502 -58.50 -35.46 -20.91
N TYR B 503 -59.50 -35.15 -20.11
CA TYR B 503 -60.87 -35.51 -20.42
C TYR B 503 -61.55 -34.33 -21.10
N ASP B 504 -62.62 -34.58 -21.86
CA ASP B 504 -63.36 -33.47 -22.44
C ASP B 504 -64.64 -33.29 -21.62
N SER B 505 -65.61 -32.56 -22.17
CA SER B 505 -66.85 -32.29 -21.46
C SER B 505 -67.63 -33.55 -21.08
N ARG B 506 -67.44 -34.64 -21.82
CA ARG B 506 -68.17 -35.86 -21.51
C ARG B 506 -67.59 -36.61 -20.31
N ARG B 507 -66.36 -36.26 -19.94
CA ARG B 507 -65.68 -36.88 -18.83
C ARG B 507 -65.73 -38.40 -18.90
N GLU B 508 -65.41 -38.93 -20.08
CA GLU B 508 -65.39 -40.36 -20.30
C GLU B 508 -64.07 -40.77 -20.91
N PRO B 509 -63.58 -41.96 -20.55
CA PRO B 509 -62.31 -42.46 -21.06
C PRO B 509 -62.29 -42.52 -22.60
N GLY B 510 -63.44 -42.84 -23.19
CA GLY B 510 -63.55 -42.97 -24.63
C GLY B 510 -63.13 -41.72 -25.38
N SER B 511 -63.47 -40.56 -24.84
CA SER B 511 -63.10 -39.31 -25.50
C SER B 511 -62.04 -38.54 -24.73
N ALA B 512 -61.18 -39.24 -24.00
CA ALA B 512 -60.10 -38.56 -23.26
C ALA B 512 -58.79 -38.87 -23.96
N ILE B 513 -57.78 -38.03 -23.77
CA ILE B 513 -56.49 -38.29 -24.38
C ILE B 513 -55.39 -38.05 -23.36
N PHE B 514 -54.26 -38.73 -23.55
CA PHE B 514 -53.12 -38.55 -22.67
C PHE B 514 -52.25 -37.46 -23.27
N VAL B 515 -51.88 -36.47 -22.46
CA VAL B 515 -50.98 -35.40 -22.90
C VAL B 515 -49.81 -35.32 -21.89
N GLY B 516 -48.67 -34.82 -22.35
CA GLY B 516 -47.53 -34.66 -21.46
C GLY B 516 -47.89 -33.70 -20.34
N ASN B 517 -47.19 -33.79 -19.21
CA ASN B 517 -47.47 -32.88 -18.11
C ASN B 517 -46.53 -31.68 -18.32
N ILE B 518 -47.08 -30.52 -18.69
CA ILE B 518 -46.27 -29.32 -18.94
C ILE B 518 -45.45 -28.90 -17.71
N ASN B 519 -45.95 -29.19 -16.52
CA ASN B 519 -45.22 -28.85 -15.30
C ASN B 519 -43.94 -29.71 -15.18
N SER B 520 -43.98 -30.93 -15.71
CA SER B 520 -42.81 -31.80 -15.67
C SER B 520 -41.74 -31.27 -16.61
N MET B 521 -42.17 -30.61 -17.68
CA MET B 521 -41.22 -30.04 -18.62
C MET B 521 -40.46 -28.95 -17.88
N LEU B 522 -41.19 -28.15 -17.10
CA LEU B 522 -40.59 -27.05 -16.34
C LEU B 522 -39.70 -27.59 -15.22
N ASN B 523 -40.11 -28.69 -14.59
CA ASN B 523 -39.30 -29.29 -13.51
C ASN B 523 -37.95 -29.70 -14.08
N ASN B 524 -38.00 -30.40 -15.21
CA ASN B 524 -36.84 -30.92 -15.90
C ASN B 524 -35.89 -29.87 -16.43
N GLN B 525 -36.44 -28.83 -17.03
CA GLN B 525 -35.60 -27.81 -17.59
C GLN B 525 -35.07 -26.79 -16.61
N PHE B 526 -35.82 -26.49 -15.56
CA PHE B 526 -35.35 -25.48 -14.64
C PHE B 526 -35.02 -25.94 -13.24
N SER B 527 -35.39 -27.18 -12.90
CA SER B 527 -35.04 -27.71 -11.57
C SER B 527 -34.48 -29.12 -11.68
N PRO B 528 -33.39 -29.26 -12.41
CA PRO B 528 -32.89 -30.64 -12.47
C PRO B 528 -32.48 -31.07 -11.07
N GLU B 529 -32.37 -32.38 -10.87
CA GLU B 529 -31.99 -32.89 -9.56
C GLU B 529 -30.49 -32.81 -9.38
N TYR B 530 -29.73 -32.95 -10.46
CA TYR B 530 -28.27 -32.88 -10.34
C TYR B 530 -27.69 -31.77 -11.17
N GLY B 531 -26.49 -31.34 -10.81
CA GLY B 531 -25.81 -30.31 -11.57
C GLY B 531 -25.24 -30.96 -12.82
N VAL B 532 -24.65 -30.18 -13.71
CA VAL B 532 -24.11 -30.75 -14.94
C VAL B 532 -22.77 -31.51 -14.80
N GLN B 533 -22.16 -31.50 -13.62
CA GLN B 533 -20.89 -32.21 -13.39
C GLN B 533 -19.88 -31.99 -14.54
N SER B 534 -19.62 -30.74 -14.87
CA SER B 534 -18.72 -30.49 -15.98
C SER B 534 -17.32 -31.00 -15.71
N GLY B 535 -17.04 -31.34 -14.46
CA GLY B 535 -15.73 -31.85 -14.11
C GLY B 535 -15.53 -33.33 -14.40
N VAL B 536 -16.63 -34.04 -14.64
CA VAL B 536 -16.57 -35.45 -14.96
C VAL B 536 -16.42 -35.50 -16.47
N ARG B 537 -15.23 -35.90 -16.94
CA ARG B 537 -14.92 -35.93 -18.37
C ARG B 537 -15.75 -36.91 -19.18
N ASP B 538 -15.91 -38.11 -18.64
CA ASP B 538 -16.69 -39.16 -19.32
C ASP B 538 -18.18 -38.85 -19.12
N ARG B 539 -18.79 -38.25 -20.13
CA ARG B 539 -20.18 -37.86 -20.06
C ARG B 539 -21.16 -38.99 -19.79
N SER B 540 -20.79 -40.20 -20.21
CA SER B 540 -21.64 -41.35 -20.01
C SER B 540 -21.73 -41.66 -18.51
N LYS B 541 -20.78 -41.16 -17.72
CA LYS B 541 -20.78 -41.40 -16.27
C LYS B 541 -21.51 -40.32 -15.47
N ARG B 542 -21.96 -39.25 -16.14
CA ARG B 542 -22.67 -38.16 -15.47
C ARG B 542 -24.15 -38.46 -15.23
N LYS B 543 -24.73 -37.79 -14.24
CA LYS B 543 -26.14 -37.97 -13.95
C LYS B 543 -26.94 -37.40 -15.12
N ARG B 544 -26.37 -36.36 -15.76
CA ARG B 544 -27.03 -35.73 -16.92
C ARG B 544 -25.99 -35.70 -18.05
N PRO B 545 -25.82 -36.83 -18.74
CA PRO B 545 -24.83 -36.93 -19.82
C PRO B 545 -24.88 -35.87 -20.95
N PHE B 546 -26.06 -35.66 -21.53
CA PHE B 546 -26.21 -34.69 -22.63
C PHE B 546 -27.46 -33.82 -22.47
N PRO B 547 -27.48 -32.93 -21.46
CA PRO B 547 -28.60 -32.03 -21.17
C PRO B 547 -29.22 -31.37 -22.41
N GLY B 548 -28.40 -31.04 -23.39
CA GLY B 548 -28.88 -30.35 -24.58
C GLY B 548 -29.84 -31.10 -25.48
N LEU B 549 -29.77 -32.42 -25.44
CA LEU B 549 -30.61 -33.23 -26.31
C LEU B 549 -32.11 -33.18 -26.00
N ALA B 550 -32.47 -32.86 -24.75
CA ALA B 550 -33.88 -32.82 -24.39
C ALA B 550 -34.64 -31.77 -25.21
N TRP B 551 -33.92 -30.79 -25.75
CA TRP B 551 -34.62 -29.78 -26.54
C TRP B 551 -35.22 -30.37 -27.83
N ALA B 552 -34.56 -31.39 -28.35
CA ALA B 552 -34.98 -32.03 -29.58
C ALA B 552 -36.17 -32.97 -29.41
N SER B 553 -36.40 -33.42 -28.18
CA SER B 553 -37.51 -34.32 -27.88
C SER B 553 -38.69 -33.61 -27.22
N MET B 554 -38.50 -32.35 -26.87
CA MET B 554 -39.53 -31.55 -26.21
C MET B 554 -40.90 -31.49 -26.88
N LYS B 555 -40.91 -31.22 -28.17
CA LYS B 555 -42.17 -31.14 -28.91
C LYS B 555 -42.88 -32.48 -28.87
N ASP B 556 -42.11 -33.55 -29.03
CA ASP B 556 -42.70 -34.87 -29.03
C ASP B 556 -43.25 -35.24 -27.65
N THR B 557 -42.54 -34.85 -26.59
CA THR B 557 -42.97 -35.19 -25.25
C THR B 557 -44.10 -34.30 -24.72
N TYR B 558 -44.03 -32.99 -24.97
CA TYR B 558 -45.02 -32.06 -24.42
C TYR B 558 -45.92 -31.33 -25.40
N GLY B 559 -45.66 -31.51 -26.70
CA GLY B 559 -46.43 -30.82 -27.72
C GLY B 559 -47.94 -30.92 -27.61
N ALA B 560 -48.44 -32.03 -27.10
CA ALA B 560 -49.88 -32.21 -26.98
C ALA B 560 -50.49 -31.48 -25.82
N CYS B 561 -49.68 -30.88 -24.96
CA CYS B 561 -50.29 -30.16 -23.82
C CYS B 561 -51.02 -28.94 -24.38
N PRO B 562 -52.28 -28.71 -23.95
CA PRO B 562 -53.04 -27.56 -24.43
C PRO B 562 -52.35 -26.19 -24.40
N ILE B 563 -51.53 -25.95 -23.37
CA ILE B 563 -50.85 -24.65 -23.24
C ILE B 563 -49.36 -24.67 -23.55
N TYR B 564 -48.92 -25.67 -24.31
CA TYR B 564 -47.51 -25.82 -24.67
C TYR B 564 -46.89 -24.56 -25.28
N SER B 565 -47.52 -24.03 -26.31
CA SER B 565 -47.04 -22.82 -26.97
C SER B 565 -46.98 -21.65 -26.02
N ASP B 566 -48.02 -21.50 -25.22
CA ASP B 566 -48.08 -20.40 -24.28
C ASP B 566 -46.95 -20.42 -23.27
N VAL B 567 -46.62 -21.60 -22.78
CA VAL B 567 -45.56 -21.76 -21.82
C VAL B 567 -44.21 -21.45 -22.46
N LEU B 568 -43.95 -21.97 -23.66
CA LEU B 568 -42.67 -21.68 -24.33
C LEU B 568 -42.50 -20.18 -24.55
N GLU B 569 -43.60 -19.51 -24.84
CA GLU B 569 -43.54 -18.08 -25.04
C GLU B 569 -43.40 -17.32 -23.72
N ALA B 570 -44.04 -17.80 -22.66
CA ALA B 570 -43.90 -17.14 -21.37
C ALA B 570 -42.43 -17.29 -20.98
N ILE B 571 -41.85 -18.45 -21.26
CA ILE B 571 -40.43 -18.71 -20.94
C ILE B 571 -39.54 -17.74 -21.70
N GLU B 572 -39.75 -17.65 -23.00
CA GLU B 572 -38.95 -16.77 -23.84
C GLU B 572 -39.02 -15.34 -23.32
N ARG B 573 -40.22 -14.90 -23.03
CA ARG B 573 -40.37 -13.55 -22.53
C ARG B 573 -39.67 -13.35 -21.17
N CYS B 574 -39.91 -14.26 -20.22
CA CYS B 574 -39.30 -14.12 -18.90
C CYS B 574 -37.78 -14.28 -18.90
N TRP B 575 -37.28 -15.10 -19.80
CA TRP B 575 -35.84 -15.32 -19.88
C TRP B 575 -35.19 -14.07 -20.45
N TRP B 576 -35.90 -13.41 -21.37
CA TRP B 576 -35.38 -12.20 -21.96
C TRP B 576 -35.30 -11.16 -20.85
N ASN B 577 -36.36 -11.05 -20.03
CA ASN B 577 -36.38 -10.09 -18.93
C ASN B 577 -35.22 -10.34 -17.95
N ALA B 578 -34.94 -11.61 -17.67
CA ALA B 578 -33.90 -11.96 -16.71
C ALA B 578 -32.46 -12.04 -17.23
N PHE B 579 -32.27 -12.53 -18.45
CA PHE B 579 -30.94 -12.68 -19.02
C PHE B 579 -30.57 -11.80 -20.23
N GLY B 580 -31.53 -11.09 -20.80
CA GLY B 580 -31.25 -10.28 -21.97
C GLY B 580 -30.87 -11.12 -23.17
N GLU B 581 -31.44 -12.32 -23.30
CA GLU B 581 -31.14 -13.22 -24.41
C GLU B 581 -32.37 -14.07 -24.73
N SER B 582 -32.29 -14.83 -25.82
CA SER B 582 -33.35 -15.72 -26.24
C SER B 582 -33.14 -17.11 -25.66
N TYR B 583 -34.09 -17.61 -24.88
CA TYR B 583 -33.91 -18.94 -24.29
C TYR B 583 -33.85 -20.00 -25.40
N ARG B 584 -34.73 -19.86 -26.40
CA ARG B 584 -34.74 -20.80 -27.51
C ARG B 584 -33.38 -20.90 -28.18
N ALA B 585 -32.77 -19.75 -28.49
CA ALA B 585 -31.46 -19.79 -29.14
C ALA B 585 -30.45 -20.47 -28.19
N TYR B 586 -30.52 -20.11 -26.92
CA TYR B 586 -29.63 -20.67 -25.90
C TYR B 586 -29.75 -22.20 -25.94
N ARG B 587 -30.97 -22.70 -26.03
CA ARG B 587 -31.20 -24.14 -26.07
C ARG B 587 -30.79 -24.76 -27.40
N GLU B 588 -31.00 -24.05 -28.50
CA GLU B 588 -30.60 -24.56 -29.80
C GLU B 588 -29.10 -24.76 -29.83
N ASP B 589 -28.34 -23.84 -29.22
CA ASP B 589 -26.91 -23.97 -29.16
C ASP B 589 -26.50 -25.17 -28.32
N MET B 590 -27.12 -25.31 -27.13
CA MET B 590 -26.81 -26.43 -26.23
C MET B 590 -27.16 -27.73 -26.98
N LEU B 591 -28.25 -27.71 -27.74
CA LEU B 591 -28.61 -28.87 -28.53
C LEU B 591 -27.49 -29.19 -29.58
N LYS B 592 -26.99 -28.17 -30.27
CA LYS B 592 -25.92 -28.41 -31.25
C LYS B 592 -24.68 -28.99 -30.62
N ARG B 593 -24.19 -28.37 -29.55
CA ARG B 593 -22.98 -28.86 -28.90
C ARG B 593 -23.15 -30.31 -28.44
N ASP B 594 -24.25 -30.62 -27.75
CA ASP B 594 -24.42 -31.98 -27.26
C ASP B 594 -24.59 -32.98 -28.38
N THR B 595 -25.19 -32.53 -29.48
CA THR B 595 -25.36 -33.41 -30.62
C THR B 595 -23.99 -33.77 -31.17
N LEU B 596 -23.08 -32.82 -31.19
CA LEU B 596 -21.71 -33.08 -31.64
C LEU B 596 -20.99 -33.99 -30.65
N GLU B 597 -21.11 -33.67 -29.36
CA GLU B 597 -20.45 -34.46 -28.32
C GLU B 597 -20.91 -35.91 -28.35
N LEU B 598 -22.22 -36.12 -28.53
CA LEU B 598 -22.76 -37.49 -28.56
C LEU B 598 -22.07 -38.41 -29.58
N SER B 599 -21.75 -37.85 -30.74
CA SER B 599 -21.08 -38.62 -31.78
C SER B 599 -19.76 -39.21 -31.32
N ARG B 600 -19.15 -38.65 -30.28
CA ARG B 600 -17.90 -39.17 -29.74
C ARG B 600 -18.17 -40.43 -28.90
N TYR B 601 -19.41 -40.63 -28.49
CA TYR B 601 -19.76 -41.77 -27.64
C TYR B 601 -20.51 -42.87 -28.34
N VAL B 602 -21.12 -42.53 -29.47
CA VAL B 602 -21.88 -43.52 -30.19
C VAL B 602 -21.17 -43.95 -31.46
N ALA B 603 -20.62 -45.16 -31.44
CA ALA B 603 -19.92 -45.72 -32.59
C ALA B 603 -20.83 -45.53 -33.82
N SER B 604 -22.10 -45.88 -33.64
CA SER B 604 -23.11 -45.75 -34.69
C SER B 604 -22.94 -44.49 -35.52
N MET B 605 -23.58 -43.41 -35.08
CA MET B 605 -23.49 -42.16 -35.80
C MET B 605 -22.04 -41.78 -36.10
N ALA B 606 -21.82 -41.30 -37.32
CA ALA B 606 -20.50 -40.88 -37.77
C ALA B 606 -19.92 -39.85 -36.79
N ARG B 607 -18.69 -39.41 -37.04
CA ARG B 607 -18.03 -38.42 -36.20
C ARG B 607 -18.74 -37.06 -36.21
N GLN B 608 -19.98 -37.05 -36.73
CA GLN B 608 -20.80 -35.84 -36.80
C GLN B 608 -22.17 -36.04 -37.44
N ALA B 609 -22.60 -37.30 -37.57
CA ALA B 609 -23.92 -37.57 -38.13
C ALA B 609 -24.94 -36.94 -37.17
N GLY B 610 -26.09 -36.50 -37.69
CA GLY B 610 -27.09 -35.88 -36.84
C GLY B 610 -27.75 -36.79 -35.80
N LEU B 611 -28.94 -36.39 -35.38
CA LEU B 611 -29.69 -37.15 -34.39
C LEU B 611 -30.77 -37.96 -35.12
N ALA B 612 -30.74 -37.87 -36.45
CA ALA B 612 -31.69 -38.53 -37.33
C ALA B 612 -32.28 -39.86 -36.85
N GLU B 613 -31.40 -40.79 -36.52
CA GLU B 613 -31.80 -42.12 -36.09
C GLU B 613 -32.31 -42.28 -34.63
N LEU B 614 -32.13 -41.27 -33.80
CA LEU B 614 -32.54 -41.35 -32.39
C LEU B 614 -34.03 -41.05 -32.15
N THR B 615 -34.65 -41.79 -31.22
CA THR B 615 -36.06 -41.57 -30.91
C THR B 615 -36.23 -40.61 -29.75
N PRO B 616 -37.44 -40.07 -29.59
CA PRO B 616 -37.70 -39.13 -28.49
C PRO B 616 -37.19 -39.71 -27.17
N ILE B 617 -37.51 -40.98 -26.92
CA ILE B 617 -37.09 -41.66 -25.71
C ILE B 617 -35.56 -41.67 -25.60
N ASP B 618 -34.90 -41.93 -26.71
CA ASP B 618 -33.44 -41.96 -26.71
C ASP B 618 -32.90 -40.62 -26.21
N LEU B 619 -33.46 -39.55 -26.73
CA LEU B 619 -33.04 -38.22 -26.33
C LEU B 619 -33.35 -37.90 -24.85
N GLU B 620 -34.56 -38.22 -24.40
CA GLU B 620 -34.92 -37.93 -23.02
C GLU B 620 -33.99 -38.66 -22.06
N VAL B 621 -33.67 -39.91 -22.38
CA VAL B 621 -32.80 -40.76 -21.55
C VAL B 621 -31.33 -40.30 -21.56
N LEU B 622 -30.84 -39.76 -22.68
CA LEU B 622 -29.45 -39.29 -22.73
C LEU B 622 -29.32 -38.00 -21.92
N ALA B 623 -30.42 -37.26 -21.82
CA ALA B 623 -30.42 -36.05 -21.03
C ALA B 623 -30.68 -36.39 -19.55
N ASP B 624 -31.39 -37.49 -19.31
CA ASP B 624 -31.74 -37.92 -17.95
C ASP B 624 -31.85 -39.45 -17.79
N PRO B 625 -30.72 -40.14 -17.61
CA PRO B 625 -30.69 -41.59 -17.44
C PRO B 625 -31.63 -42.09 -16.33
N ASN B 626 -31.92 -41.23 -15.38
CA ASN B 626 -32.81 -41.55 -14.29
C ASN B 626 -34.18 -42.05 -14.78
N LYS B 627 -34.61 -41.55 -15.93
CA LYS B 627 -35.90 -41.94 -16.50
C LYS B 627 -35.91 -43.41 -16.87
N LEU B 628 -34.73 -43.98 -16.96
CA LEU B 628 -34.58 -45.38 -17.29
C LEU B 628 -34.71 -46.12 -15.97
N GLN B 629 -34.98 -45.35 -14.93
CA GLN B 629 -35.10 -45.92 -13.61
C GLN B 629 -36.48 -45.86 -13.04
N TYR B 630 -37.41 -45.25 -13.76
CA TYR B 630 -38.76 -45.15 -13.23
C TYR B 630 -39.81 -44.97 -14.32
N LYS B 631 -39.38 -44.64 -15.52
CA LYS B 631 -40.32 -44.41 -16.60
C LYS B 631 -40.25 -45.49 -17.67
N TRP B 632 -39.05 -45.73 -18.17
CA TRP B 632 -38.85 -46.70 -19.22
C TRP B 632 -37.92 -47.83 -18.82
N THR B 633 -37.79 -48.80 -19.71
CA THR B 633 -36.94 -49.95 -19.45
C THR B 633 -35.97 -50.05 -20.63
N GLU B 634 -34.91 -50.83 -20.44
CA GLU B 634 -33.90 -51.01 -21.48
C GLU B 634 -34.44 -51.28 -22.87
N ALA B 635 -35.50 -52.06 -22.95
CA ALA B 635 -36.05 -52.42 -24.25
C ALA B 635 -36.58 -51.24 -25.04
N ASP B 636 -36.93 -50.17 -24.34
CA ASP B 636 -37.49 -48.97 -24.95
C ASP B 636 -36.43 -48.05 -25.54
N VAL B 637 -35.17 -48.35 -25.29
CA VAL B 637 -34.06 -47.52 -25.78
C VAL B 637 -33.33 -48.19 -26.93
N SER B 638 -32.98 -47.41 -27.96
CA SER B 638 -32.23 -47.94 -29.09
C SER B 638 -31.03 -48.64 -28.49
N ALA B 639 -30.69 -49.79 -29.05
CA ALA B 639 -29.57 -50.57 -28.53
C ALA B 639 -28.24 -49.81 -28.46
N ASN B 640 -27.87 -49.10 -29.53
CA ASN B 640 -26.60 -48.37 -29.52
C ASN B 640 -26.57 -47.24 -28.49
N ILE B 641 -27.74 -46.75 -28.11
CA ILE B 641 -27.80 -45.68 -27.12
C ILE B 641 -27.71 -46.28 -25.72
N HIS B 642 -28.36 -47.43 -25.51
CA HIS B 642 -28.33 -48.10 -24.22
C HIS B 642 -26.88 -48.46 -23.88
N GLU B 643 -26.11 -48.85 -24.89
CA GLU B 643 -24.70 -49.21 -24.70
C GLU B 643 -23.89 -48.04 -24.15
N VAL B 644 -24.33 -46.82 -24.46
CA VAL B 644 -23.63 -45.63 -23.99
C VAL B 644 -23.68 -45.52 -22.47
N LEU B 645 -24.84 -45.86 -21.91
CA LEU B 645 -25.06 -45.74 -20.48
C LEU B 645 -24.76 -46.98 -19.64
N MET B 646 -24.82 -48.15 -20.26
CA MET B 646 -24.63 -49.39 -19.52
C MET B 646 -23.59 -50.32 -20.11
N HIS B 647 -23.03 -51.16 -19.25
CA HIS B 647 -22.08 -52.14 -19.69
C HIS B 647 -22.59 -53.48 -19.17
N GLY B 648 -22.35 -54.55 -19.90
CA GLY B 648 -22.83 -55.84 -19.42
C GLY B 648 -21.79 -56.89 -19.03
N VAL B 649 -22.25 -57.90 -18.30
CA VAL B 649 -21.42 -59.01 -17.89
C VAL B 649 -21.66 -60.11 -18.94
N SER B 650 -20.68 -60.99 -19.17
CA SER B 650 -20.84 -62.06 -20.17
C SER B 650 -22.15 -62.81 -20.04
N VAL B 651 -22.76 -63.09 -21.19
CA VAL B 651 -24.04 -63.80 -21.27
C VAL B 651 -23.86 -65.24 -20.79
N GLU B 652 -22.70 -65.80 -21.08
CA GLU B 652 -22.40 -67.18 -20.72
C GLU B 652 -22.40 -67.33 -19.20
N LYS B 653 -21.89 -66.33 -18.52
CA LYS B 653 -21.84 -66.39 -17.08
C LYS B 653 -23.19 -66.22 -16.40
N THR B 654 -24.02 -65.31 -16.88
CA THR B 654 -25.32 -65.14 -16.24
C THR B 654 -26.20 -66.33 -16.63
N GLU B 655 -25.98 -66.87 -17.81
CA GLU B 655 -26.75 -68.00 -18.28
C GLU B 655 -26.49 -69.17 -17.34
N ARG B 656 -25.23 -69.40 -17.04
CA ARG B 656 -24.84 -70.47 -16.16
C ARG B 656 -25.40 -70.22 -14.77
N PHE B 657 -25.37 -68.97 -14.34
CA PHE B 657 -25.90 -68.63 -13.02
C PHE B 657 -27.41 -68.88 -12.93
N LEU B 658 -28.15 -68.39 -13.92
CA LEU B 658 -29.59 -68.55 -13.96
C LEU B 658 -30.02 -70.01 -13.96
N ARG B 659 -29.31 -70.82 -14.72
CA ARG B 659 -29.62 -72.25 -14.79
C ARG B 659 -29.56 -72.88 -13.40
N SER B 660 -28.62 -72.44 -12.58
CA SER B 660 -28.48 -73.00 -11.24
C SER B 660 -29.51 -72.44 -10.24
N VAL B 661 -30.18 -71.36 -10.61
CA VAL B 661 -31.15 -70.75 -9.72
C VAL B 661 -32.57 -71.22 -9.91
N MET B 662 -33.00 -71.16 -11.16
CA MET B 662 -34.36 -71.52 -11.50
C MET B 662 -34.72 -72.99 -11.34
N PRO B 663 -36.04 -73.25 -11.28
CA PRO B 663 -36.62 -74.59 -11.13
C PRO B 663 -36.09 -75.56 -12.16
N ARG B 664 -35.69 -76.73 -11.68
CA ARG B 664 -35.16 -77.79 -12.54
C ARG B 664 -36.24 -78.30 -13.51
N PRO C 1 45.95 45.71 -15.95
CA PRO C 1 46.17 44.54 -15.08
C PRO C 1 45.00 43.56 -14.99
N ARG C 2 44.15 43.52 -16.01
CA ARG C 2 43.03 42.58 -16.03
C ARG C 2 41.99 42.83 -14.95
N ARG C 3 40.75 43.04 -15.37
CA ARG C 3 39.72 43.21 -14.39
C ARG C 3 39.44 41.78 -13.99
N ALA C 4 39.02 41.58 -12.76
CA ALA C 4 38.70 40.24 -12.27
C ALA C 4 37.33 39.84 -12.81
N PRO C 5 37.15 38.55 -13.11
CA PRO C 5 35.88 38.04 -13.61
C PRO C 5 34.86 38.19 -12.46
N ALA C 6 33.64 38.57 -12.79
CA ALA C 6 32.61 38.71 -11.78
C ALA C 6 31.37 37.98 -12.31
N PHE C 7 30.70 37.20 -11.45
CA PHE C 7 29.49 36.47 -11.84
C PHE C 7 28.34 36.75 -10.86
N PRO C 8 27.14 37.02 -11.39
CA PRO C 8 25.96 37.30 -10.55
C PRO C 8 25.53 35.99 -9.91
N LEU C 9 24.79 36.07 -8.81
CA LEU C 9 24.31 34.88 -8.11
C LEU C 9 23.67 33.88 -9.07
N SER C 10 22.94 34.39 -10.06
CA SER C 10 22.25 33.54 -11.01
C SER C 10 23.15 32.67 -11.87
N ASP C 11 24.43 33.01 -11.96
CA ASP C 11 25.35 32.24 -12.77
C ASP C 11 25.67 30.90 -12.14
N ILE C 12 25.85 29.88 -12.96
CA ILE C 12 26.14 28.55 -12.45
C ILE C 12 27.42 28.54 -11.59
N LYS C 13 28.37 29.42 -11.87
CA LYS C 13 29.61 29.44 -11.07
C LYS C 13 29.34 29.85 -9.63
N ALA C 14 28.35 30.73 -9.43
CA ALA C 14 27.97 31.15 -8.10
C ALA C 14 27.02 30.11 -7.46
N GLN C 15 26.06 29.62 -8.26
CA GLN C 15 25.09 28.65 -7.77
C GLN C 15 25.77 27.44 -7.15
N MET C 16 26.86 27.01 -7.77
CA MET C 16 27.61 25.86 -7.30
C MET C 16 28.25 26.10 -5.93
N LEU C 17 28.28 27.35 -5.46
CA LEU C 17 28.90 27.61 -4.16
C LEU C 17 27.94 27.32 -3.01
N PHE C 18 26.68 27.08 -3.36
CA PHE C 18 25.68 26.84 -2.33
C PHE C 18 24.95 25.52 -2.51
N ALA C 19 25.05 24.65 -1.51
CA ALA C 19 24.41 23.35 -1.59
C ALA C 19 22.88 23.43 -1.59
N ASN C 20 22.26 22.31 -1.90
CA ASN C 20 20.81 22.24 -2.00
C ASN C 20 20.11 22.12 -0.64
N ASN C 21 20.41 23.05 0.27
CA ASN C 21 19.75 23.08 1.57
C ASN C 21 19.36 24.53 1.87
N ILE C 22 18.37 24.70 2.73
CA ILE C 22 17.83 26.01 3.06
C ILE C 22 18.81 27.02 3.62
N LYS C 23 19.68 26.55 4.50
CA LYS C 23 20.71 27.39 5.08
C LYS C 23 21.62 27.98 3.99
N ALA C 24 22.21 27.09 3.19
CA ALA C 24 23.13 27.52 2.12
C ALA C 24 22.41 28.45 1.16
N GLN C 25 21.21 28.06 0.74
CA GLN C 25 20.45 28.87 -0.20
C GLN C 25 20.16 30.23 0.40
N GLN C 26 19.78 30.28 1.67
CA GLN C 26 19.48 31.55 2.32
C GLN C 26 20.73 32.43 2.47
N ALA C 27 21.90 31.82 2.69
CA ALA C 27 23.12 32.63 2.81
C ALA C 27 23.47 33.25 1.45
N SER C 28 23.15 32.57 0.36
CA SER C 28 23.45 33.10 -0.97
C SER C 28 22.58 34.30 -1.31
N LYS C 29 21.34 34.27 -0.84
CA LYS C 29 20.41 35.36 -1.15
C LYS C 29 20.22 36.41 -0.06
N ARG C 30 20.69 36.16 1.15
CA ARG C 30 20.48 37.11 2.25
C ARG C 30 20.66 38.55 1.81
N SER C 31 19.66 39.37 2.08
CA SER C 31 19.73 40.77 1.69
C SER C 31 20.24 41.63 2.84
N PHE C 32 20.58 42.88 2.51
CA PHE C 32 21.08 43.81 3.51
C PHE C 32 20.16 43.76 4.74
N LYS C 33 20.75 43.76 5.93
CA LYS C 33 19.97 43.68 7.17
C LYS C 33 20.56 44.61 8.22
N GLU C 34 19.69 45.20 9.04
CA GLU C 34 20.16 46.07 10.11
C GLU C 34 19.07 46.16 11.15
N GLY C 35 19.49 46.55 12.36
CA GLY C 35 18.56 46.67 13.48
C GLY C 35 19.34 46.77 14.78
N ALA C 36 18.74 47.39 15.79
CA ALA C 36 19.41 47.55 17.07
C ALA C 36 19.84 46.19 17.63
N ILE C 37 21.01 46.12 18.24
CA ILE C 37 21.41 44.86 18.84
C ILE C 37 20.85 44.89 20.25
N GLU C 38 20.60 43.71 20.81
CA GLU C 38 20.11 43.62 22.16
C GLU C 38 21.39 43.61 22.97
N THR C 39 21.84 44.81 23.36
CA THR C 39 23.10 45.01 24.11
C THR C 39 23.23 44.08 25.34
N TYR C 40 22.18 44.04 26.14
CA TYR C 40 22.10 43.15 27.30
C TYR C 40 20.64 42.71 27.26
N GLU C 41 20.34 41.60 27.92
CA GLU C 41 18.98 41.08 27.92
C GLU C 41 18.00 42.21 28.21
N GLY C 42 17.00 42.37 27.34
CA GLY C 42 16.03 43.42 27.54
C GLY C 42 16.49 44.86 27.27
N LEU C 43 17.71 45.06 26.81
CA LEU C 43 18.17 46.44 26.54
C LEU C 43 18.68 46.59 25.10
N LEU C 44 18.00 47.43 24.32
CA LEU C 44 18.39 47.67 22.94
C LEU C 44 19.42 48.80 22.89
N SER C 45 20.38 48.69 21.97
CA SER C 45 21.43 49.68 21.81
C SER C 45 20.92 51.07 21.49
N VAL C 46 19.68 51.17 21.03
CA VAL C 46 19.13 52.50 20.74
C VAL C 46 18.08 52.91 21.77
N ASP C 47 18.02 52.19 22.89
CA ASP C 47 17.08 52.54 23.95
C ASP C 47 17.36 54.00 24.37
N PRO C 48 16.34 54.87 24.34
CA PRO C 48 16.55 56.28 24.72
C PRO C 48 17.30 56.52 26.03
N ARG C 49 17.08 55.69 27.04
CA ARG C 49 17.81 55.92 28.29
C ARG C 49 19.28 55.60 28.06
N PHE C 50 19.55 54.51 27.36
CA PHE C 50 20.93 54.09 27.06
C PHE C 50 21.69 55.16 26.24
N LEU C 51 21.07 55.68 25.19
CA LEU C 51 21.72 56.71 24.38
C LEU C 51 21.96 57.97 25.20
N SER C 52 21.02 58.28 26.09
CA SER C 52 21.16 59.46 26.96
C SER C 52 22.35 59.22 27.89
N PHE C 53 22.42 58.03 28.48
CA PHE C 53 23.56 57.63 29.32
C PHE C 53 24.87 57.80 28.53
N LYS C 54 24.92 57.27 27.30
CA LYS C 54 26.14 57.38 26.50
C LYS C 54 26.48 58.84 26.20
N ASN C 55 25.47 59.67 25.92
CA ASN C 55 25.75 61.07 25.63
C ASN C 55 26.43 61.71 26.81
N GLU C 56 25.80 61.57 27.98
CA GLU C 56 26.35 62.15 29.21
C GLU C 56 27.72 61.59 29.59
N LEU C 57 27.87 60.26 29.61
CA LEU C 57 29.15 59.67 29.99
C LEU C 57 30.30 60.10 29.06
N SER C 58 30.07 60.02 27.75
CA SER C 58 31.12 60.37 26.80
C SER C 58 31.59 61.83 26.93
N ARG C 59 30.65 62.76 27.12
CA ARG C 59 31.02 64.17 27.27
C ARG C 59 31.76 64.40 28.57
N TYR C 60 31.25 63.81 29.64
CA TYR C 60 31.87 63.95 30.95
C TYR C 60 33.31 63.44 30.98
N LEU C 61 33.51 62.19 30.57
CA LEU C 61 34.83 61.60 30.56
C LEU C 61 35.80 62.36 29.67
N THR C 62 35.35 62.77 28.48
CA THR C 62 36.24 63.51 27.58
C THR C 62 36.68 64.82 28.22
N ASP C 63 35.71 65.54 28.77
CA ASP C 63 36.00 66.81 29.39
C ASP C 63 36.88 66.69 30.63
N HIS C 64 36.61 65.68 31.47
CA HIS C 64 37.41 65.52 32.67
C HIS C 64 38.69 64.74 32.52
N PHE C 65 38.82 63.95 31.46
CA PHE C 65 40.05 63.19 31.30
C PHE C 65 40.62 63.27 29.90
N PRO C 66 41.09 64.46 29.50
CA PRO C 66 41.66 64.64 28.17
C PRO C 66 42.85 63.70 28.00
N ALA C 67 43.13 63.32 26.76
CA ALA C 67 44.22 62.42 26.46
C ALA C 67 45.55 62.94 27.00
N ASN C 68 46.43 62.02 27.36
CA ASN C 68 47.78 62.34 27.85
C ASN C 68 48.78 61.55 26.97
N VAL C 69 49.07 62.08 25.79
CA VAL C 69 49.99 61.44 24.85
C VAL C 69 51.01 62.49 24.44
N ASP C 70 52.31 62.18 24.53
CA ASP C 70 53.29 63.20 24.14
C ASP C 70 53.56 63.20 22.64
N GLU C 71 54.39 64.14 22.18
CA GLU C 71 54.72 64.28 20.77
C GLU C 71 55.25 63.01 20.13
N TYR C 72 55.75 62.07 20.94
CA TYR C 72 56.27 60.82 20.43
C TYR C 72 55.26 59.68 20.51
N GLY C 73 54.02 60.03 20.85
CA GLY C 73 52.96 59.04 20.96
C GLY C 73 52.98 58.19 22.22
N ARG C 74 53.78 58.58 23.20
CA ARG C 74 53.81 57.79 24.44
C ARG C 74 52.73 58.33 25.35
N VAL C 75 51.98 57.44 25.97
CA VAL C 75 50.96 57.94 26.88
C VAL C 75 51.59 57.98 28.27
N TYR C 76 51.13 58.93 29.05
CA TYR C 76 51.60 59.14 30.42
C TYR C 76 50.38 59.65 31.19
N GLY C 77 50.60 60.03 32.44
CA GLY C 77 49.53 60.57 33.26
C GLY C 77 48.31 59.69 33.48
N ASN C 78 47.14 60.21 33.07
CA ASN C 78 45.88 59.51 33.25
C ASN C 78 45.76 58.24 32.40
N GLY C 79 46.67 58.05 31.45
CA GLY C 79 46.65 56.83 30.64
C GLY C 79 45.52 56.74 29.62
N VAL C 80 45.02 57.91 29.24
CA VAL C 80 43.95 58.05 28.28
C VAL C 80 44.64 58.50 26.99
N ARG C 81 44.29 57.90 25.86
CA ARG C 81 44.95 58.30 24.63
C ARG C 81 44.07 59.02 23.64
N THR C 82 42.80 59.17 23.98
CA THR C 82 41.89 59.88 23.10
C THR C 82 40.59 60.19 23.83
N ASN C 83 39.71 60.93 23.16
CA ASN C 83 38.42 61.29 23.71
C ASN C 83 37.61 60.01 23.86
N PHE C 84 36.45 60.10 24.50
CA PHE C 84 35.58 58.94 24.72
C PHE C 84 34.32 58.90 23.86
N PHE C 85 34.29 59.71 22.80
CA PHE C 85 33.14 59.77 21.92
C PHE C 85 32.90 58.56 21.04
N GLY C 86 33.88 57.69 20.95
CA GLY C 86 33.74 56.49 20.13
C GLY C 86 32.55 55.60 20.50
N MET C 87 31.95 55.82 21.67
CA MET C 87 30.81 55.00 22.09
C MET C 87 29.50 55.51 21.52
N ARG C 88 29.55 56.64 20.82
CA ARG C 88 28.35 57.27 20.25
C ARG C 88 27.83 56.67 18.94
N HIS C 89 27.65 55.36 18.90
CA HIS C 89 27.14 54.75 17.68
C HIS C 89 25.83 54.01 17.94
N MET C 90 24.98 53.91 16.92
CA MET C 90 23.70 53.20 17.01
C MET C 90 24.08 51.76 16.65
N ASN C 91 24.61 51.01 17.63
CA ASN C 91 25.05 49.66 17.34
C ASN C 91 24.00 48.77 16.69
N GLY C 92 24.36 48.20 15.54
CA GLY C 92 23.43 47.34 14.80
C GLY C 92 23.06 47.99 13.47
N PHE C 93 23.32 49.28 13.32
CA PHE C 93 23.00 50.01 12.09
C PHE C 93 24.33 50.41 11.48
N PRO C 94 24.68 49.81 10.33
CA PRO C 94 25.93 50.09 9.65
C PRO C 94 25.99 51.32 8.74
N MET C 95 27.22 51.74 8.50
CA MET C 95 27.53 52.82 7.60
C MET C 95 27.11 52.24 6.24
N ILE C 96 26.73 53.11 5.29
CA ILE C 96 26.30 52.62 3.97
C ILE C 96 27.11 53.37 2.94
N PRO C 97 27.73 52.66 1.99
CA PRO C 97 27.68 51.19 1.91
C PRO C 97 28.95 50.64 2.53
N ALA C 98 29.03 49.32 2.69
CA ALA C 98 30.26 48.75 3.21
C ALA C 98 31.10 48.62 1.93
N THR C 99 32.36 48.27 2.05
CA THR C 99 33.23 48.17 0.89
C THR C 99 33.16 46.86 0.15
N TRP C 100 33.48 46.93 -1.15
CA TRP C 100 33.53 45.74 -1.98
C TRP C 100 34.98 45.35 -1.80
N PRO C 101 35.26 44.07 -1.57
CA PRO C 101 36.66 43.74 -1.38
C PRO C 101 37.48 43.80 -2.68
N LEU C 102 38.67 44.39 -2.59
CA LEU C 102 39.58 44.51 -3.72
C LEU C 102 39.98 43.15 -4.24
N ALA C 103 39.68 42.85 -5.50
CA ALA C 103 40.02 41.54 -6.02
C ALA C 103 41.53 41.39 -6.23
N SER C 104 42.23 42.51 -6.39
CA SER C 104 43.69 42.52 -6.57
C SER C 104 44.33 43.73 -5.91
N ASN C 105 45.35 43.50 -5.09
CA ASN C 105 46.05 44.57 -4.37
C ASN C 105 47.42 44.87 -4.97
N LEU C 106 47.68 44.39 -6.17
CA LEU C 106 48.98 44.64 -6.79
C LEU C 106 49.24 46.13 -7.04
N LYS C 107 48.25 46.80 -7.62
CA LYS C 107 48.36 48.22 -7.91
C LYS C 107 48.32 49.04 -6.62
N LYS C 108 47.53 48.59 -5.63
CA LYS C 108 47.46 49.29 -4.35
C LYS C 108 48.88 49.29 -3.74
N ARG C 109 49.54 48.13 -3.77
CA ARG C 109 50.89 48.05 -3.21
C ARG C 109 51.90 48.91 -4.01
N ALA C 110 51.85 48.79 -5.33
CA ALA C 110 52.76 49.58 -6.18
C ALA C 110 52.58 51.08 -6.00
N ASP C 111 51.33 51.55 -6.00
CA ASP C 111 51.05 52.97 -5.82
C ASP C 111 51.46 53.45 -4.42
N ALA C 112 51.50 52.56 -3.43
CA ALA C 112 51.89 52.95 -2.07
C ALA C 112 53.40 52.84 -1.90
N ASP C 113 54.06 52.51 -3.01
CA ASP C 113 55.50 52.38 -3.02
C ASP C 113 56.03 51.21 -2.23
N LEU C 114 55.30 50.10 -2.25
CA LEU C 114 55.70 48.91 -1.53
C LEU C 114 56.27 47.94 -2.56
N ALA C 115 57.26 47.15 -2.13
CA ALA C 115 57.92 46.22 -3.03
C ALA C 115 57.12 45.02 -3.46
N ASP C 116 57.47 44.49 -4.63
CA ASP C 116 56.76 43.34 -5.18
C ASP C 116 57.56 42.04 -4.97
N GLY C 117 58.49 42.08 -4.04
CA GLY C 117 59.29 40.92 -3.72
C GLY C 117 60.37 41.35 -2.74
N PRO C 118 61.12 40.41 -2.17
CA PRO C 118 62.19 40.73 -1.21
C PRO C 118 63.11 41.68 -1.97
N VAL C 119 63.51 42.81 -1.38
CA VAL C 119 64.32 43.69 -2.19
C VAL C 119 65.78 43.30 -2.23
N SER C 120 66.27 42.61 -1.19
CA SER C 120 67.65 42.14 -1.16
C SER C 120 67.71 40.65 -0.82
N GLU C 121 68.83 40.00 -1.15
CA GLU C 121 69.00 38.58 -0.85
C GLU C 121 68.91 38.36 0.68
N ARG C 122 69.45 39.30 1.45
CA ARG C 122 69.37 39.20 2.92
C ARG C 122 67.90 39.02 3.33
N ASP C 123 67.02 39.92 2.87
CA ASP C 123 65.58 39.85 3.21
C ASP C 123 64.98 38.54 2.73
N ASN C 124 65.36 38.12 1.52
CA ASN C 124 64.85 36.86 1.02
C ASN C 124 65.25 35.71 1.96
N LEU C 125 66.48 35.75 2.49
CA LEU C 125 66.90 34.69 3.40
C LEU C 125 66.13 34.73 4.73
N LEU C 126 65.84 35.94 5.23
CA LEU C 126 65.12 36.10 6.48
C LEU C 126 63.65 35.64 6.38
N PHE C 127 62.97 35.99 5.29
CA PHE C 127 61.58 35.54 5.14
C PHE C 127 61.57 34.02 5.10
N ARG C 128 62.48 33.46 4.32
CA ARG C 128 62.54 32.00 4.21
C ARG C 128 62.99 31.34 5.50
N ALA C 129 63.89 31.99 6.25
CA ALA C 129 64.33 31.42 7.51
C ALA C 129 63.12 31.34 8.43
N ALA C 130 62.25 32.35 8.35
CA ALA C 130 61.05 32.39 9.17
C ALA C 130 60.19 31.17 8.85
N VAL C 131 60.07 30.84 7.58
CA VAL C 131 59.29 29.66 7.23
C VAL C 131 59.93 28.44 7.84
N ARG C 132 61.27 28.40 7.84
CA ARG C 132 61.96 27.23 8.35
C ARG C 132 61.84 27.07 9.87
N LEU C 133 61.92 28.16 10.60
CA LEU C 133 61.81 28.09 12.04
C LEU C 133 60.38 27.78 12.50
N MET C 134 59.39 28.32 11.79
CA MET C 134 57.99 28.13 12.12
C MET C 134 57.35 26.80 11.76
N PHE C 135 57.75 26.20 10.64
CA PHE C 135 57.15 24.95 10.18
C PHE C 135 57.93 23.67 10.36
N SER C 136 58.97 23.73 11.18
CA SER C 136 59.82 22.56 11.38
C SER C 136 59.60 21.95 12.75
N ASP C 137 59.77 20.63 12.80
CA ASP C 137 59.62 19.87 14.05
C ASP C 137 58.33 20.22 14.79
N LEU C 138 57.21 20.00 14.11
CA LEU C 138 55.91 20.29 14.69
C LEU C 138 55.30 19.04 15.33
N GLU C 139 54.61 19.26 16.44
CA GLU C 139 53.96 18.18 17.17
C GLU C 139 52.47 18.20 16.84
N PRO C 140 51.92 17.07 16.43
CA PRO C 140 50.49 17.04 16.10
C PRO C 140 49.62 17.25 17.33
N VAL C 141 48.46 17.87 17.13
CA VAL C 141 47.49 18.08 18.21
C VAL C 141 46.16 17.90 17.54
N PRO C 142 45.09 17.71 18.31
CA PRO C 142 43.83 17.55 17.60
C PRO C 142 43.32 18.88 17.04
N LEU C 143 42.62 18.80 15.92
CA LEU C 143 42.01 19.97 15.24
C LEU C 143 40.80 20.42 16.07
N LYS C 144 40.85 21.62 16.61
CA LYS C 144 39.74 22.12 17.41
C LYS C 144 38.77 22.94 16.56
N ILE C 145 37.50 22.86 16.90
CA ILE C 145 36.46 23.54 16.15
C ILE C 145 35.53 24.36 17.04
N ARG C 146 35.37 25.64 16.71
CA ARG C 146 34.51 26.53 17.46
C ARG C 146 33.05 26.04 17.37
N LYS C 147 32.41 25.88 18.53
CA LYS C 147 31.01 25.45 18.55
C LYS C 147 30.12 26.54 17.97
N GLY C 148 29.15 26.13 17.15
CA GLY C 148 28.24 27.10 16.55
C GLY C 148 28.73 27.79 15.28
N SER C 149 30.01 27.63 14.96
CA SER C 149 30.56 28.24 13.76
C SER C 149 29.99 27.55 12.52
N SER C 150 29.87 28.30 11.42
CA SER C 150 29.40 27.78 10.13
C SER C 150 30.54 27.17 9.31
N THR C 151 30.20 26.21 8.45
CA THR C 151 31.19 25.57 7.59
C THR C 151 31.26 26.40 6.31
N CYS C 152 30.33 27.33 6.16
CA CYS C 152 30.30 28.20 4.99
C CYS C 152 30.24 27.39 3.71
N ILE C 153 30.84 27.88 2.62
CA ILE C 153 30.71 27.17 1.36
C ILE C 153 31.20 25.72 1.34
N PRO C 154 30.37 24.82 0.80
CA PRO C 154 29.04 25.05 0.23
C PRO C 154 27.81 24.68 1.13
N TYR C 155 28.05 24.01 2.26
CA TYR C 155 26.94 23.55 3.13
C TYR C 155 26.39 24.51 4.17
N PHE C 156 27.22 25.42 4.66
CA PHE C 156 26.74 26.37 5.67
C PHE C 156 26.06 25.65 6.83
N SER C 157 26.68 24.57 7.32
CA SER C 157 26.14 23.84 8.46
C SER C 157 26.76 24.42 9.72
N ASN C 158 26.02 24.39 10.83
CA ASN C 158 26.51 24.89 12.10
C ASN C 158 26.47 23.74 13.09
N ASP C 159 26.09 22.57 12.58
CA ASP C 159 25.99 21.37 13.42
C ASP C 159 27.35 20.74 13.69
N MET C 160 27.72 20.64 14.96
CA MET C 160 29.02 20.09 15.32
C MET C 160 29.27 18.68 14.81
N GLY C 161 28.22 17.86 14.77
CA GLY C 161 28.39 16.50 14.29
C GLY C 161 28.80 16.52 12.84
N THR C 162 28.14 17.37 12.08
CA THR C 162 28.39 17.53 10.67
C THR C 162 29.75 18.17 10.43
N LYS C 163 30.13 19.10 11.31
CA LYS C 163 31.41 19.78 11.15
C LYS C 163 32.59 18.86 11.42
N ILE C 164 32.41 17.93 12.36
CA ILE C 164 33.45 16.96 12.67
C ILE C 164 33.56 16.03 11.46
N GLU C 165 32.43 15.61 10.90
CA GLU C 165 32.47 14.72 9.73
C GLU C 165 33.20 15.41 8.58
N ILE C 166 32.82 16.65 8.28
CA ILE C 166 33.44 17.41 7.20
C ILE C 166 34.95 17.50 7.41
N ALA C 167 35.39 17.83 8.62
CA ALA C 167 36.82 17.93 8.91
C ALA C 167 37.56 16.60 8.76
N GLU C 168 37.01 15.53 9.31
CA GLU C 168 37.66 14.22 9.21
C GLU C 168 37.72 13.77 7.75
N ARG C 169 36.62 13.94 7.04
CA ARG C 169 36.59 13.57 5.63
C ARG C 169 37.69 14.38 4.91
N ALA C 170 37.72 15.69 5.17
CA ALA C 170 38.72 16.55 4.56
C ALA C 170 40.16 16.09 4.83
N LEU C 171 40.48 15.79 6.10
CA LEU C 171 41.85 15.35 6.38
C LEU C 171 42.17 14.08 5.60
N GLU C 172 41.13 13.32 5.29
CA GLU C 172 41.29 12.08 4.58
C GLU C 172 41.46 12.28 3.09
N LYS C 173 40.71 13.21 2.51
CA LYS C 173 40.78 13.45 1.08
C LYS C 173 41.65 14.63 0.60
N ALA C 174 42.25 15.34 1.54
CA ALA C 174 43.09 16.50 1.21
C ALA C 174 44.15 16.14 0.17
N GLU C 175 44.88 15.05 0.42
CA GLU C 175 45.93 14.59 -0.49
C GLU C 175 45.42 14.44 -1.91
N GLU C 176 44.30 13.77 -2.04
CA GLU C 176 43.73 13.55 -3.35
C GLU C 176 43.29 14.90 -3.97
N ALA C 177 42.69 15.76 -3.16
CA ALA C 177 42.24 17.08 -3.64
C ALA C 177 43.42 17.97 -4.05
N GLY C 178 44.49 17.94 -3.26
CA GLY C 178 45.66 18.75 -3.56
C GLY C 178 46.31 18.34 -4.88
N ASN C 179 46.44 17.04 -5.10
CA ASN C 179 47.03 16.57 -6.35
C ASN C 179 46.13 16.93 -7.52
N LEU C 180 44.82 16.95 -7.32
CA LEU C 180 43.92 17.33 -8.41
C LEU C 180 44.24 18.78 -8.77
N MET C 181 44.42 19.59 -7.75
CA MET C 181 44.72 21.01 -7.97
C MET C 181 46.08 21.14 -8.66
N LEU C 182 47.04 20.30 -8.29
CA LEU C 182 48.36 20.36 -8.93
C LEU C 182 48.19 20.10 -10.43
N GLN C 183 47.14 19.38 -10.79
CA GLN C 183 46.90 19.09 -12.21
C GLN C 183 46.01 20.15 -12.84
N GLY C 184 45.75 21.25 -12.13
CA GLY C 184 44.90 22.29 -12.66
C GLY C 184 43.41 21.95 -12.65
N LYS C 185 43.04 20.86 -11.97
CA LYS C 185 41.64 20.43 -11.90
C LYS C 185 40.94 20.92 -10.62
N PHE C 186 40.74 22.23 -10.53
CA PHE C 186 40.13 22.82 -9.37
C PHE C 186 38.66 22.47 -9.25
N ASP C 187 37.95 22.46 -10.37
CA ASP C 187 36.53 22.13 -10.36
C ASP C 187 36.35 20.71 -9.81
N ASP C 188 37.22 19.81 -10.23
CA ASP C 188 37.13 18.45 -9.73
C ASP C 188 37.36 18.42 -8.23
N ALA C 189 38.39 19.11 -7.77
CA ALA C 189 38.71 19.12 -6.36
C ALA C 189 37.52 19.66 -5.54
N TYR C 190 36.86 20.68 -6.08
CA TYR C 190 35.73 21.28 -5.39
C TYR C 190 34.47 20.39 -5.39
N GLN C 191 34.18 19.82 -6.56
CA GLN C 191 33.00 18.97 -6.67
C GLN C 191 33.12 17.68 -5.88
N LEU C 192 34.31 17.11 -5.82
CA LEU C 192 34.48 15.88 -5.06
C LEU C 192 34.70 16.09 -3.57
N HIS C 193 35.53 17.06 -3.23
CA HIS C 193 35.85 17.27 -1.82
C HIS C 193 35.50 18.61 -1.21
N GLN C 194 34.83 19.47 -1.99
CA GLN C 194 34.44 20.78 -1.47
C GLN C 194 35.65 21.62 -1.08
N MET C 195 36.80 21.36 -1.69
CA MET C 195 37.99 22.15 -1.40
C MET C 195 38.15 23.13 -2.56
N GLY C 196 37.78 24.38 -2.30
CA GLY C 196 37.84 25.40 -3.33
C GLY C 196 36.56 26.22 -3.27
N GLY C 197 36.12 26.74 -4.41
CA GLY C 197 34.91 27.54 -4.41
C GLY C 197 35.22 29.00 -4.14
N ALA C 198 34.92 29.47 -2.93
CA ALA C 198 35.19 30.86 -2.60
C ALA C 198 35.03 31.13 -1.11
N TYR C 199 35.42 32.34 -0.71
CA TYR C 199 35.25 32.77 0.66
C TYR C 199 33.85 33.38 0.66
N TYR C 200 33.18 33.36 1.81
CA TYR C 200 31.85 33.94 1.90
C TYR C 200 32.06 35.24 2.66
N VAL C 201 31.83 36.36 2.01
CA VAL C 201 32.05 37.66 2.63
C VAL C 201 30.94 38.06 3.60
N VAL C 202 31.30 38.25 4.86
CA VAL C 202 30.34 38.67 5.87
C VAL C 202 30.84 40.01 6.39
N TYR C 203 29.93 40.97 6.56
CA TYR C 203 30.32 42.27 7.05
C TYR C 203 30.12 42.33 8.56
N ARG C 204 31.18 42.68 9.28
CA ARG C 204 31.11 42.77 10.73
C ARG C 204 31.23 44.19 11.27
N ALA C 205 30.65 44.41 12.44
CA ALA C 205 30.70 45.72 13.05
C ALA C 205 31.99 45.96 13.80
N GLN C 206 32.49 47.18 13.68
CA GLN C 206 33.66 47.65 14.42
C GLN C 206 32.80 48.66 15.19
N SER C 207 32.29 48.23 16.34
CA SER C 207 31.32 49.00 17.11
C SER C 207 31.65 50.39 17.55
N THR C 208 32.92 50.69 17.67
CA THR C 208 33.32 52.03 18.05
C THR C 208 34.33 52.48 17.02
N ASP C 209 34.26 53.74 16.62
CA ASP C 209 35.20 54.31 15.67
C ASP C 209 35.35 55.78 16.08
N ALA C 210 36.42 56.43 15.68
CA ALA C 210 36.64 57.81 16.11
C ALA C 210 35.54 58.80 15.77
N ILE C 211 35.31 59.69 16.71
CA ILE C 211 34.35 60.76 16.60
C ILE C 211 34.98 61.95 17.32
N THR C 212 34.90 63.15 16.74
CA THR C 212 35.45 64.33 17.42
C THR C 212 34.36 65.39 17.55
N LEU C 213 34.56 66.27 18.50
CA LEU C 213 33.62 67.35 18.73
C LEU C 213 34.26 68.65 18.21
N ASP C 214 33.63 69.28 17.22
CA ASP C 214 34.17 70.54 16.67
C ASP C 214 33.96 71.70 17.65
N PRO C 215 35.04 72.17 18.28
CA PRO C 215 34.87 73.28 19.23
C PRO C 215 34.14 74.49 18.62
N LYS C 216 34.39 74.73 17.34
CA LYS C 216 33.77 75.85 16.66
C LYS C 216 32.26 75.68 16.60
N THR C 217 31.81 74.66 15.87
CA THR C 217 30.38 74.38 15.69
C THR C 217 29.68 73.65 16.83
N GLY C 218 30.42 72.97 17.69
CA GLY C 218 29.77 72.22 18.75
C GLY C 218 29.14 70.94 18.20
N LYS C 219 29.32 70.68 16.92
CA LYS C 219 28.79 69.48 16.27
C LYS C 219 29.83 68.35 16.34
N PHE C 220 29.35 67.12 16.33
CA PHE C 220 30.24 65.97 16.35
C PHE C 220 30.56 65.58 14.91
N VAL C 221 31.73 65.01 14.68
CA VAL C 221 32.13 64.60 13.34
C VAL C 221 32.69 63.20 13.40
N SER C 222 32.14 62.29 12.60
CA SER C 222 32.64 60.91 12.58
C SER C 222 33.75 60.75 11.56
N LYS C 223 34.70 59.88 11.88
CA LYS C 223 35.81 59.65 10.98
C LYS C 223 35.33 59.03 9.69
N ASP C 224 35.71 59.62 8.57
CA ASP C 224 35.31 59.08 7.28
C ASP C 224 36.03 57.76 7.07
N ARG C 225 35.31 56.77 6.56
CA ARG C 225 35.88 55.46 6.28
C ARG C 225 35.64 55.26 4.80
N MET C 226 36.73 55.13 4.04
CA MET C 226 36.65 54.96 2.60
C MET C 226 36.25 53.55 2.19
N VAL C 227 35.41 53.46 1.18
CA VAL C 227 34.97 52.19 0.67
C VAL C 227 35.08 52.23 -0.84
N ALA C 228 35.28 51.05 -1.40
CA ALA C 228 35.43 50.87 -2.83
C ALA C 228 34.11 50.38 -3.38
N ASP C 229 33.70 50.89 -4.55
CA ASP C 229 32.49 50.37 -5.17
C ASP C 229 32.92 49.18 -6.00
N PHE C 230 31.97 48.52 -6.66
CA PHE C 230 32.27 47.31 -7.42
C PHE C 230 33.36 47.49 -8.49
N GLU C 231 33.23 48.54 -9.29
CA GLU C 231 34.19 48.79 -10.35
C GLU C 231 35.59 48.92 -9.78
N TYR C 232 35.72 49.69 -8.70
CA TYR C 232 37.02 49.85 -8.09
C TYR C 232 37.58 48.50 -7.64
N ALA C 233 36.73 47.71 -7.00
CA ALA C 233 37.11 46.39 -6.50
C ALA C 233 37.58 45.41 -7.54
N VAL C 234 36.91 45.37 -8.69
CA VAL C 234 37.32 44.40 -9.70
C VAL C 234 38.41 44.88 -10.64
N THR C 235 38.78 46.15 -10.56
CA THR C 235 39.85 46.64 -11.43
C THR C 235 41.06 47.02 -10.59
N GLY C 236 41.10 46.47 -9.38
CA GLY C 236 42.20 46.77 -8.48
C GLY C 236 42.37 48.26 -8.27
N GLY C 237 41.29 49.02 -8.39
CA GLY C 237 41.41 50.47 -8.20
C GLY C 237 41.72 51.30 -9.45
N GLU C 238 41.89 50.67 -10.60
CA GLU C 238 42.17 51.44 -11.82
C GLU C 238 40.96 52.27 -12.26
N GLN C 239 39.76 51.74 -12.02
CA GLN C 239 38.52 52.44 -12.37
C GLN C 239 37.62 52.44 -11.12
N GLY C 240 36.39 52.90 -11.27
CA GLY C 240 35.50 52.91 -10.13
C GLY C 240 35.86 53.99 -9.14
N SER C 241 35.25 53.95 -7.96
CA SER C 241 35.47 54.97 -6.96
C SER C 241 35.80 54.46 -5.57
N LEU C 242 36.54 55.29 -4.85
CA LEU C 242 36.94 55.03 -3.50
C LEU C 242 36.39 56.25 -2.78
N PHE C 243 35.32 56.06 -2.02
CA PHE C 243 34.67 57.16 -1.33
C PHE C 243 34.31 56.87 0.14
N ALA C 244 33.95 57.93 0.86
CA ALA C 244 33.59 57.82 2.26
C ALA C 244 32.18 57.25 2.44
N ALA C 245 32.08 56.16 3.19
CA ALA C 245 30.77 55.56 3.46
C ALA C 245 30.02 56.58 4.29
N SER C 246 28.69 56.55 4.27
CA SER C 246 27.93 57.51 5.07
C SER C 246 27.57 56.92 6.45
N LYS C 247 28.03 57.59 7.51
CA LYS C 247 27.73 57.14 8.87
C LYS C 247 26.57 57.93 9.46
N ASP C 248 25.98 58.82 8.66
CA ASP C 248 24.85 59.64 9.10
C ASP C 248 23.68 58.77 9.58
N ALA C 249 23.24 58.94 10.82
CA ALA C 249 22.15 58.12 11.35
C ALA C 249 20.76 58.75 11.31
N SER C 250 20.65 59.98 10.81
CA SER C 250 19.35 60.66 10.73
C SER C 250 18.30 59.74 10.10
N ARG C 251 18.72 59.03 9.06
CA ARG C 251 17.83 58.12 8.36
C ARG C 251 17.05 57.16 9.27
N LEU C 252 17.62 56.78 10.41
CA LEU C 252 16.89 55.85 11.28
C LEU C 252 15.54 56.39 11.78
N LYS C 253 15.42 57.70 11.94
CA LYS C 253 14.16 58.27 12.42
C LYS C 253 13.14 58.08 11.32
N GLU C 254 13.44 58.65 10.16
CA GLU C 254 12.56 58.52 9.02
C GLU C 254 12.28 57.04 8.67
N GLN C 255 13.30 56.20 8.67
CA GLN C 255 13.15 54.78 8.32
C GLN C 255 12.49 53.87 9.32
N TYR C 256 12.82 54.03 10.60
CA TYR C 256 12.29 53.14 11.63
C TYR C 256 11.61 53.84 12.79
N GLY C 257 11.53 55.17 12.74
CA GLY C 257 10.93 55.88 13.84
C GLY C 257 11.81 55.78 15.09
N ILE C 258 13.12 55.72 14.89
CA ILE C 258 14.03 55.67 16.03
C ILE C 258 14.53 57.07 16.24
N ASP C 259 14.44 57.56 17.46
CA ASP C 259 14.94 58.89 17.77
C ASP C 259 16.46 58.82 17.77
N VAL C 260 17.09 59.76 17.05
CA VAL C 260 18.55 59.80 16.97
C VAL C 260 19.12 61.04 17.64
N PRO C 261 19.79 60.87 18.80
CA PRO C 261 20.35 62.06 19.44
C PRO C 261 21.47 62.68 18.61
N ASP C 262 21.69 63.96 18.79
CA ASP C 262 22.74 64.67 18.09
C ASP C 262 24.07 63.98 18.39
N GLY C 263 24.91 63.83 17.37
CA GLY C 263 26.19 63.22 17.60
C GLY C 263 26.27 61.72 17.78
N PHE C 264 25.28 61.00 17.25
CA PHE C 264 25.27 59.53 17.28
C PHE C 264 25.27 59.06 15.82
N PHE C 265 26.20 58.16 15.48
CA PHE C 265 26.33 57.70 14.09
C PHE C 265 26.17 56.20 13.83
N CYS C 266 26.12 55.84 12.56
CA CYS C 266 26.01 54.44 12.19
C CYS C 266 27.41 53.86 12.37
N GLU C 267 27.49 52.54 12.52
CA GLU C 267 28.77 51.88 12.74
C GLU C 267 29.63 51.62 11.51
N ARG C 268 30.91 51.54 11.78
CA ARG C 268 31.91 51.22 10.79
C ARG C 268 31.75 49.74 10.54
N ARG C 269 31.72 49.34 9.29
CA ARG C 269 31.61 47.94 8.98
C ARG C 269 32.84 47.50 8.25
N ARG C 270 33.33 46.34 8.62
CA ARG C 270 34.52 45.78 8.01
C ARG C 270 34.17 44.45 7.37
N THR C 271 34.91 44.12 6.33
CA THR C 271 34.69 42.88 5.61
C THR C 271 35.36 41.76 6.40
N ALA C 272 34.71 40.60 6.44
CA ALA C 272 35.25 39.44 7.11
C ALA C 272 34.98 38.29 6.15
N MET C 273 35.77 37.25 6.17
CA MET C 273 35.53 36.16 5.24
C MET C 273 35.46 34.80 5.90
N GLY C 274 34.43 34.04 5.54
CA GLY C 274 34.28 32.70 6.05
C GLY C 274 34.85 31.75 5.00
N GLY C 275 35.80 30.92 5.39
CA GLY C 275 36.37 30.03 4.41
C GLY C 275 35.61 28.76 4.23
N PRO C 276 35.77 28.12 3.06
CA PRO C 276 35.08 26.86 2.77
C PRO C 276 35.76 25.86 3.70
N PHE C 277 35.05 25.44 4.76
CA PHE C 277 35.63 24.56 5.77
C PHE C 277 36.37 23.31 5.33
N ALA C 278 35.95 22.63 4.26
CA ALA C 278 36.71 21.46 3.84
C ALA C 278 38.13 21.85 3.42
N LEU C 279 38.30 23.06 2.89
CA LEU C 279 39.62 23.51 2.47
C LEU C 279 40.41 23.99 3.69
N ASN C 280 39.73 24.65 4.62
CA ASN C 280 40.38 25.17 5.83
C ASN C 280 40.85 24.13 6.85
N ALA C 281 40.08 23.05 7.00
CA ALA C 281 40.42 22.00 7.96
C ALA C 281 41.88 21.50 7.83
N PRO C 282 42.27 21.04 6.65
CA PRO C 282 43.66 20.57 6.53
C PRO C 282 44.72 21.63 6.80
N ILE C 283 44.34 22.89 6.70
CA ILE C 283 45.26 23.99 6.94
C ILE C 283 45.32 24.24 8.45
N MET C 284 44.16 24.27 9.08
CA MET C 284 44.09 24.47 10.52
C MET C 284 44.86 23.36 11.25
N ALA C 285 44.81 22.15 10.69
CA ALA C 285 45.51 20.99 11.27
C ALA C 285 47.01 21.23 11.38
N VAL C 286 47.56 22.06 10.50
CA VAL C 286 48.99 22.36 10.53
C VAL C 286 49.22 23.64 11.34
N ALA C 287 48.32 24.61 11.18
CA ALA C 287 48.46 25.88 11.88
C ALA C 287 48.58 25.81 13.39
N GLN C 288 47.74 25.01 14.05
CA GLN C 288 47.82 24.98 15.52
C GLN C 288 49.19 24.46 15.96
N PRO C 289 49.71 23.43 15.28
CA PRO C 289 51.03 22.93 15.68
C PRO C 289 52.09 24.05 15.56
N VAL C 290 51.97 24.85 14.50
CA VAL C 290 52.91 25.96 14.29
C VAL C 290 52.78 26.94 15.44
N ARG C 291 51.56 27.26 15.83
CA ARG C 291 51.35 28.19 16.95
C ARG C 291 52.00 27.63 18.22
N ASN C 292 51.73 26.37 18.50
CA ASN C 292 52.31 25.75 19.70
C ASN C 292 53.83 25.89 19.64
N LYS C 293 54.42 25.75 18.46
CA LYS C 293 55.87 25.90 18.38
C LYS C 293 56.35 27.32 18.63
N ILE C 294 55.83 28.30 17.90
CA ILE C 294 56.31 29.65 18.11
C ILE C 294 55.95 30.22 19.49
N TYR C 295 54.85 29.74 20.09
CA TYR C 295 54.45 30.24 21.40
C TYR C 295 55.27 29.63 22.52
N SER C 296 55.97 28.54 22.21
CA SER C 296 56.82 27.91 23.20
C SER C 296 58.28 28.29 22.96
N LYS C 297 58.87 27.80 21.88
CA LYS C 297 60.27 28.11 21.59
C LYS C 297 60.55 29.59 21.33
N TYR C 298 59.60 30.31 20.73
CA TYR C 298 59.85 31.71 20.46
C TYR C 298 58.91 32.57 21.27
N ALA C 299 58.63 32.07 22.46
CA ALA C 299 57.75 32.71 23.41
C ALA C 299 58.10 34.16 23.64
N TYR C 300 59.39 34.48 23.68
CA TYR C 300 59.77 35.85 23.92
C TYR C 300 59.15 36.87 22.97
N THR C 301 59.20 36.61 21.66
CA THR C 301 58.63 37.59 20.76
C THR C 301 57.17 37.29 20.44
N PHE C 302 56.74 36.03 20.55
CA PHE C 302 55.35 35.69 20.19
C PHE C 302 54.26 35.32 21.20
N HIS C 303 54.59 34.96 22.44
CA HIS C 303 53.56 34.57 23.39
C HIS C 303 53.29 35.69 24.40
N HIS C 304 52.13 36.30 24.29
CA HIS C 304 51.78 37.42 25.14
C HIS C 304 50.50 37.11 25.90
N THR C 305 50.53 37.36 27.20
CA THR C 305 49.38 37.05 28.02
C THR C 305 48.88 38.23 28.82
N THR C 306 49.54 38.49 29.94
CA THR C 306 49.14 39.58 30.82
C THR C 306 49.94 40.83 30.60
N ARG C 307 49.58 41.89 31.34
CA ARG C 307 50.28 43.16 31.24
C ARG C 307 51.70 42.96 31.78
N LEU C 308 51.79 42.23 32.89
CA LEU C 308 53.08 41.95 33.52
C LEU C 308 53.96 41.08 32.60
N ASN C 309 53.34 40.13 31.91
CA ASN C 309 54.06 39.27 30.98
C ASN C 309 54.78 40.11 29.91
N LYS C 310 54.13 41.17 29.45
CA LYS C 310 54.68 42.06 28.46
C LYS C 310 55.68 43.02 29.11
N GLU C 311 55.28 43.53 30.26
CA GLU C 311 56.09 44.49 31.02
C GLU C 311 57.49 43.98 31.34
N GLU C 312 57.60 42.71 31.68
CA GLU C 312 58.91 42.17 32.04
C GLU C 312 59.91 42.26 30.89
N LYS C 313 59.42 42.19 29.65
CA LYS C 313 60.30 42.25 28.48
C LYS C 313 60.69 43.68 28.13
N VAL C 314 59.67 44.52 27.97
CA VAL C 314 59.88 45.92 27.62
C VAL C 314 60.67 46.70 28.69
N LYS C 315 60.63 46.20 29.92
CA LYS C 315 61.32 46.81 31.05
C LYS C 315 62.83 46.82 30.78
N GLU C 316 63.34 45.67 30.34
CA GLU C 316 64.76 45.50 30.04
C GLU C 316 65.29 46.28 28.83
N TRP C 317 64.44 47.01 28.12
CA TRP C 317 64.91 47.74 26.94
C TRP C 317 65.27 49.17 27.27
N SER C 318 66.14 49.76 26.45
CA SER C 318 66.56 51.15 26.65
C SER C 318 65.66 52.03 25.79
N LEU C 319 65.10 51.43 24.76
CA LEU C 319 64.18 52.15 23.88
C LEU C 319 63.10 51.20 23.42
N CYS C 320 61.87 51.70 23.41
CA CYS C 320 60.72 50.89 22.99
C CYS C 320 59.94 51.69 21.97
N VAL C 321 59.86 51.17 20.74
CA VAL C 321 59.12 51.86 19.70
C VAL C 321 57.84 51.08 19.34
N ALA C 322 56.70 51.71 19.60
CA ALA C 322 55.38 51.15 19.33
C ALA C 322 54.99 51.48 17.89
N THR C 323 55.01 50.47 17.03
CA THR C 323 54.69 50.69 15.62
C THR C 323 53.23 50.51 15.29
N ASP C 324 52.87 50.97 14.09
CA ASP C 324 51.51 50.92 13.57
C ASP C 324 51.58 50.58 12.08
N VAL C 325 50.76 49.63 11.65
CA VAL C 325 50.74 49.24 10.24
C VAL C 325 49.40 49.59 9.63
N SER C 326 49.46 50.25 8.48
CA SER C 326 48.25 50.64 7.78
C SER C 326 47.59 49.52 6.96
N ASP C 327 46.30 49.29 7.23
CA ASP C 327 45.49 48.30 6.52
C ASP C 327 46.28 47.01 6.19
N HIS C 328 46.74 46.35 7.22
CA HIS C 328 47.53 45.15 7.04
C HIS C 328 46.99 44.09 6.11
N ASP C 329 45.75 43.66 6.34
CA ASP C 329 45.19 42.57 5.54
C ASP C 329 45.07 42.82 4.04
N THR C 330 44.69 44.02 3.64
CA THR C 330 44.54 44.29 2.23
C THR C 330 45.89 44.52 1.54
N PHE C 331 46.89 44.99 2.30
CA PHE C 331 48.25 45.23 1.78
C PHE C 331 49.12 43.97 1.77
N TRP C 332 48.69 42.93 2.49
CA TRP C 332 49.48 41.69 2.58
C TRP C 332 49.84 41.20 1.19
N PRO C 333 51.13 40.99 0.92
CA PRO C 333 51.60 40.55 -0.41
C PRO C 333 51.54 39.12 -0.84
N GLY C 334 50.86 38.89 -1.97
CA GLY C 334 50.75 37.56 -2.52
C GLY C 334 52.13 37.00 -2.81
N TRP C 335 53.12 37.85 -3.05
CA TRP C 335 54.42 37.27 -3.31
C TRP C 335 54.94 36.56 -2.04
N LEU C 336 54.52 37.00 -0.85
CA LEU C 336 54.97 36.29 0.36
C LEU C 336 54.29 34.90 0.41
N ARG C 337 53.05 34.84 -0.09
CA ARG C 337 52.32 33.57 -0.16
C ARG C 337 53.19 32.63 -1.01
N ASP C 338 53.59 33.08 -2.18
CA ASP C 338 54.40 32.25 -3.05
C ASP C 338 55.78 31.90 -2.52
N LEU C 339 56.40 32.84 -1.79
CA LEU C 339 57.72 32.56 -1.24
C LEU C 339 57.56 31.50 -0.14
N ILE C 340 56.52 31.62 0.67
CA ILE C 340 56.30 30.65 1.74
C ILE C 340 56.04 29.24 1.17
N CYS C 341 55.22 29.16 0.13
CA CYS C 341 54.92 27.88 -0.48
C CYS C 341 56.19 27.25 -1.04
N ASP C 342 56.97 28.08 -1.72
CA ASP C 342 58.23 27.63 -2.30
C ASP C 342 59.17 27.08 -1.22
N GLU C 343 59.32 27.81 -0.11
CA GLU C 343 60.21 27.33 0.93
C GLU C 343 59.68 26.08 1.61
N LEU C 344 58.36 26.00 1.80
CA LEU C 344 57.77 24.80 2.40
C LEU C 344 58.11 23.60 1.51
N LEU C 345 58.04 23.78 0.20
CA LEU C 345 58.37 22.70 -0.71
C LEU C 345 59.85 22.31 -0.49
N ASN C 346 60.73 23.31 -0.39
CA ASN C 346 62.14 23.04 -0.21
C ASN C 346 62.40 22.26 1.07
N MET C 347 61.55 22.50 2.07
CA MET C 347 61.68 21.84 3.36
C MET C 347 61.17 20.40 3.32
N GLY C 348 60.51 20.02 2.22
CA GLY C 348 59.99 18.67 2.11
C GLY C 348 58.52 18.48 2.42
N TYR C 349 57.77 19.56 2.59
CA TYR C 349 56.33 19.44 2.86
C TYR C 349 55.65 18.82 1.63
N ALA C 350 54.62 18.00 1.85
CA ALA C 350 53.91 17.38 0.74
C ALA C 350 53.46 18.45 -0.25
N PRO C 351 53.72 18.25 -1.54
CA PRO C 351 53.30 19.23 -2.55
C PRO C 351 51.80 19.46 -2.60
N TRP C 352 51.02 18.39 -2.45
CA TRP C 352 49.57 18.51 -2.50
C TRP C 352 49.03 19.40 -1.37
N TRP C 353 49.67 19.34 -0.20
CA TRP C 353 49.24 20.17 0.92
C TRP C 353 49.64 21.61 0.65
N VAL C 354 50.85 21.83 0.14
CA VAL C 354 51.31 23.18 -0.14
C VAL C 354 50.37 23.76 -1.18
N LYS C 355 49.96 22.94 -2.14
CA LYS C 355 49.05 23.44 -3.16
C LYS C 355 47.71 23.86 -2.53
N LEU C 356 47.23 23.11 -1.53
CA LEU C 356 45.97 23.43 -0.87
C LEU C 356 46.12 24.78 -0.18
N PHE C 357 47.25 24.95 0.49
CA PHE C 357 47.57 26.19 1.19
C PHE C 357 47.66 27.39 0.23
N GLU C 358 48.39 27.22 -0.86
CA GLU C 358 48.54 28.28 -1.84
C GLU C 358 47.17 28.72 -2.36
N THR C 359 46.37 27.74 -2.74
CA THR C 359 45.05 27.98 -3.27
C THR C 359 44.15 28.73 -2.30
N SER C 360 44.27 28.42 -1.02
CA SER C 360 43.45 29.07 0.01
C SER C 360 43.80 30.54 0.06
N LEU C 361 44.96 30.94 -0.49
CA LEU C 361 45.35 32.35 -0.48
C LEU C 361 45.17 33.04 -1.86
N LYS C 362 44.41 32.40 -2.77
CA LYS C 362 44.14 32.93 -4.11
C LYS C 362 42.67 32.78 -4.46
N LEU C 363 41.91 32.26 -3.51
CA LEU C 363 40.48 32.00 -3.70
C LEU C 363 39.52 33.16 -4.00
N PRO C 364 38.53 32.91 -4.87
CA PRO C 364 37.51 33.91 -5.25
C PRO C 364 36.70 34.27 -3.97
N VAL C 365 35.97 35.37 -4.01
CA VAL C 365 35.19 35.77 -2.86
C VAL C 365 33.75 36.09 -3.29
N TYR C 366 32.79 35.58 -2.52
CA TYR C 366 31.41 35.83 -2.85
C TYR C 366 30.94 36.99 -1.99
N VAL C 367 30.51 38.07 -2.64
CA VAL C 367 30.05 39.24 -1.90
C VAL C 367 28.55 39.17 -1.62
N GLY C 368 28.21 39.25 -0.34
CA GLY C 368 26.81 39.17 0.04
C GLY C 368 26.01 40.43 -0.13
N ALA C 369 25.98 41.24 0.91
CA ALA C 369 25.17 42.43 0.85
C ALA C 369 25.81 43.62 1.53
N PRO C 370 26.64 44.39 0.78
CA PRO C 370 27.36 45.58 1.27
C PRO C 370 26.40 46.72 1.54
N ALA C 371 25.22 46.64 0.95
CA ALA C 371 24.22 47.69 1.08
C ALA C 371 22.89 47.24 0.47
N PRO C 372 21.81 47.98 0.70
CA PRO C 372 20.50 47.61 0.13
C PRO C 372 20.58 47.53 -1.40
N GLU C 373 19.98 46.52 -2.00
CA GLU C 373 19.99 46.43 -3.46
C GLU C 373 21.38 46.28 -4.08
N GLN C 374 22.35 45.76 -3.33
CA GLN C 374 23.70 45.59 -3.84
C GLN C 374 24.27 44.26 -3.40
N GLY C 375 25.15 43.69 -4.22
CA GLY C 375 25.79 42.45 -3.83
C GLY C 375 25.46 41.20 -4.59
N HIS C 376 25.54 40.06 -3.89
CA HIS C 376 25.23 38.74 -4.47
C HIS C 376 26.01 38.57 -5.77
N THR C 377 27.32 38.73 -5.66
CA THR C 377 28.21 38.63 -6.80
C THR C 377 29.48 37.89 -6.41
N LEU C 378 29.90 36.97 -7.28
CA LEU C 378 31.11 36.21 -7.06
C LEU C 378 32.26 36.91 -7.77
N LEU C 379 33.33 37.26 -7.05
CA LEU C 379 34.50 37.89 -7.67
C LEU C 379 35.56 36.84 -7.83
N GLY C 380 36.02 36.65 -9.06
CA GLY C 380 37.05 35.66 -9.31
C GLY C 380 36.44 34.37 -9.82
N ASP C 381 37.24 33.57 -10.53
CA ASP C 381 36.75 32.32 -11.11
C ASP C 381 37.22 31.11 -10.33
N PRO C 382 36.28 30.35 -9.75
CA PRO C 382 36.70 29.17 -8.98
C PRO C 382 37.44 28.14 -9.79
N SER C 383 37.22 28.12 -11.10
CA SER C 383 37.92 27.14 -11.96
C SER C 383 39.42 27.40 -12.00
N ASN C 384 39.83 28.62 -11.68
CA ASN C 384 41.25 28.91 -11.67
C ASN C 384 41.57 30.02 -10.70
N PRO C 385 41.72 29.68 -9.42
CA PRO C 385 42.01 30.63 -8.34
C PRO C 385 43.22 31.52 -8.60
N ASP C 386 42.99 32.83 -8.76
CA ASP C 386 44.07 33.77 -9.03
C ASP C 386 43.85 35.15 -8.41
N LEU C 387 43.07 35.25 -7.33
CA LEU C 387 42.84 36.57 -6.71
C LEU C 387 44.06 36.97 -5.89
N GLU C 388 44.16 38.26 -5.60
CA GLU C 388 45.25 38.82 -4.79
C GLU C 388 44.57 39.79 -3.81
N VAL C 389 43.68 39.28 -2.97
CA VAL C 389 42.96 40.13 -2.04
C VAL C 389 43.79 40.55 -0.85
N GLY C 390 44.97 39.94 -0.73
CA GLY C 390 45.82 40.22 0.42
C GLY C 390 45.65 39.00 1.33
N LEU C 391 45.26 39.22 2.58
CA LEU C 391 45.07 38.11 3.50
C LEU C 391 43.57 37.94 3.76
N SER C 392 43.00 36.78 3.48
CA SER C 392 41.56 36.55 3.75
C SER C 392 41.44 36.21 5.23
N SER C 393 40.55 36.87 5.95
CA SER C 393 40.40 36.59 7.37
C SER C 393 40.01 35.13 7.73
N GLY C 394 39.22 34.46 6.89
CA GLY C 394 38.83 33.10 7.21
C GLY C 394 39.77 32.00 6.71
N GLN C 395 40.98 32.35 6.29
CA GLN C 395 41.91 31.33 5.83
C GLN C 395 42.40 30.61 7.10
N GLY C 396 42.69 29.31 7.02
CA GLY C 396 43.11 28.65 8.25
C GLY C 396 44.29 29.16 9.06
N ALA C 397 45.15 29.99 8.46
CA ALA C 397 46.34 30.48 9.17
C ALA C 397 46.60 31.99 9.05
N THR C 398 45.54 32.79 8.95
CA THR C 398 45.74 34.24 8.78
C THR C 398 46.61 34.87 9.84
N ASP C 399 46.43 34.44 11.09
CA ASP C 399 47.26 35.00 12.15
C ASP C 399 48.77 34.75 11.91
N LEU C 400 49.10 33.53 11.51
CA LEU C 400 50.50 33.18 11.24
C LEU C 400 51.05 33.91 10.01
N MET C 401 50.21 34.12 8.99
CA MET C 401 50.66 34.81 7.78
C MET C 401 50.98 36.25 8.10
N GLY C 402 50.17 36.87 8.94
CA GLY C 402 50.43 38.25 9.33
C GLY C 402 51.66 38.39 10.21
N THR C 403 51.80 37.49 11.19
CA THR C 403 52.93 37.50 12.08
C THR C 403 54.23 37.27 11.31
N LEU C 404 54.25 36.31 10.40
CA LEU C 404 55.45 36.01 9.60
C LEU C 404 55.87 37.25 8.81
N LEU C 405 54.92 37.84 8.09
CA LEU C 405 55.21 39.05 7.31
C LEU C 405 55.76 40.14 8.16
N MET C 406 54.99 40.53 9.19
CA MET C 406 55.37 41.65 10.04
C MET C 406 56.62 41.48 10.89
N SER C 407 56.81 40.29 11.46
CA SER C 407 57.96 40.06 12.32
C SER C 407 59.24 40.28 11.52
N ILE C 408 59.31 39.73 10.31
CA ILE C 408 60.47 39.92 9.45
C ILE C 408 60.55 41.38 8.97
N THR C 409 59.40 41.96 8.68
CA THR C 409 59.39 43.36 8.25
C THR C 409 60.00 44.27 9.35
N TYR C 410 59.65 44.05 10.61
CA TYR C 410 60.19 44.87 11.70
C TYR C 410 61.69 44.61 11.88
N LEU C 411 62.10 43.35 11.78
CA LEU C 411 63.49 42.97 11.88
C LEU C 411 64.25 43.72 10.79
N VAL C 412 63.74 43.69 9.56
CA VAL C 412 64.42 44.37 8.48
C VAL C 412 64.53 45.86 8.75
N MET C 413 63.50 46.45 9.37
CA MET C 413 63.53 47.86 9.70
C MET C 413 64.68 48.13 10.65
N GLN C 414 64.82 47.28 11.67
CA GLN C 414 65.89 47.46 12.66
C GLN C 414 67.27 47.31 12.01
N LEU C 415 67.43 46.30 11.16
CA LEU C 415 68.69 46.06 10.48
C LEU C 415 69.01 47.25 9.58
N ASP C 416 68.05 47.63 8.76
CA ASP C 416 68.22 48.73 7.82
C ASP C 416 68.58 50.04 8.47
N HIS C 417 67.89 50.41 9.55
CA HIS C 417 68.14 51.71 10.19
C HIS C 417 68.95 51.75 11.46
N THR C 418 69.28 50.60 12.03
CA THR C 418 70.00 50.66 13.27
C THR C 418 71.11 49.64 13.45
N ALA C 419 71.00 48.46 12.86
CA ALA C 419 72.04 47.45 13.07
C ALA C 419 72.74 46.87 11.84
N PRO C 420 73.28 47.73 10.97
CA PRO C 420 73.97 47.21 9.79
C PRO C 420 75.09 46.24 10.18
N HIS C 421 75.62 46.41 11.39
CA HIS C 421 76.70 45.53 11.86
C HIS C 421 76.24 44.12 12.06
N LEU C 422 74.93 43.90 12.05
CA LEU C 422 74.44 42.54 12.21
C LEU C 422 74.27 41.85 10.86
N ASN C 423 74.30 42.61 9.78
CA ASN C 423 74.14 41.99 8.46
C ASN C 423 75.09 40.83 8.17
N SER C 424 76.36 40.95 8.58
CA SER C 424 77.33 39.88 8.31
C SER C 424 76.94 38.57 8.98
N ARG C 425 75.97 38.63 9.89
CA ARG C 425 75.52 37.43 10.60
C ARG C 425 74.57 36.62 9.70
N ILE C 426 74.11 37.23 8.61
CA ILE C 426 73.15 36.61 7.69
C ILE C 426 73.76 36.42 6.32
N LYS C 427 74.42 35.29 6.12
CA LYS C 427 75.13 35.02 4.86
C LYS C 427 74.52 33.96 3.97
N ASP C 428 73.68 33.12 4.55
CA ASP C 428 73.06 32.06 3.78
C ASP C 428 71.93 31.50 4.62
N MET C 429 71.27 30.43 4.16
CA MET C 429 70.15 29.91 4.92
C MET C 429 70.52 29.50 6.35
N PRO C 430 71.56 28.67 6.50
CA PRO C 430 71.94 28.23 7.85
C PRO C 430 72.21 29.39 8.80
N SER C 431 72.97 30.38 8.33
CA SER C 431 73.27 31.50 9.19
C SER C 431 72.03 32.37 9.41
N ALA C 432 71.18 32.48 8.40
CA ALA C 432 69.96 33.29 8.54
C ALA C 432 69.10 32.63 9.63
N CYS C 433 68.90 31.32 9.53
CA CYS C 433 68.12 30.60 10.53
C CYS C 433 68.70 30.74 11.93
N ARG C 434 70.02 30.65 12.06
CA ARG C 434 70.64 30.78 13.38
C ARG C 434 70.45 32.18 13.95
N PHE C 435 70.64 33.19 13.11
CA PHE C 435 70.45 34.55 13.60
C PHE C 435 68.98 34.84 13.96
N LEU C 436 68.05 34.37 13.12
CA LEU C 436 66.63 34.61 13.39
C LEU C 436 66.19 33.89 14.66
N ASP C 437 66.65 32.65 14.80
CA ASP C 437 66.34 31.85 15.99
C ASP C 437 66.77 32.60 17.25
N SER C 438 67.97 33.16 17.23
CA SER C 438 68.48 33.92 18.36
C SER C 438 67.69 35.22 18.60
N TYR C 439 67.39 35.92 17.50
CA TYR C 439 66.64 37.17 17.58
C TYR C 439 65.22 36.95 18.12
N TRP C 440 64.58 35.88 17.67
CA TRP C 440 63.22 35.59 18.13
C TRP C 440 63.16 35.18 19.60
N GLN C 441 64.27 34.67 20.15
CA GLN C 441 64.29 34.29 21.56
C GLN C 441 64.67 35.48 22.42
N GLY C 442 64.81 36.64 21.82
CA GLY C 442 65.17 37.82 22.58
C GLY C 442 66.63 37.89 23.02
N HIS C 443 67.50 37.13 22.35
CA HIS C 443 68.91 37.11 22.70
C HIS C 443 69.80 38.13 21.98
N GLU C 444 69.25 39.01 21.15
CA GLU C 444 70.09 39.99 20.43
C GLU C 444 69.88 41.38 20.98
N GLU C 445 70.74 42.32 20.62
CA GLU C 445 70.59 43.67 21.15
C GLU C 445 69.36 44.34 20.56
N ILE C 446 68.85 43.82 19.44
CA ILE C 446 67.61 44.39 18.91
C ILE C 446 66.57 43.32 19.21
N ARG C 447 65.38 43.74 19.64
CA ARG C 447 64.30 42.80 19.97
C ARG C 447 62.92 43.28 19.53
N GLN C 448 61.91 42.42 19.71
CA GLN C 448 60.55 42.78 19.39
C GLN C 448 59.56 41.85 20.04
N ILE C 449 58.36 42.36 20.28
CA ILE C 449 57.28 41.50 20.76
C ILE C 449 56.22 41.82 19.72
N SER C 450 55.59 40.80 19.16
CA SER C 450 54.59 41.11 18.15
C SER C 450 53.54 40.06 17.91
N LYS C 451 52.51 40.50 17.21
CA LYS C 451 51.39 39.65 16.85
C LYS C 451 50.74 40.36 15.67
N SER C 452 50.84 39.75 14.49
CA SER C 452 50.26 40.35 13.29
C SER C 452 50.73 41.80 13.16
N ASP C 453 49.77 42.71 13.04
CA ASP C 453 50.08 44.11 12.88
C ASP C 453 50.25 44.95 14.15
N ASP C 454 50.41 44.31 15.30
CA ASP C 454 50.67 45.09 16.52
C ASP C 454 52.07 44.68 17.00
N ALA C 455 52.87 45.64 17.45
CA ALA C 455 54.21 45.28 17.92
C ALA C 455 54.95 46.38 18.63
N MET C 456 55.95 45.98 19.39
CA MET C 456 56.80 46.98 20.04
C MET C 456 58.20 46.49 19.74
N LEU C 457 59.04 47.41 19.27
CA LEU C 457 60.40 47.08 18.88
C LEU C 457 61.35 47.63 19.93
N GLY C 458 62.32 46.83 20.32
CA GLY C 458 63.26 47.28 21.34
C GLY C 458 64.75 47.28 21.02
N TRP C 459 65.46 48.13 21.76
CA TRP C 459 66.91 48.29 21.65
C TRP C 459 67.48 48.30 23.03
N THR C 460 68.42 47.41 23.30
CA THR C 460 69.10 47.36 24.59
C THR C 460 70.28 48.30 24.43
N LYS C 461 71.19 48.28 25.38
CA LYS C 461 72.36 49.13 25.27
C LYS C 461 73.20 48.47 24.18
N GLY C 462 73.87 49.26 23.37
CA GLY C 462 74.70 48.65 22.34
C GLY C 462 74.89 49.56 21.16
N ARG C 463 75.50 49.02 20.12
CA ARG C 463 75.75 49.79 18.91
C ARG C 463 74.50 50.21 18.17
N ALA C 464 73.45 49.41 18.28
CA ALA C 464 72.20 49.73 17.56
C ALA C 464 71.37 50.82 18.22
N LEU C 465 71.52 50.99 19.53
CA LEU C 465 70.73 51.98 20.27
C LEU C 465 70.64 53.35 19.64
N VAL C 466 71.79 53.91 19.29
CA VAL C 466 71.83 55.23 18.68
C VAL C 466 70.95 55.24 17.44
N GLY C 467 71.08 54.20 16.61
CA GLY C 467 70.27 54.09 15.41
C GLY C 467 68.78 53.98 15.75
N GLY C 468 68.48 53.26 16.83
CA GLY C 468 67.10 53.13 17.26
C GLY C 468 66.48 54.50 17.43
N HIS C 469 67.20 55.41 18.09
CA HIS C 469 66.67 56.74 18.31
C HIS C 469 66.45 57.48 17.03
N ARG C 470 67.36 57.30 16.07
CA ARG C 470 67.18 57.96 14.77
C ARG C 470 65.90 57.45 14.10
N LEU C 471 65.68 56.13 14.19
CA LEU C 471 64.49 55.52 13.58
C LEU C 471 63.22 56.10 14.18
N PHE C 472 63.19 56.19 15.50
CA PHE C 472 62.04 56.73 16.23
C PHE C 472 61.82 58.15 15.70
N GLU C 473 62.88 58.94 15.72
CA GLU C 473 62.79 60.32 15.24
C GLU C 473 62.24 60.35 13.82
N MET C 474 62.72 59.44 12.97
CA MET C 474 62.21 59.38 11.59
C MET C 474 60.70 59.07 11.60
N LEU C 475 60.28 58.16 12.47
CA LEU C 475 58.87 57.83 12.58
C LEU C 475 58.11 59.09 13.05
N LYS C 476 58.62 59.77 14.08
CA LYS C 476 57.91 60.96 14.54
C LYS C 476 57.72 61.99 13.43
N GLU C 477 58.74 62.20 12.62
CA GLU C 477 58.64 63.16 11.53
C GLU C 477 57.61 62.73 10.51
N GLY C 478 57.50 61.42 10.39
CA GLY C 478 56.53 60.81 9.49
C GLY C 478 56.54 61.26 8.05
N LYS C 479 57.72 61.48 7.49
CA LYS C 479 57.80 61.90 6.10
C LYS C 479 58.21 60.72 5.22
N VAL C 480 58.99 59.80 5.77
CA VAL C 480 59.50 58.68 5.02
C VAL C 480 59.11 57.32 5.62
N ASN C 481 58.57 56.43 4.78
CA ASN C 481 58.19 55.11 5.25
C ASN C 481 59.49 54.34 5.48
N PRO C 482 59.75 53.89 6.72
CA PRO C 482 60.97 53.15 7.08
C PRO C 482 61.08 51.75 6.51
N SER C 483 60.06 51.30 5.80
CA SER C 483 60.08 49.94 5.27
C SER C 483 59.64 49.85 3.83
N PRO C 484 60.22 48.92 3.07
CA PRO C 484 59.81 48.76 1.67
C PRO C 484 58.63 47.79 1.53
N TYR C 485 58.25 47.11 2.61
CA TYR C 485 57.18 46.11 2.53
C TYR C 485 55.75 46.48 2.91
N MET C 486 55.58 47.29 3.95
CA MET C 486 54.26 47.73 4.39
C MET C 486 54.35 49.19 4.83
N LYS C 487 53.21 49.87 5.00
CA LYS C 487 53.23 51.27 5.45
C LYS C 487 53.28 51.23 6.97
N ILE C 488 54.42 51.63 7.50
CA ILE C 488 54.66 51.62 8.94
C ILE C 488 54.78 53.04 9.47
N SER C 489 54.22 53.29 10.65
CA SER C 489 54.33 54.58 11.33
C SER C 489 54.44 54.23 12.82
N TYR C 490 54.35 55.23 13.69
CA TYR C 490 54.39 54.93 15.12
C TYR C 490 52.94 55.12 15.60
N GLU C 491 52.54 54.34 16.60
CA GLU C 491 51.18 54.40 17.14
C GLU C 491 50.98 55.63 18.04
N HIS C 492 49.93 56.40 17.80
CA HIS C 492 49.69 57.56 18.66
C HIS C 492 49.03 57.03 19.92
N GLY C 493 49.83 56.86 20.97
CA GLY C 493 49.32 56.30 22.20
C GLY C 493 49.73 54.84 22.14
N GLY C 494 51.02 54.60 22.19
CA GLY C 494 51.57 53.27 22.12
C GLY C 494 50.94 52.23 23.01
N ALA C 495 50.53 51.10 22.41
CA ALA C 495 49.92 50.01 23.15
C ALA C 495 50.23 48.69 22.46
N PHE C 496 50.14 47.60 23.20
CA PHE C 496 50.43 46.28 22.64
C PHE C 496 49.38 45.28 23.11
N LEU C 497 48.65 44.72 22.16
CA LEU C 497 47.59 43.77 22.48
C LEU C 497 46.63 44.27 23.58
N GLY C 498 46.06 45.45 23.36
CA GLY C 498 45.11 46.00 24.32
C GLY C 498 45.62 46.71 25.55
N ASP C 499 46.90 46.56 25.87
CA ASP C 499 47.48 47.24 27.03
C ASP C 499 48.33 48.44 26.64
N ILE C 500 48.02 49.59 27.25
CA ILE C 500 48.74 50.83 27.01
C ILE C 500 50.04 50.86 27.78
N LEU C 501 51.14 51.29 27.15
CA LEU C 501 52.43 51.40 27.82
C LEU C 501 52.43 52.79 28.46
N LEU C 502 52.28 52.82 29.77
CA LEU C 502 52.23 54.07 30.51
C LEU C 502 53.64 54.46 30.96
N TYR C 503 54.13 55.57 30.42
CA TYR C 503 55.46 56.07 30.74
C TYR C 503 55.40 57.09 31.88
N ASP C 504 56.49 57.26 32.64
CA ASP C 504 56.46 58.31 33.67
C ASP C 504 57.17 59.55 33.11
N SER C 505 57.67 60.41 33.99
CA SER C 505 58.36 61.63 33.56
C SER C 505 59.67 61.37 32.81
N ARG C 506 60.32 60.25 33.15
CA ARG C 506 61.58 59.90 32.51
C ARG C 506 61.39 59.40 31.08
N ARG C 507 60.16 58.98 30.75
CA ARG C 507 59.83 58.50 29.41
C ARG C 507 60.79 57.41 28.96
N GLU C 508 61.03 56.43 29.83
CA GLU C 508 61.92 55.33 29.48
C GLU C 508 61.24 54.01 29.77
N PRO C 509 61.52 52.98 28.96
CA PRO C 509 60.94 51.66 29.11
C PRO C 509 61.13 51.10 30.51
N GLY C 510 62.32 51.32 31.07
CA GLY C 510 62.63 50.81 32.38
C GLY C 510 61.66 51.22 33.46
N SER C 511 61.16 52.46 33.39
CA SER C 511 60.23 52.95 34.40
C SER C 511 58.81 53.15 33.85
N ALA C 512 58.44 52.36 32.84
CA ALA C 512 57.09 52.48 32.28
C ALA C 512 56.36 51.21 32.65
N ILE C 513 55.04 51.24 32.61
CA ILE C 513 54.29 50.06 32.95
C ILE C 513 53.13 49.86 31.99
N PHE C 514 52.70 48.61 31.85
CA PHE C 514 51.57 48.31 31.00
C PHE C 514 50.28 48.35 31.83
N VAL C 515 49.29 49.12 31.39
CA VAL C 515 47.99 49.18 32.07
C VAL C 515 46.88 48.89 31.07
N GLY C 516 45.74 48.38 31.55
CA GLY C 516 44.64 48.11 30.65
C GLY C 516 44.18 49.41 30.00
N ASN C 517 43.54 49.30 28.84
CA ASN C 517 43.04 50.50 28.14
C ASN C 517 41.62 50.71 28.66
N ILE C 518 41.42 51.74 29.47
CA ILE C 518 40.10 51.98 30.05
C ILE C 518 39.03 52.19 28.98
N ASN C 519 39.42 52.70 27.82
CA ASN C 519 38.45 52.93 26.75
C ASN C 519 37.94 51.57 26.21
N SER C 520 38.80 50.57 26.23
CA SER C 520 38.40 49.24 25.76
C SER C 520 37.37 48.66 26.70
N MET C 521 37.46 49.00 27.99
CA MET C 521 36.50 48.50 28.96
C MET C 521 35.14 49.07 28.60
N LEU C 522 35.11 50.36 28.28
CA LEU C 522 33.89 51.03 27.87
C LEU C 522 33.37 50.47 26.54
N ASN C 523 34.28 50.16 25.61
CA ASN C 523 33.85 49.59 24.33
C ASN C 523 33.12 48.26 24.58
N ASN C 524 33.75 47.40 25.38
CA ASN C 524 33.21 46.07 25.68
C ASN C 524 31.92 46.06 26.46
N GLN C 525 31.79 46.96 27.43
CA GLN C 525 30.57 46.96 28.23
C GLN C 525 29.43 47.70 27.59
N PHE C 526 29.70 48.75 26.84
CA PHE C 526 28.59 49.51 26.26
C PHE C 526 28.44 49.49 24.75
N SER C 527 29.41 48.92 24.04
CA SER C 527 29.30 48.81 22.59
C SER C 527 29.69 47.42 22.09
N PRO C 528 29.04 46.37 22.63
CA PRO C 528 29.44 45.06 22.13
C PRO C 528 29.20 44.99 20.62
N GLU C 529 29.91 44.05 19.97
CA GLU C 529 29.79 43.90 18.54
C GLU C 529 28.56 43.09 18.19
N TYR C 530 28.13 42.23 19.11
CA TYR C 530 26.96 41.40 18.89
C TYR C 530 25.97 41.56 20.02
N GLY C 531 24.70 41.25 19.72
CA GLY C 531 23.65 41.30 20.72
C GLY C 531 23.81 40.06 21.60
N VAL C 532 22.95 39.91 22.61
CA VAL C 532 23.05 38.77 23.50
C VAL C 532 22.47 37.45 22.94
N GLN C 533 21.86 37.51 21.76
CA GLN C 533 21.25 36.32 21.12
C GLN C 533 20.51 35.45 22.13
N SER C 534 19.60 36.03 22.89
CA SER C 534 18.91 35.26 23.92
C SER C 534 18.06 34.13 23.34
N GLY C 535 17.85 34.15 22.02
CA GLY C 535 17.06 33.11 21.37
C GLY C 535 17.86 31.84 21.10
N VAL C 536 19.18 31.92 21.22
CA VAL C 536 20.04 30.77 21.01
C VAL C 536 20.14 30.10 22.39
N ARG C 537 19.49 28.94 22.52
CA ARG C 537 19.47 28.21 23.79
C ARG C 537 20.81 27.73 24.29
N ASP C 538 21.60 27.18 23.37
CA ASP C 538 22.94 26.70 23.73
C ASP C 538 23.89 27.90 23.79
N ARG C 539 24.09 28.43 25.00
CA ARG C 539 24.96 29.58 25.22
C ARG C 539 26.36 29.45 24.67
N SER C 540 26.88 28.22 24.65
CA SER C 540 28.23 28.00 24.17
C SER C 540 28.32 28.36 22.69
N LYS C 541 27.17 28.36 22.02
CA LYS C 541 27.15 28.69 20.60
C LYS C 541 26.95 30.21 20.30
N ARG C 542 26.67 31.01 21.33
CA ARG C 542 26.47 32.45 21.17
C ARG C 542 27.78 33.21 21.00
N LYS C 543 27.70 34.40 20.40
CA LYS C 543 28.89 35.21 20.22
C LYS C 543 29.35 35.67 21.60
N ARG C 544 28.39 35.86 22.50
CA ARG C 544 28.67 36.32 23.87
C ARG C 544 28.00 35.33 24.83
N PRO C 545 28.61 34.15 25.04
CA PRO C 545 28.07 33.10 25.92
C PRO C 545 27.62 33.51 27.34
N PHE C 546 28.48 34.20 28.07
CA PHE C 546 28.19 34.60 29.44
C PHE C 546 28.66 36.02 29.70
N PRO C 547 27.95 37.02 29.14
CA PRO C 547 28.28 38.44 29.28
C PRO C 547 28.56 38.90 30.71
N GLY C 548 27.82 38.34 31.65
CA GLY C 548 27.96 38.74 33.05
C GLY C 548 29.29 38.48 33.72
N LEU C 549 29.99 37.44 33.28
CA LEU C 549 31.27 37.08 33.86
C LEU C 549 32.36 38.14 33.75
N ALA C 550 32.27 39.00 32.74
CA ALA C 550 33.30 40.03 32.58
C ALA C 550 33.40 40.95 33.79
N TRP C 551 32.32 41.05 34.56
CA TRP C 551 32.33 41.94 35.72
C TRP C 551 33.31 41.41 36.76
N ALA C 552 33.47 40.10 36.83
CA ALA C 552 34.39 39.51 37.81
C ALA C 552 35.87 39.69 37.42
N SER C 553 36.13 39.89 36.13
CA SER C 553 37.49 40.05 35.65
C SER C 553 37.90 41.50 35.41
N MET C 554 36.92 42.40 35.50
CA MET C 554 37.18 43.82 35.28
C MET C 554 38.33 44.46 36.05
N LYS C 555 38.37 44.27 37.37
CA LYS C 555 39.41 44.83 38.23
C LYS C 555 40.78 44.32 37.79
N ASP C 556 40.83 43.03 37.54
CA ASP C 556 42.06 42.44 37.13
C ASP C 556 42.54 42.95 35.76
N THR C 557 41.59 43.16 34.84
CA THR C 557 41.93 43.63 33.51
C THR C 557 42.19 45.12 33.40
N TYR C 558 41.39 45.93 34.10
CA TYR C 558 41.52 47.38 34.04
C TYR C 558 41.92 48.13 35.31
N GLY C 559 41.97 47.42 36.43
CA GLY C 559 42.32 48.03 37.71
C GLY C 559 43.58 48.89 37.73
N ALA C 560 44.54 48.61 36.86
CA ALA C 560 45.79 49.36 36.83
C ALA C 560 45.68 50.69 36.09
N CYS C 561 44.58 50.92 35.41
CA CYS C 561 44.44 52.17 34.69
C CYS C 561 44.30 53.30 35.70
N PRO C 562 45.11 54.37 35.55
CA PRO C 562 45.08 55.53 36.46
C PRO C 562 43.69 56.07 36.85
N ILE C 563 42.77 56.14 35.89
CA ILE C 563 41.45 56.67 36.18
C ILE C 563 40.36 55.61 36.28
N TYR C 564 40.75 54.39 36.62
CA TYR C 564 39.80 53.30 36.74
C TYR C 564 38.64 53.63 37.71
N SER C 565 38.97 54.00 38.93
CA SER C 565 37.95 54.34 39.93
C SER C 565 37.02 55.44 39.45
N ASP C 566 37.60 56.49 38.88
CA ASP C 566 36.83 57.63 38.39
C ASP C 566 35.84 57.23 37.33
N VAL C 567 36.24 56.33 36.44
CA VAL C 567 35.34 55.93 35.37
C VAL C 567 34.16 55.15 35.91
N LEU C 568 34.41 54.18 36.78
CA LEU C 568 33.35 53.37 37.39
C LEU C 568 32.35 54.24 38.12
N GLU C 569 32.83 55.32 38.72
CA GLU C 569 31.93 56.25 39.40
C GLU C 569 31.22 57.14 38.40
N ALA C 570 31.89 57.53 37.33
CA ALA C 570 31.22 58.35 36.33
C ALA C 570 30.09 57.48 35.73
N ILE C 571 30.39 56.20 35.50
CA ILE C 571 29.39 55.27 34.99
C ILE C 571 28.20 55.17 35.96
N GLU C 572 28.50 54.95 37.24
CA GLU C 572 27.46 54.80 38.25
C GLU C 572 26.59 56.02 38.26
N ARG C 573 27.22 57.19 38.27
CA ARG C 573 26.47 58.42 38.31
C ARG C 573 25.58 58.59 37.08
N CYS C 574 26.14 58.38 35.89
CA CYS C 574 25.35 58.56 34.66
C CYS C 574 24.26 57.51 34.45
N TRP C 575 24.55 56.30 34.89
CA TRP C 575 23.58 55.23 34.75
C TRP C 575 22.41 55.53 35.67
N TRP C 576 22.69 56.16 36.82
CA TRP C 576 21.59 56.49 37.73
C TRP C 576 20.72 57.56 37.07
N ASN C 577 21.37 58.58 36.50
CA ASN C 577 20.60 59.64 35.82
C ASN C 577 19.69 59.05 34.75
N ALA C 578 20.21 58.08 34.00
CA ALA C 578 19.46 57.44 32.89
C ALA C 578 18.45 56.36 33.25
N PHE C 579 18.82 55.48 34.18
CA PHE C 579 17.94 54.39 34.52
C PHE C 579 17.39 54.44 35.94
N GLY C 580 17.89 55.35 36.76
CA GLY C 580 17.40 55.43 38.12
C GLY C 580 17.69 54.16 38.91
N GLU C 581 18.80 53.50 38.59
CA GLU C 581 19.22 52.25 39.26
C GLU C 581 20.76 52.28 39.34
N SER C 582 21.31 51.35 40.11
CA SER C 582 22.76 51.25 40.29
C SER C 582 23.35 50.33 39.23
N TYR C 583 24.32 50.83 38.49
CA TYR C 583 24.91 50.00 37.46
C TYR C 583 25.64 48.84 38.14
N ARG C 584 26.39 49.15 39.19
CA ARG C 584 27.12 48.10 39.89
C ARG C 584 26.22 46.92 40.27
N ALA C 585 25.11 47.22 40.94
CA ALA C 585 24.18 46.18 41.34
C ALA C 585 23.63 45.44 40.12
N TYR C 586 23.35 46.20 39.06
CA TYR C 586 22.83 45.60 37.82
C TYR C 586 23.81 44.55 37.33
N ARG C 587 25.09 44.90 37.36
CA ARG C 587 26.13 44.02 36.92
C ARG C 587 26.37 42.83 37.84
N GLU C 588 26.26 43.07 39.15
CA GLU C 588 26.46 41.98 40.10
C GLU C 588 25.37 40.94 39.88
N ASP C 589 24.15 41.38 39.59
CA ASP C 589 23.07 40.44 39.33
C ASP C 589 23.34 39.64 38.08
N MET C 590 23.77 40.32 37.02
CA MET C 590 24.06 39.66 35.77
C MET C 590 25.21 38.69 36.03
N LEU C 591 26.14 39.09 36.90
CA LEU C 591 27.28 38.26 37.25
C LEU C 591 26.76 36.99 37.93
N LYS C 592 25.88 37.15 38.92
CA LYS C 592 25.33 36.00 39.61
C LYS C 592 24.63 35.04 38.67
N ARG C 593 23.71 35.56 37.86
CA ARG C 593 22.96 34.70 36.93
C ARG C 593 23.86 33.88 35.98
N ASP C 594 24.81 34.55 35.34
CA ASP C 594 25.70 33.87 34.41
C ASP C 594 26.61 32.89 35.13
N THR C 595 26.96 33.19 36.37
CA THR C 595 27.82 32.27 37.12
C THR C 595 27.01 30.99 37.34
N LEU C 596 25.71 31.12 37.59
CA LEU C 596 24.87 29.94 37.82
C LEU C 596 24.67 29.18 36.53
N GLU C 597 24.46 29.93 35.46
CA GLU C 597 24.25 29.33 34.16
C GLU C 597 25.50 28.59 33.67
N LEU C 598 26.68 29.13 33.99
CA LEU C 598 27.93 28.50 33.58
C LEU C 598 28.06 27.09 34.14
N SER C 599 27.60 26.90 35.37
CA SER C 599 27.72 25.58 35.99
C SER C 599 26.95 24.53 35.23
N ARG C 600 26.08 24.96 34.33
CA ARG C 600 25.31 24.01 33.53
C ARG C 600 26.13 23.49 32.36
N TYR C 601 27.22 24.20 32.06
CA TYR C 601 28.06 23.84 30.93
C TYR C 601 29.41 23.27 31.34
N VAL C 602 29.86 23.61 32.53
CA VAL C 602 31.15 23.13 32.97
C VAL C 602 31.02 21.95 33.92
N ALA C 603 31.39 20.76 33.41
CA ALA C 603 31.34 19.53 34.18
C ALA C 603 32.11 19.81 35.47
N SER C 604 33.31 20.39 35.32
CA SER C 604 34.17 20.75 36.45
C SER C 604 33.39 21.29 37.67
N MET C 605 33.14 22.60 37.70
CA MET C 605 32.41 23.20 38.82
C MET C 605 31.08 22.50 39.08
N ALA C 606 30.82 22.26 40.37
CA ALA C 606 29.60 21.61 40.80
C ALA C 606 28.39 22.31 40.19
N ARG C 607 27.20 21.79 40.47
CA ARG C 607 25.95 22.36 39.96
C ARG C 607 25.69 23.77 40.52
N GLN C 608 26.73 24.35 41.14
CA GLN C 608 26.66 25.70 41.70
C GLN C 608 27.95 26.13 42.42
N ALA C 609 29.06 25.49 42.11
CA ALA C 609 30.32 25.88 42.71
C ALA C 609 30.62 27.26 42.11
N GLY C 610 31.31 28.12 42.87
CA GLY C 610 31.61 29.46 42.37
C GLY C 610 32.50 29.58 41.14
N LEU C 611 33.14 30.74 41.00
CA LEU C 611 34.05 31.01 39.88
C LEU C 611 35.47 30.87 40.38
N ALA C 612 35.58 30.47 41.64
CA ALA C 612 36.85 30.28 42.35
C ALA C 612 38.06 29.88 41.50
N GLU C 613 37.93 28.74 40.83
CA GLU C 613 38.99 28.18 40.00
C GLU C 613 39.26 28.86 38.63
N LEU C 614 38.36 29.76 38.19
CA LEU C 614 38.51 30.43 36.89
C LEU C 614 39.45 31.65 36.88
N THR C 615 40.29 31.76 35.85
CA THR C 615 41.20 32.90 35.77
C THR C 615 40.58 34.11 35.07
N PRO C 616 41.20 35.28 35.23
CA PRO C 616 40.68 36.48 34.58
C PRO C 616 40.46 36.24 33.08
N ILE C 617 41.41 35.54 32.47
CA ILE C 617 41.34 35.24 31.05
C ILE C 617 40.15 34.33 30.73
N ASP C 618 39.91 33.34 31.59
CA ASP C 618 38.78 32.44 31.39
C ASP C 618 37.48 33.25 31.34
N LEU C 619 37.38 34.22 32.24
CA LEU C 619 36.18 35.03 32.30
C LEU C 619 36.02 35.96 31.08
N GLU C 620 37.09 36.65 30.70
CA GLU C 620 37.01 37.56 29.56
C GLU C 620 36.62 36.78 28.30
N VAL C 621 37.12 35.56 28.19
CA VAL C 621 36.85 34.74 27.02
C VAL C 621 35.44 34.14 27.01
N LEU C 622 34.88 33.88 28.19
CA LEU C 622 33.51 33.32 28.26
C LEU C 622 32.52 34.45 27.93
N ALA C 623 32.90 35.68 28.25
CA ALA C 623 32.05 36.81 27.95
C ALA C 623 32.27 37.23 26.48
N ASP C 624 33.44 36.93 25.93
CA ASP C 624 33.79 37.32 24.54
C ASP C 624 34.79 36.36 23.90
N PRO C 625 34.31 35.26 23.30
CA PRO C 625 35.17 34.26 22.65
C PRO C 625 36.07 34.84 21.57
N ASN C 626 35.67 36.00 21.05
CA ASN C 626 36.41 36.67 20.01
C ASN C 626 37.82 36.98 20.44
N LYS C 627 38.01 37.21 21.74
CA LYS C 627 39.33 37.50 22.27
C LYS C 627 40.28 36.33 22.06
N LEU C 628 39.69 35.16 21.90
CA LEU C 628 40.44 33.95 21.69
C LEU C 628 40.85 33.95 20.22
N GLN C 629 40.47 35.02 19.52
CA GLN C 629 40.76 35.11 18.10
C GLN C 629 41.72 36.21 17.71
N TYR C 630 42.21 36.97 18.68
CA TYR C 630 43.11 38.05 18.35
C TYR C 630 43.98 38.44 19.55
N LYS C 631 43.56 38.02 20.74
CA LYS C 631 44.31 38.37 21.94
C LYS C 631 45.04 37.19 22.55
N TRP C 632 44.31 36.13 22.85
CA TRP C 632 44.89 34.95 23.46
C TRP C 632 44.77 33.72 22.59
N THR C 633 45.45 32.67 23.03
CA THR C 633 45.44 31.40 22.32
C THR C 633 44.92 30.31 23.27
N GLU C 634 44.49 29.20 22.70
CA GLU C 634 43.96 28.07 23.46
C GLU C 634 44.71 27.74 24.74
N ALA C 635 46.03 27.81 24.68
CA ALA C 635 46.84 27.48 25.84
C ALA C 635 46.68 28.44 27.01
N ASP C 636 46.12 29.62 26.77
CA ASP C 636 45.96 30.57 27.85
C ASP C 636 44.67 30.40 28.63
N VAL C 637 43.84 29.46 28.18
CA VAL C 637 42.55 29.22 28.79
C VAL C 637 42.54 27.90 29.55
N SER C 638 41.94 27.89 30.74
CA SER C 638 41.84 26.65 31.51
C SER C 638 41.24 25.65 30.55
N ALA C 639 41.72 24.41 30.61
CA ALA C 639 41.25 23.37 29.73
C ALA C 639 39.75 23.12 29.81
N ASN C 640 39.19 23.09 31.01
CA ASN C 640 37.76 22.81 31.14
C ASN C 640 36.91 23.93 30.55
N ILE C 641 37.46 25.13 30.49
CA ILE C 641 36.73 26.25 29.92
C ILE C 641 36.88 26.26 28.41
N HIS C 642 38.03 25.82 27.91
CA HIS C 642 38.25 25.77 26.48
C HIS C 642 37.28 24.73 25.87
N GLU C 643 37.03 23.64 26.60
CA GLU C 643 36.10 22.61 26.14
C GLU C 643 34.68 23.16 25.96
N VAL C 644 34.34 24.21 26.70
CA VAL C 644 33.01 24.81 26.60
C VAL C 644 32.77 25.45 25.24
N LEU C 645 33.80 26.09 24.73
CA LEU C 645 33.72 26.81 23.48
C LEU C 645 34.12 26.03 22.21
N MET C 646 34.99 25.04 22.37
CA MET C 646 35.48 24.27 21.23
C MET C 646 35.30 22.77 21.36
N HIS C 647 35.27 22.09 20.22
CA HIS C 647 35.17 20.64 20.18
C HIS C 647 36.28 20.16 19.25
N GLY C 648 36.93 19.06 19.61
CA GLY C 648 38.01 18.58 18.76
C GLY C 648 37.74 17.34 17.93
N VAL C 649 38.59 17.14 16.91
CA VAL C 649 38.53 15.99 16.01
C VAL C 649 39.53 14.99 16.61
N SER C 650 39.32 13.69 16.41
CA SER C 650 40.22 12.67 16.99
C SER C 650 41.70 12.96 16.79
N VAL C 651 42.48 12.76 17.85
CA VAL C 651 43.91 12.99 17.83
C VAL C 651 44.57 12.02 16.86
N GLU C 652 44.05 10.80 16.83
CA GLU C 652 44.60 9.78 15.96
C GLU C 652 44.51 10.19 14.52
N LYS C 653 43.40 10.82 14.17
CA LYS C 653 43.23 11.22 12.78
C LYS C 653 44.08 12.39 12.33
N THR C 654 44.26 13.40 13.18
CA THR C 654 45.07 14.54 12.75
C THR C 654 46.53 14.11 12.73
N GLU C 655 46.87 13.21 13.67
CA GLU C 655 48.22 12.69 13.79
C GLU C 655 48.62 11.98 12.51
N ARG C 656 47.70 11.16 12.02
CA ARG C 656 47.92 10.44 10.77
C ARG C 656 48.03 11.43 9.61
N PHE C 657 47.19 12.45 9.64
CA PHE C 657 47.17 13.48 8.60
C PHE C 657 48.49 14.22 8.60
N LEU C 658 48.89 14.73 9.77
CA LEU C 658 50.14 15.47 9.88
C LEU C 658 51.36 14.70 9.41
N ARG C 659 51.42 13.43 9.78
CA ARG C 659 52.52 12.57 9.40
C ARG C 659 52.69 12.56 7.89
N SER C 660 51.60 12.53 7.15
CA SER C 660 51.66 12.52 5.69
C SER C 660 51.93 13.91 5.08
N VAL C 661 51.85 14.95 5.89
CA VAL C 661 52.08 16.30 5.37
C VAL C 661 53.49 16.78 5.59
N MET C 662 53.97 16.66 6.81
CA MET C 662 55.28 17.11 7.15
C MET C 662 56.44 16.36 6.54
N PRO C 663 57.62 17.00 6.52
CA PRO C 663 58.86 16.45 5.99
C PRO C 663 59.20 15.07 6.54
N ARG C 664 59.54 14.18 5.61
CA ARG C 664 59.90 12.81 5.96
C ARG C 664 61.16 12.78 6.82
MN MN G . 8.97 -0.19 -4.13
MN MN H . -51.13 -41.47 -11.37
MN MN I . 50.23 48.89 19.11
#